data_7YN1
#
_entry.id   7YN1
#
_cell.length_a   52.683
_cell.length_b   90.932
_cell.length_c   98.563
_cell.angle_alpha   90.273
_cell.angle_beta   103.671
_cell.angle_gamma   90.194
#
_symmetry.space_group_name_H-M   'P 1'
#
loop_
_entity.id
_entity.type
_entity.pdbx_description
1 polymer CcbD
2 water water
#
_entity_poly.entity_id   1
_entity_poly.type   'polypeptide(L)'
_entity_poly.pdbx_seq_one_letter_code
;(MSE)AQSKGSVDQTLHAPHCEVGCAANVARRVGVDLARQVIGAHWASR(MSE)LVREVGTFPQPLLDRTQVTFSAQGEG
WPALLAR(MSE)TGGEVTSRHVPREELLSTLHADRAEGGTLLF(MSE)EDRACPWLDSAHSPG(MSE)LPHVVVPDGVAP
DGSWQLIEGHSWWRGRYA(MSE)SEQDLLAASYPDPDPHHVAGRVLSLRIRPSAERAAQLDTLARQELAAGLRTYLAAEC
GETETPAGRIVWANGPQSVPLLVERLRGWDYLCPLAARNDLSTEHARDVALGRYLFLALTDELAFAAYARAGTLRLVEGL
GLAGAVGGLRPDEAWRLAWRSGQKLYRRLDRQNLSALFSALEKAAEVDVEYARRLLKELKLAAALEHHHHHHHH
;
_entity_poly.pdbx_strand_id   A,B,C,D
#
# COMPACT_ATOMS: atom_id res chain seq x y z
N GLN A 10 9.83 -21.82 28.55
CA GLN A 10 11.20 -21.74 29.04
C GLN A 10 11.77 -20.33 28.90
N THR A 11 11.35 -19.64 27.84
CA THR A 11 11.80 -18.27 27.57
C THR A 11 10.75 -17.28 28.05
N LEU A 12 11.19 -16.29 28.84
CA LEU A 12 10.27 -15.31 29.40
C LEU A 12 9.78 -14.35 28.31
N HIS A 13 8.65 -13.71 28.59
CA HIS A 13 8.01 -12.84 27.62
C HIS A 13 7.06 -11.89 28.33
N ALA A 14 6.59 -10.89 27.59
CA ALA A 14 5.71 -9.85 28.12
C ALA A 14 4.98 -9.20 26.96
N PRO A 15 3.86 -8.53 27.22
CA PRO A 15 3.16 -7.83 26.12
C PRO A 15 3.99 -6.74 25.46
N HIS A 16 4.90 -6.11 26.20
CA HIS A 16 5.83 -5.15 25.64
C HIS A 16 7.17 -5.85 25.42
N CYS A 17 7.67 -5.78 24.18
CA CYS A 17 8.85 -6.57 23.80
C CYS A 17 10.06 -6.19 24.63
N GLU A 18 10.24 -4.90 24.91
CA GLU A 18 11.39 -4.46 25.71
C GLU A 18 11.27 -4.95 27.15
N VAL A 19 10.05 -5.19 27.63
CA VAL A 19 9.88 -5.69 28.99
C VAL A 19 10.17 -7.18 29.07
N GLY A 20 9.69 -7.94 28.09
CA GLY A 20 10.03 -9.36 28.04
C GLY A 20 11.51 -9.61 27.84
N CYS A 21 12.18 -8.71 27.12
CA CYS A 21 13.62 -8.82 26.94
C CYS A 21 14.36 -8.61 28.25
N ALA A 22 13.91 -7.63 29.04
CA ALA A 22 14.54 -7.38 30.33
C ALA A 22 14.30 -8.51 31.32
N ALA A 23 13.13 -9.16 31.22
CA ALA A 23 12.84 -10.28 32.12
C ALA A 23 13.80 -11.44 31.89
N ASN A 24 14.16 -11.69 30.63
CA ASN A 24 15.12 -12.74 30.34
C ASN A 24 16.51 -12.40 30.87
N VAL A 25 16.92 -11.14 30.72
CA VAL A 25 18.22 -10.71 31.21
C VAL A 25 18.25 -10.75 32.74
N ALA A 26 17.13 -10.38 33.38
CA ALA A 26 17.07 -10.39 34.83
C ALA A 26 17.17 -11.80 35.39
N ARG A 27 16.66 -12.81 34.67
CA ARG A 27 16.78 -14.18 35.12
C ARG A 27 18.22 -14.66 35.11
N ARG A 28 19.05 -14.09 34.23
CA ARG A 28 20.46 -14.45 34.20
C ARG A 28 21.16 -14.16 35.52
N VAL A 29 20.77 -13.08 36.20
CA VAL A 29 21.42 -12.63 37.42
C VAL A 29 20.58 -12.95 38.66
N GLY A 30 19.57 -13.81 38.53
CA GLY A 30 18.80 -14.24 39.68
C GLY A 30 17.73 -13.29 40.14
N VAL A 31 17.32 -12.33 39.32
CA VAL A 31 16.30 -11.35 39.67
C VAL A 31 15.03 -11.68 38.90
N ASP A 32 13.92 -11.83 39.61
CA ASP A 32 12.61 -12.05 39.01
C ASP A 32 12.03 -10.68 38.66
N LEU A 33 11.99 -10.35 37.38
CA LEU A 33 11.56 -9.01 36.96
C LEU A 33 10.07 -8.81 37.19
N ALA A 34 9.25 -9.79 36.78
CA ALA A 34 7.81 -9.63 36.88
C ALA A 34 7.34 -9.61 38.32
N ARG A 35 7.94 -10.44 39.18
CA ARG A 35 7.51 -10.51 40.57
C ARG A 35 8.14 -9.41 41.42
N GLN A 36 9.46 -9.23 41.32
CA GLN A 36 10.17 -8.37 42.25
C GLN A 36 10.28 -6.93 41.76
N VAL A 37 10.47 -6.71 40.45
CA VAL A 37 10.72 -5.36 39.95
C VAL A 37 9.44 -4.71 39.48
N ILE A 38 8.75 -5.35 38.53
CA ILE A 38 7.53 -4.76 37.99
C ILE A 38 6.37 -4.93 38.96
N GLY A 39 6.22 -6.13 39.53
CA GLY A 39 5.14 -6.38 40.48
C GLY A 39 5.23 -5.55 41.74
N ALA A 40 6.38 -4.96 42.03
CA ALA A 40 6.56 -4.13 43.21
C ALA A 40 6.33 -2.65 42.93
N HIS A 41 5.96 -2.28 41.71
CA HIS A 41 5.72 -0.89 41.36
C HIS A 41 4.24 -0.73 41.00
N TRP A 42 3.42 -0.49 42.01
CA TRP A 42 2.01 -0.19 41.78
C TRP A 42 1.89 1.18 41.14
N ALA A 43 1.23 1.23 39.97
CA ALA A 43 1.14 2.47 39.23
C ALA A 43 -0.12 2.45 38.36
N SER A 44 -0.73 3.62 38.20
CA SER A 44 -1.88 3.79 37.33
C SER A 44 -1.92 5.25 36.91
N ARG A 45 -1.81 5.52 35.62
CA ARG A 45 -1.64 6.89 35.14
C ARG A 45 -2.26 7.03 33.75
N MSE A 46 -3.04 8.09 33.56
CA MSE A 46 -3.53 8.44 32.24
C MSE A 46 -2.71 9.59 31.67
O MSE A 46 -2.34 10.53 32.39
CB MSE A 46 -5.03 8.81 32.30
CG MSE A 46 -5.34 10.13 33.01
SE MSE A 46 -5.57 11.62 31.78
CE MSE A 46 -6.99 10.90 30.67
N LEU A 47 -2.38 9.51 30.38
CA LEU A 47 -1.54 10.50 29.72
C LEU A 47 -2.26 11.04 28.50
N VAL A 48 -2.19 12.36 28.31
CA VAL A 48 -2.86 13.04 27.21
C VAL A 48 -1.87 13.99 26.55
N ARG A 49 -1.78 13.91 25.23
CA ARG A 49 -1.03 14.87 24.42
C ARG A 49 -2.03 15.72 23.64
N GLU A 50 -2.01 17.02 23.88
CA GLU A 50 -2.98 17.92 23.26
C GLU A 50 -2.31 19.24 22.92
N VAL A 51 -3.12 20.19 22.46
CA VAL A 51 -2.61 21.49 22.02
C VAL A 51 -2.20 22.31 23.23
N GLY A 52 -0.97 22.82 23.20
CA GLY A 52 -0.49 23.73 24.23
C GLY A 52 -0.17 25.09 23.65
N THR A 53 0.95 25.66 24.07
CA THR A 53 1.37 26.96 23.56
C THR A 53 1.96 26.82 22.16
N PHE A 54 1.50 27.65 21.24
CA PHE A 54 2.03 27.64 19.89
C PHE A 54 3.45 28.18 19.87
N PRO A 55 4.34 27.65 19.03
CA PRO A 55 4.05 26.54 18.11
C PRO A 55 4.48 25.18 18.67
N GLN A 56 3.86 24.12 18.18
CA GLN A 56 4.21 22.75 18.57
C GLN A 56 4.27 21.90 17.31
N PRO A 57 5.42 21.88 16.63
CA PRO A 57 5.47 21.25 15.31
C PRO A 57 5.36 19.73 15.34
N LEU A 58 5.77 19.09 16.43
CA LEU A 58 5.68 17.64 16.55
C LEU A 58 4.32 17.16 17.04
N LEU A 59 3.39 18.07 17.30
CA LEU A 59 2.04 17.69 17.72
C LEU A 59 1.22 17.41 16.47
N ASP A 60 1.04 16.12 16.18
CA ASP A 60 0.29 15.71 15.00
C ASP A 60 -1.18 15.47 15.27
N ARG A 61 -1.54 15.09 16.50
CA ARG A 61 -2.91 14.74 16.82
C ARG A 61 -3.09 14.76 18.33
N THR A 62 -4.34 14.96 18.75
CA THR A 62 -4.69 14.77 20.15
C THR A 62 -4.68 13.27 20.45
N GLN A 63 -3.96 12.89 21.50
CA GLN A 63 -3.72 11.49 21.80
C GLN A 63 -3.83 11.24 23.29
N VAL A 64 -4.51 10.16 23.66
CA VAL A 64 -4.72 9.76 25.04
C VAL A 64 -4.36 8.30 25.19
N THR A 65 -3.66 7.96 26.28
CA THR A 65 -3.26 6.59 26.54
C THR A 65 -3.19 6.36 28.05
N PHE A 66 -2.93 5.11 28.42
CA PHE A 66 -2.85 4.70 29.81
C PHE A 66 -1.51 4.00 30.04
N SER A 67 -1.02 4.04 31.27
CA SER A 67 0.25 3.41 31.60
C SER A 67 0.24 2.97 33.06
N ALA A 68 0.50 1.69 33.28
CA ALA A 68 0.69 1.15 34.62
C ALA A 68 2.17 0.91 34.93
N GLN A 69 3.08 1.46 34.11
CA GLN A 69 4.51 1.25 34.32
C GLN A 69 5.09 2.21 35.35
N GLY A 70 4.53 3.42 35.45
CA GLY A 70 5.03 4.38 36.43
C GLY A 70 6.45 4.81 36.09
N GLU A 71 7.35 4.64 37.07
CA GLU A 71 8.75 4.99 36.85
C GLU A 71 9.38 4.11 35.78
N GLY A 72 8.92 2.87 35.65
CA GLY A 72 9.46 1.96 34.65
C GLY A 72 10.52 1.04 35.24
N TRP A 73 10.73 -0.08 34.55
CA TRP A 73 11.70 -1.07 34.99
C TRP A 73 13.16 -0.60 34.95
N PRO A 74 13.60 0.24 33.99
CA PRO A 74 15.03 0.62 34.00
C PRO A 74 15.44 1.33 35.28
N ALA A 75 14.60 2.19 35.82
CA ALA A 75 14.93 2.87 37.08
C ALA A 75 14.90 1.89 38.25
N LEU A 76 13.84 1.07 38.33
CA LEU A 76 13.69 0.17 39.47
C LEU A 76 14.71 -0.96 39.42
N LEU A 77 14.99 -1.49 38.22
CA LEU A 77 15.98 -2.56 38.12
C LEU A 77 17.36 -2.06 38.54
N ALA A 78 17.70 -0.82 38.18
CA ALA A 78 18.99 -0.26 38.60
C ALA A 78 19.01 0.01 40.09
N ARG A 79 17.88 0.47 40.65
CA ARG A 79 17.77 0.75 42.07
C ARG A 79 18.08 -0.49 42.91
N MSE A 80 17.24 -1.51 42.76
CA MSE A 80 17.30 -2.69 43.63
C MSE A 80 18.57 -3.52 43.45
O MSE A 80 19.12 -4.03 44.42
CB MSE A 80 16.07 -3.55 43.39
CG MSE A 80 14.76 -2.82 43.64
SE MSE A 80 13.31 -3.53 42.56
CE MSE A 80 13.07 -5.20 43.51
N THR A 81 19.03 -3.66 42.20
CA THR A 81 20.23 -4.44 41.95
C THR A 81 21.51 -3.68 42.27
N GLY A 82 21.46 -2.35 42.29
CA GLY A 82 22.64 -1.55 42.49
C GLY A 82 23.50 -1.36 41.25
N GLY A 83 23.02 -1.79 40.08
CA GLY A 83 23.74 -1.66 38.84
C GLY A 83 23.28 -0.47 38.03
N GLU A 84 23.32 -0.62 36.70
CA GLU A 84 22.98 0.47 35.81
C GLU A 84 22.39 -0.09 34.52
N VAL A 85 21.46 0.67 33.95
CA VAL A 85 20.87 0.38 32.64
C VAL A 85 21.16 1.59 31.78
N THR A 86 22.14 1.48 30.89
CA THR A 86 22.60 2.61 30.09
C THR A 86 22.34 2.37 28.61
N SER A 87 21.98 3.43 27.91
CA SER A 87 21.82 3.42 26.46
C SER A 87 23.07 3.99 25.82
N ARG A 88 23.44 3.45 24.67
CA ARG A 88 24.71 3.80 24.05
C ARG A 88 24.72 3.37 22.60
N HIS A 89 25.33 4.20 21.75
CA HIS A 89 25.60 3.84 20.36
C HIS A 89 27.01 3.30 20.25
N VAL A 90 27.17 2.20 19.51
CA VAL A 90 28.43 1.47 19.43
C VAL A 90 28.86 1.40 17.98
N PRO A 91 30.11 1.71 17.64
CA PRO A 91 30.58 1.53 16.27
C PRO A 91 30.55 0.06 15.86
N ARG A 92 30.58 -0.16 14.55
CA ARG A 92 30.37 -1.51 14.01
C ARG A 92 31.46 -2.48 14.45
N GLU A 93 32.68 -1.99 14.67
CA GLU A 93 33.80 -2.85 15.04
C GLU A 93 33.88 -3.13 16.53
N GLU A 94 32.97 -2.56 17.33
CA GLU A 94 32.92 -2.82 18.76
C GLU A 94 31.63 -3.49 19.21
N LEU A 95 30.72 -3.79 18.29
CA LEU A 95 29.40 -4.30 18.68
C LEU A 95 29.49 -5.72 19.22
N LEU A 96 30.21 -6.60 18.52
CA LEU A 96 30.29 -8.00 18.94
C LEU A 96 30.92 -8.12 20.33
N SER A 97 32.07 -7.47 20.52
CA SER A 97 32.73 -7.51 21.83
C SER A 97 31.87 -6.87 22.91
N THR A 98 31.07 -5.86 22.54
CA THR A 98 30.15 -5.27 23.51
C THR A 98 29.06 -6.26 23.90
N LEU A 99 28.57 -7.04 22.94
CA LEU A 99 27.55 -8.05 23.24
C LEU A 99 28.11 -9.15 24.13
N HIS A 100 29.39 -9.50 23.92
CA HIS A 100 30.01 -10.55 24.73
C HIS A 100 30.34 -10.05 26.13
N ALA A 101 30.86 -8.84 26.24
CA ALA A 101 31.28 -8.29 27.53
C ALA A 101 30.08 -7.98 28.44
N ASP A 102 28.92 -7.70 27.87
CA ASP A 102 27.75 -7.38 28.69
C ASP A 102 27.11 -8.61 29.31
N ARG A 103 27.32 -9.79 28.74
CA ARG A 103 26.66 -11.00 29.24
C ARG A 103 27.13 -11.40 30.63
N ALA A 104 28.31 -10.96 31.05
CA ALA A 104 28.82 -11.35 32.36
C ALA A 104 28.04 -10.69 33.49
N GLU A 105 27.67 -9.42 33.33
CA GLU A 105 26.96 -8.67 34.36
C GLU A 105 25.48 -8.51 34.05
N GLY A 106 24.98 -9.17 33.01
CA GLY A 106 23.58 -9.08 32.67
C GLY A 106 23.29 -9.41 31.22
N GLY A 107 23.26 -8.38 30.38
CA GLY A 107 22.98 -8.60 28.97
C GLY A 107 22.78 -7.27 28.26
N THR A 108 22.30 -7.37 27.02
CA THR A 108 22.12 -6.21 26.16
C THR A 108 20.76 -6.26 25.50
N LEU A 109 20.08 -5.11 25.49
CA LEU A 109 18.87 -4.93 24.69
C LEU A 109 19.30 -4.28 23.37
N LEU A 110 19.30 -5.07 22.30
CA LEU A 110 19.79 -4.62 21.00
C LEU A 110 18.61 -4.10 20.17
N PHE A 111 18.66 -2.82 19.80
CA PHE A 111 17.59 -2.24 19.01
C PHE A 111 17.66 -2.70 17.56
N MSE A 112 16.49 -2.84 16.94
CA MSE A 112 16.42 -3.47 15.63
C MSE A 112 15.21 -2.99 14.83
O MSE A 112 14.14 -2.71 15.38
CB MSE A 112 16.34 -4.99 15.80
CG MSE A 112 16.84 -5.77 14.60
SE MSE A 112 17.96 -7.29 15.14
CE MSE A 112 19.67 -6.37 15.23
N GLU A 113 15.38 -2.89 13.51
CA GLU A 113 14.25 -2.66 12.63
C GLU A 113 13.40 -3.92 12.53
N ASP A 114 12.11 -3.73 12.25
CA ASP A 114 11.21 -4.87 12.10
C ASP A 114 11.63 -5.74 10.93
N ARG A 115 11.99 -5.12 9.81
CA ARG A 115 12.43 -5.85 8.63
C ARG A 115 13.76 -6.57 8.84
N ALA A 116 14.49 -6.24 9.91
CA ALA A 116 15.71 -6.96 10.24
C ALA A 116 15.46 -8.25 11.00
N CYS A 117 14.25 -8.44 11.54
CA CYS A 117 13.88 -9.65 12.25
C CYS A 117 12.97 -10.49 11.37
N PRO A 118 13.48 -11.55 10.73
CA PRO A 118 12.65 -12.29 9.77
C PRO A 118 11.42 -12.92 10.37
N TRP A 119 11.44 -13.26 11.67
CA TRP A 119 10.28 -13.92 12.28
C TRP A 119 9.09 -12.99 12.44
N LEU A 120 9.27 -11.68 12.26
CA LEU A 120 8.18 -10.73 12.37
C LEU A 120 7.33 -10.65 11.10
N ASP A 121 7.83 -11.16 9.98
CA ASP A 121 7.14 -11.08 8.69
C ASP A 121 6.80 -9.62 8.35
N SER A 122 7.79 -8.76 8.50
CA SER A 122 7.65 -7.32 8.26
C SER A 122 8.80 -6.80 7.41
N ALA A 123 9.16 -7.54 6.37
CA ALA A 123 10.25 -7.11 5.50
C ALA A 123 9.90 -5.85 4.70
N HIS A 124 8.62 -5.49 4.64
CA HIS A 124 8.17 -4.34 3.87
C HIS A 124 8.34 -3.01 4.60
N SER A 125 8.60 -3.03 5.90
CA SER A 125 8.56 -1.81 6.69
C SER A 125 9.52 -1.93 7.86
N PRO A 126 10.12 -0.81 8.29
CA PRO A 126 10.93 -0.83 9.52
C PRO A 126 10.12 -0.78 10.79
N GLY A 127 8.79 -0.72 10.69
CA GLY A 127 7.93 -0.57 11.85
C GLY A 127 7.74 0.88 12.25
N MSE A 128 6.67 1.11 13.00
CA MSE A 128 6.39 2.46 13.52
C MSE A 128 7.43 2.83 14.56
O MSE A 128 7.78 4.00 14.72
CB MSE A 128 4.98 2.52 14.10
CG MSE A 128 3.88 2.20 13.10
SE MSE A 128 3.74 3.50 11.65
CE MSE A 128 4.95 2.73 10.33
N LEU A 129 7.90 1.82 15.28
CA LEU A 129 8.95 1.98 16.28
C LEU A 129 9.94 0.84 16.12
N PRO A 130 11.17 1.03 16.57
CA PRO A 130 12.16 -0.05 16.47
C PRO A 130 11.81 -1.22 17.38
N HIS A 131 12.36 -2.37 17.02
CA HIS A 131 12.20 -3.59 17.80
C HIS A 131 13.43 -3.84 18.66
N VAL A 132 13.26 -4.69 19.67
CA VAL A 132 14.31 -4.99 20.63
C VAL A 132 14.47 -6.49 20.75
N VAL A 133 15.72 -6.97 20.73
CA VAL A 133 16.04 -8.37 20.96
C VAL A 133 17.17 -8.45 21.99
N VAL A 134 17.36 -9.65 22.52
CA VAL A 134 18.45 -9.91 23.47
C VAL A 134 19.40 -10.92 22.86
N PRO A 135 20.63 -10.52 22.53
CA PRO A 135 21.62 -11.51 22.08
C PRO A 135 21.93 -12.49 23.21
N ASP A 136 22.06 -13.77 22.85
CA ASP A 136 22.27 -14.84 23.83
C ASP A 136 23.49 -15.68 23.45
N GLY A 137 24.55 -15.04 23.00
CA GLY A 137 25.80 -15.72 22.73
C GLY A 137 25.84 -16.40 21.38
N VAL A 138 27.04 -16.86 21.02
CA VAL A 138 27.30 -17.51 19.74
C VAL A 138 27.09 -19.01 19.89
N ALA A 139 26.46 -19.61 18.90
CA ALA A 139 26.27 -21.05 18.87
C ALA A 139 27.54 -21.73 18.33
N PRO A 140 27.74 -23.01 18.62
CA PRO A 140 28.95 -23.70 18.14
C PRO A 140 29.15 -23.62 16.64
N ASP A 141 28.07 -23.54 15.86
CA ASP A 141 28.19 -23.43 14.41
C ASP A 141 28.52 -22.01 13.94
N GLY A 142 28.63 -21.05 14.86
CA GLY A 142 28.99 -19.69 14.52
C GLY A 142 27.85 -18.70 14.46
N SER A 143 26.61 -19.18 14.44
CA SER A 143 25.47 -18.28 14.37
C SER A 143 25.13 -17.73 15.76
N TRP A 144 24.40 -16.62 15.77
CA TRP A 144 24.01 -15.95 17.00
C TRP A 144 22.59 -16.34 17.38
N GLN A 145 22.34 -16.47 18.67
CA GLN A 145 21.01 -16.71 19.21
C GLN A 145 20.42 -15.39 19.69
N LEU A 146 19.22 -15.07 19.21
CA LEU A 146 18.51 -13.87 19.62
C LEU A 146 17.22 -14.26 20.30
N ILE A 147 17.00 -13.71 21.50
CA ILE A 147 15.79 -13.99 22.26
C ILE A 147 14.75 -12.91 21.94
N GLU A 148 13.58 -13.35 21.51
CA GLU A 148 12.45 -12.45 21.30
C GLU A 148 11.61 -12.42 22.58
N GLY A 149 11.43 -11.23 23.14
CA GLY A 149 10.72 -11.04 24.38
C GLY A 149 9.23 -10.76 24.27
N HIS A 150 8.71 -10.56 23.06
CA HIS A 150 7.29 -10.29 22.90
C HIS A 150 6.50 -11.60 22.91
N SER A 151 5.34 -11.58 23.56
CA SER A 151 4.63 -12.82 23.85
C SER A 151 4.17 -13.53 22.58
N TRP A 152 3.78 -12.77 21.55
CA TRP A 152 3.25 -13.38 20.34
C TRP A 152 4.34 -14.01 19.48
N TRP A 153 5.60 -13.56 19.62
CA TRP A 153 6.72 -14.12 18.87
C TRP A 153 7.77 -14.73 19.79
N ARG A 154 7.42 -15.01 21.05
CA ARG A 154 8.39 -15.45 22.03
C ARG A 154 9.15 -16.69 21.55
N GLY A 155 10.45 -16.71 21.81
CA GLY A 155 11.30 -17.80 21.39
C GLY A 155 12.72 -17.34 21.17
N ARG A 156 13.48 -18.20 20.52
CA ARG A 156 14.90 -17.95 20.24
C ARG A 156 15.14 -18.19 18.76
N TYR A 157 15.83 -17.24 18.11
CA TYR A 157 16.04 -17.31 16.67
C TYR A 157 17.53 -17.24 16.36
N ALA A 158 17.92 -17.92 15.29
CA ALA A 158 19.31 -17.99 14.87
C ALA A 158 19.56 -16.97 13.77
N MSE A 159 20.61 -16.17 13.95
CA MSE A 159 21.03 -15.22 12.93
C MSE A 159 22.52 -15.36 12.67
O MSE A 159 23.30 -15.52 13.61
CB MSE A 159 20.69 -13.79 13.36
CG MSE A 159 20.74 -12.78 12.21
SE MSE A 159 19.90 -11.07 12.63
CE MSE A 159 18.04 -11.67 12.79
N SER A 160 22.91 -15.28 11.41
CA SER A 160 24.33 -15.28 11.07
C SER A 160 24.97 -13.99 11.53
N GLU A 161 26.27 -14.06 11.83
CA GLU A 161 27.00 -12.88 12.27
C GLU A 161 26.98 -11.79 11.21
N GLN A 162 26.99 -12.18 9.92
CA GLN A 162 26.90 -11.20 8.85
C GLN A 162 25.56 -10.48 8.85
N ASP A 163 24.48 -11.23 9.08
CA ASP A 163 23.16 -10.61 9.14
C ASP A 163 22.99 -9.77 10.41
N LEU A 164 23.64 -10.17 11.50
CA LEU A 164 23.55 -9.40 12.74
C LEU A 164 24.15 -8.01 12.56
N LEU A 165 25.33 -7.92 11.97
CA LEU A 165 25.97 -6.62 11.79
C LEU A 165 25.25 -5.77 10.77
N ALA A 166 24.68 -6.39 9.73
CA ALA A 166 23.90 -5.63 8.75
C ALA A 166 22.59 -5.14 9.34
N ALA A 167 22.00 -5.90 10.25
CA ALA A 167 20.73 -5.49 10.86
C ALA A 167 20.93 -4.33 11.84
N SER A 168 22.03 -4.34 12.58
CA SER A 168 22.28 -3.32 13.59
C SER A 168 22.73 -2.00 13.00
N TYR A 169 23.11 -1.94 11.73
CA TYR A 169 23.56 -0.71 11.09
C TYR A 169 22.87 -0.57 9.73
N PRO A 170 21.58 -0.30 9.73
CA PRO A 170 20.86 -0.15 8.45
C PRO A 170 21.04 1.24 7.86
N ASP A 171 21.00 1.29 6.53
CA ASP A 171 21.07 2.54 5.80
C ASP A 171 20.01 2.51 4.71
N PRO A 172 19.02 3.43 4.73
CA PRO A 172 18.87 4.50 5.72
C PRO A 172 18.40 4.01 7.09
N ASP A 173 18.28 4.93 8.04
CA ASP A 173 18.06 4.58 9.44
C ASP A 173 17.00 5.50 10.02
N PRO A 174 15.71 5.22 9.71
CA PRO A 174 14.64 6.13 10.17
C PRO A 174 14.50 6.18 11.68
N HIS A 175 14.64 5.05 12.38
CA HIS A 175 14.50 5.02 13.83
C HIS A 175 15.78 5.42 14.55
N HIS A 176 16.89 5.58 13.83
CA HIS A 176 18.20 5.85 14.41
C HIS A 176 18.55 4.83 15.49
N VAL A 177 18.65 3.57 15.04
CA VAL A 177 19.03 2.46 15.89
C VAL A 177 20.38 1.87 15.48
N ALA A 178 21.14 2.60 14.67
CA ALA A 178 22.45 2.14 14.21
C ALA A 178 23.38 1.87 15.39
N GLY A 179 23.60 0.60 15.71
CA GLY A 179 24.46 0.24 16.82
C GLY A 179 23.97 0.72 18.16
N ARG A 180 22.66 0.91 18.32
CA ARG A 180 22.12 1.35 19.59
C ARG A 180 21.89 0.15 20.49
N VAL A 181 22.44 0.20 21.70
CA VAL A 181 22.32 -0.88 22.67
C VAL A 181 21.93 -0.31 24.02
N LEU A 182 21.15 -1.09 24.76
CA LEU A 182 20.79 -0.78 26.15
C LEU A 182 21.50 -1.81 27.01
N SER A 183 22.60 -1.39 27.65
CA SER A 183 23.42 -2.29 28.44
C SER A 183 22.81 -2.46 29.83
N LEU A 184 22.70 -3.71 30.27
CA LEU A 184 22.12 -4.05 31.57
C LEU A 184 23.21 -4.69 32.42
N ARG A 185 23.94 -3.86 33.16
CA ARG A 185 24.90 -4.34 34.16
C ARG A 185 24.17 -4.39 35.49
N ILE A 186 23.54 -5.53 35.77
CA ILE A 186 22.58 -5.63 36.86
C ILE A 186 22.88 -6.81 37.78
N ARG A 187 24.05 -7.40 37.65
CA ARG A 187 24.40 -8.53 38.50
C ARG A 187 24.51 -8.09 39.95
N PRO A 188 23.66 -8.60 40.85
CA PRO A 188 23.71 -8.16 42.24
C PRO A 188 24.83 -8.84 43.02
N SER A 189 25.37 -8.11 43.98
CA SER A 189 26.36 -8.68 44.88
C SER A 189 25.71 -9.74 45.77
N ALA A 190 26.55 -10.54 46.42
CA ALA A 190 26.05 -11.62 47.26
C ALA A 190 25.20 -11.10 48.41
N GLU A 191 25.66 -10.03 49.07
CA GLU A 191 24.89 -9.46 50.17
C GLU A 191 23.60 -8.83 49.67
N ARG A 192 23.65 -8.19 48.50
CA ARG A 192 22.46 -7.53 47.97
C ARG A 192 21.40 -8.52 47.52
N ALA A 193 21.81 -9.69 47.03
CA ALA A 193 20.86 -10.68 46.55
C ALA A 193 19.92 -11.15 47.66
N ALA A 194 20.38 -11.12 48.91
CA ALA A 194 19.53 -11.48 50.03
C ALA A 194 18.57 -10.36 50.43
N GLN A 195 18.73 -9.17 49.87
CA GLN A 195 17.90 -8.02 50.21
C GLN A 195 16.79 -7.77 49.20
N LEU A 196 16.69 -8.58 48.14
CA LEU A 196 15.79 -8.29 47.04
C LEU A 196 14.34 -8.26 47.50
N ASP A 197 13.89 -9.32 48.18
CA ASP A 197 12.51 -9.35 48.66
C ASP A 197 12.28 -8.32 49.77
N THR A 198 13.33 -7.97 50.51
CA THR A 198 13.21 -6.88 51.47
C THR A 198 13.04 -5.55 50.76
N LEU A 199 13.84 -5.31 49.71
CA LEU A 199 13.70 -4.08 48.95
C LEU A 199 12.41 -4.08 48.12
N ALA A 200 11.96 -5.25 47.66
CA ALA A 200 10.71 -5.31 46.92
C ALA A 200 9.52 -4.91 47.78
N ARG A 201 9.56 -5.23 49.07
CA ARG A 201 8.49 -4.80 49.96
C ARG A 201 8.52 -3.28 50.16
N GLN A 202 9.71 -2.69 50.22
CA GLN A 202 9.82 -1.24 50.32
C GLN A 202 9.27 -0.56 49.08
N GLU A 203 9.66 -1.05 47.90
CA GLU A 203 9.18 -0.46 46.65
C GLU A 203 7.68 -0.63 46.49
N LEU A 204 7.13 -1.74 46.99
CA LEU A 204 5.69 -1.95 46.88
C LEU A 204 4.92 -0.95 47.74
N ALA A 205 5.42 -0.66 48.93
CA ALA A 205 4.77 0.32 49.80
C ALA A 205 4.90 1.72 49.22
N ALA A 206 6.08 2.07 48.71
CA ALA A 206 6.29 3.40 48.13
C ALA A 206 5.42 3.59 46.89
N GLY A 207 5.25 2.55 46.10
CA GLY A 207 4.41 2.67 44.92
C GLY A 207 2.94 2.85 45.26
N LEU A 208 2.47 2.13 46.29
CA LEU A 208 1.08 2.28 46.71
C LEU A 208 0.83 3.67 47.28
N ARG A 209 1.82 4.24 47.98
CA ARG A 209 1.68 5.59 48.49
C ARG A 209 1.60 6.60 47.35
N THR A 210 2.46 6.45 46.34
CA THR A 210 2.42 7.32 45.17
C THR A 210 1.07 7.21 44.46
N TYR A 211 0.56 5.97 44.33
CA TYR A 211 -0.74 5.77 43.69
C TYR A 211 -1.87 6.43 44.45
N LEU A 212 -1.77 6.50 45.78
CA LEU A 212 -2.82 7.12 46.57
C LEU A 212 -2.63 8.62 46.73
N ALA A 213 -1.42 9.14 46.47
CA ALA A 213 -1.24 10.58 46.45
C ALA A 213 -1.97 11.20 45.26
N ALA A 214 -2.01 10.48 44.14
CA ALA A 214 -2.80 10.86 42.96
C ALA A 214 -2.45 12.26 42.47
N GLU A 215 -1.15 12.47 42.23
CA GLU A 215 -0.68 13.75 41.71
C GLU A 215 -0.99 13.87 40.23
N CYS A 216 -1.04 15.10 39.76
CA CYS A 216 -1.22 15.40 38.34
C CYS A 216 -0.21 16.46 37.95
N GLY A 217 0.18 16.45 36.67
CA GLY A 217 1.22 17.33 36.20
C GLY A 217 0.98 17.80 34.78
N GLU A 218 1.59 18.94 34.47
CA GLU A 218 1.54 19.55 33.16
C GLU A 218 2.94 19.89 32.70
N THR A 219 3.23 19.65 31.43
CA THR A 219 4.48 20.09 30.81
C THR A 219 4.19 20.54 29.40
N GLU A 220 4.87 21.61 28.98
CA GLU A 220 4.76 22.12 27.62
C GLU A 220 5.97 21.66 26.82
N THR A 221 5.71 21.28 25.57
CA THR A 221 6.64 20.45 24.84
C THR A 221 6.44 20.66 23.35
N PRO A 222 7.51 20.66 22.56
CA PRO A 222 7.37 20.83 21.10
C PRO A 222 6.45 19.81 20.45
N ALA A 223 6.15 18.70 21.12
CA ALA A 223 5.21 17.70 20.63
C ALA A 223 3.82 17.87 21.21
N GLY A 224 3.54 18.98 21.88
CA GLY A 224 2.24 19.25 22.46
C GLY A 224 2.31 19.34 23.98
N ARG A 225 1.17 19.69 24.56
CA ARG A 225 1.05 19.73 26.01
C ARG A 225 0.80 18.32 26.55
N ILE A 226 1.65 17.87 27.45
CA ILE A 226 1.55 16.54 28.04
C ILE A 226 1.00 16.69 29.46
N VAL A 227 -0.20 16.16 29.68
CA VAL A 227 -0.81 16.15 31.00
C VAL A 227 -0.95 14.70 31.46
N TRP A 228 -0.72 14.48 32.75
CA TRP A 228 -0.82 13.14 33.33
C TRP A 228 -1.54 13.24 34.66
N ALA A 229 -2.08 12.10 35.10
CA ALA A 229 -2.82 12.04 36.35
C ALA A 229 -2.65 10.65 36.95
N ASN A 230 -2.14 10.60 38.18
CA ASN A 230 -1.98 9.34 38.90
C ASN A 230 -3.20 9.06 39.75
N GLY A 231 -3.26 7.85 40.30
CA GLY A 231 -4.23 7.53 41.31
C GLY A 231 -5.43 6.76 40.82
N PRO A 232 -6.39 6.52 41.73
CA PRO A 232 -7.63 5.87 41.34
C PRO A 232 -8.48 6.69 40.40
N GLN A 233 -8.22 8.00 40.30
CA GLN A 233 -8.91 8.87 39.35
C GLN A 233 -8.42 8.69 37.93
N SER A 234 -7.29 8.01 37.72
CA SER A 234 -6.66 7.97 36.41
C SER A 234 -7.54 7.25 35.39
N VAL A 235 -8.00 6.06 35.73
CA VAL A 235 -8.78 5.25 34.79
C VAL A 235 -10.15 5.90 34.56
N PRO A 236 -10.88 6.36 35.58
CA PRO A 236 -12.12 7.10 35.30
C PRO A 236 -11.88 8.31 34.41
N LEU A 237 -10.84 9.10 34.67
CA LEU A 237 -10.52 10.22 33.80
C LEU A 237 -10.21 9.78 32.39
N LEU A 238 -9.59 8.59 32.25
CA LEU A 238 -9.29 8.06 30.93
C LEU A 238 -10.57 7.74 30.16
N VAL A 239 -11.53 7.09 30.82
CA VAL A 239 -12.78 6.74 30.16
C VAL A 239 -13.54 7.99 29.74
N GLU A 240 -13.46 9.05 30.52
CA GLU A 240 -14.17 10.28 30.18
C GLU A 240 -13.59 10.95 28.95
N ARG A 241 -12.27 10.82 28.74
CA ARG A 241 -11.65 11.41 27.56
C ARG A 241 -11.83 10.51 26.34
N LEU A 242 -11.80 9.19 26.54
CA LEU A 242 -11.97 8.26 25.43
C LEU A 242 -13.34 8.35 24.80
N ARG A 243 -14.33 8.86 25.52
CA ARG A 243 -15.67 9.03 24.95
C ARG A 243 -15.65 9.97 23.76
N GLY A 244 -14.67 10.88 23.70
CA GLY A 244 -14.55 11.79 22.58
C GLY A 244 -14.25 11.12 21.25
N TRP A 245 -13.85 9.85 21.27
CA TRP A 245 -13.53 9.13 20.05
C TRP A 245 -14.66 8.21 19.59
N ASP A 246 -15.86 8.36 20.14
CA ASP A 246 -16.97 7.54 19.68
C ASP A 246 -17.42 7.88 18.27
N TYR A 247 -16.92 8.97 17.70
CA TYR A 247 -17.19 9.29 16.30
C TYR A 247 -16.61 8.24 15.35
N LEU A 248 -15.71 7.40 15.85
CA LEU A 248 -15.07 6.40 15.00
C LEU A 248 -16.02 5.29 14.58
N CYS A 249 -17.16 5.14 15.25
CA CYS A 249 -18.08 4.07 14.92
C CYS A 249 -18.86 4.40 13.64
N PRO A 250 -19.45 5.59 13.50
CA PRO A 250 -20.07 5.92 12.20
C PRO A 250 -19.06 6.17 11.11
N LEU A 251 -17.89 6.73 11.44
CA LEU A 251 -16.90 7.05 10.41
C LEU A 251 -16.34 5.77 9.80
N ALA A 252 -15.98 4.80 10.63
CA ALA A 252 -15.72 3.46 10.11
C ALA A 252 -17.01 2.82 9.62
N ALA A 253 -16.86 1.81 8.76
CA ALA A 253 -17.98 1.13 8.11
C ALA A 253 -18.70 2.05 7.12
N ARG A 254 -18.42 3.35 7.17
CA ARG A 254 -18.82 4.23 6.08
C ARG A 254 -18.02 3.87 4.82
N ASN A 255 -18.52 4.31 3.67
CA ASN A 255 -17.94 3.92 2.40
C ASN A 255 -17.42 5.07 1.55
N ASP A 256 -17.85 6.31 1.80
CA ASP A 256 -17.40 7.47 1.03
C ASP A 256 -16.15 8.09 1.64
N LEU A 257 -15.21 7.28 2.10
CA LEU A 257 -14.09 7.79 2.88
C LEU A 257 -13.11 8.54 2.00
N SER A 258 -12.76 9.76 2.43
CA SER A 258 -11.68 10.50 1.81
C SER A 258 -10.34 9.97 2.30
N THR A 259 -9.26 10.40 1.63
CA THR A 259 -7.92 10.04 2.08
C THR A 259 -7.66 10.58 3.49
N GLU A 260 -8.22 11.75 3.80
CA GLU A 260 -8.04 12.31 5.14
C GLU A 260 -8.95 11.63 6.16
N HIS A 261 -10.19 11.30 5.77
CA HIS A 261 -11.09 10.63 6.69
C HIS A 261 -10.69 9.18 6.93
N ALA A 262 -10.14 8.51 5.91
CA ALA A 262 -9.57 7.19 6.13
C ALA A 262 -8.36 7.25 7.05
N ARG A 263 -7.66 8.39 7.07
CA ARG A 263 -6.55 8.56 7.98
C ARG A 263 -7.02 8.69 9.42
N ASP A 264 -8.14 9.38 9.63
CA ASP A 264 -8.69 9.51 10.99
C ASP A 264 -9.10 8.15 11.54
N VAL A 265 -9.70 7.31 10.70
CA VAL A 265 -10.10 5.97 11.14
C VAL A 265 -8.88 5.15 11.50
N ALA A 266 -7.85 5.18 10.66
CA ALA A 266 -6.64 4.40 10.92
C ALA A 266 -5.93 4.89 12.18
N LEU A 267 -5.91 6.20 12.40
CA LEU A 267 -5.26 6.73 13.59
C LEU A 267 -6.08 6.51 14.85
N GLY A 268 -7.39 6.40 14.73
CA GLY A 268 -8.22 6.08 15.87
C GLY A 268 -8.13 4.60 16.20
N ARG A 269 -8.17 3.76 15.17
CA ARG A 269 -7.92 2.33 15.37
C ARG A 269 -6.57 2.09 16.01
N TYR A 270 -5.55 2.86 15.59
CA TYR A 270 -4.22 2.71 16.16
C TYR A 270 -4.18 3.19 17.61
N LEU A 271 -4.98 4.19 17.96
CA LEU A 271 -5.01 4.68 19.32
C LEU A 271 -5.46 3.60 20.29
N PHE A 272 -6.51 2.85 19.91
CA PHE A 272 -7.00 1.77 20.75
C PHE A 272 -6.14 0.51 20.67
N LEU A 273 -5.38 0.36 19.59
CA LEU A 273 -4.41 -0.75 19.53
C LEU A 273 -3.30 -0.54 20.57
N ALA A 274 -2.77 0.67 20.64
CA ALA A 274 -1.76 0.97 21.66
C ALA A 274 -2.34 0.88 23.06
N LEU A 275 -3.59 1.32 23.23
CA LEU A 275 -4.23 1.23 24.53
C LEU A 275 -4.43 -0.24 24.94
N THR A 276 -4.74 -1.10 23.98
CA THR A 276 -4.90 -2.52 24.28
C THR A 276 -3.62 -3.12 24.84
N ASP A 277 -2.47 -2.69 24.31
CA ASP A 277 -1.20 -3.21 24.79
C ASP A 277 -0.92 -2.76 26.22
N GLU A 278 -1.24 -1.51 26.55
CA GLU A 278 -1.02 -1.02 27.90
C GLU A 278 -1.92 -1.72 28.90
N LEU A 279 -3.14 -2.08 28.48
CA LEU A 279 -4.00 -2.89 29.35
C LEU A 279 -3.41 -4.28 29.55
N ALA A 280 -2.79 -4.83 28.51
CA ALA A 280 -2.14 -6.14 28.64
C ALA A 280 -0.97 -6.07 29.60
N PHE A 281 -0.25 -4.95 29.63
CA PHE A 281 0.83 -4.79 30.60
C PHE A 281 0.28 -4.68 32.01
N ALA A 282 -0.84 -3.97 32.17
CA ALA A 282 -1.44 -3.81 33.50
C ALA A 282 -1.78 -5.16 34.12
N ALA A 283 -2.44 -6.04 33.34
CA ALA A 283 -2.71 -7.38 33.83
C ALA A 283 -1.43 -8.14 34.13
N TYR A 284 -0.42 -7.99 33.26
CA TYR A 284 0.87 -8.61 33.51
C TYR A 284 1.52 -8.06 34.76
N ALA A 285 1.40 -6.75 34.99
CA ALA A 285 2.01 -6.13 36.15
C ALA A 285 1.27 -6.49 37.43
N ARG A 286 -0.07 -6.40 37.40
CA ARG A 286 -0.86 -6.73 38.58
C ARG A 286 -0.64 -8.18 39.00
N ALA A 287 -0.53 -9.09 38.03
CA ALA A 287 -0.27 -10.49 38.36
C ALA A 287 1.10 -10.64 39.02
N GLY A 288 2.08 -9.85 38.59
CA GLY A 288 3.37 -9.86 39.26
C GLY A 288 3.28 -9.39 40.70
N THR A 289 2.39 -8.44 40.98
CA THR A 289 2.15 -8.02 42.36
C THR A 289 1.56 -9.16 43.18
N LEU A 290 0.59 -9.88 42.60
CA LEU A 290 -0.05 -10.98 43.32
C LEU A 290 0.97 -12.03 43.76
N ARG A 291 1.84 -12.47 42.85
CA ARG A 291 2.87 -13.42 43.21
C ARG A 291 3.87 -12.82 44.20
N LEU A 292 4.02 -11.49 44.19
CA LEU A 292 4.88 -10.84 45.16
C LEU A 292 4.21 -10.77 46.53
N VAL A 293 2.90 -10.50 46.56
CA VAL A 293 2.18 -10.44 47.82
C VAL A 293 2.12 -11.81 48.49
N GLU A 294 1.94 -12.87 47.70
CA GLU A 294 1.87 -14.21 48.27
C GLU A 294 3.20 -14.62 48.88
N GLY A 295 4.30 -14.45 48.13
CA GLY A 295 5.60 -14.83 48.64
C GLY A 295 6.03 -14.04 49.87
N LEU A 296 5.66 -12.77 49.92
CA LEU A 296 5.96 -11.94 51.09
C LEU A 296 5.07 -12.25 52.29
N GLY A 297 4.00 -13.02 52.09
CA GLY A 297 3.14 -13.43 53.19
C GLY A 297 2.06 -12.44 53.55
N LEU A 298 1.47 -11.80 52.53
CA LEU A 298 0.47 -10.76 52.74
C LEU A 298 -0.86 -11.07 52.06
N ALA A 299 -1.03 -12.27 51.49
CA ALA A 299 -2.18 -12.55 50.65
C ALA A 299 -3.49 -12.56 51.44
N GLY A 300 -3.43 -12.85 52.74
CA GLY A 300 -4.63 -12.88 53.56
C GLY A 300 -5.31 -11.53 53.73
N ALA A 301 -4.56 -10.44 53.60
CA ALA A 301 -5.13 -9.11 53.81
C ALA A 301 -6.00 -8.67 52.64
N VAL A 302 -5.64 -9.04 51.41
CA VAL A 302 -6.43 -8.66 50.25
C VAL A 302 -7.61 -9.59 50.01
N GLY A 303 -7.68 -10.70 50.72
CA GLY A 303 -8.84 -11.56 50.59
C GLY A 303 -8.88 -12.19 49.22
N GLY A 304 -9.99 -11.99 48.51
CA GLY A 304 -10.13 -12.49 47.15
C GLY A 304 -10.07 -11.44 46.07
N LEU A 305 -9.62 -10.22 46.38
CA LEU A 305 -9.53 -9.18 45.37
C LEU A 305 -8.48 -9.55 44.32
N ARG A 306 -8.87 -9.49 43.06
CA ARG A 306 -8.01 -9.89 41.95
C ARG A 306 -8.02 -8.79 40.89
N PRO A 307 -7.23 -7.73 41.09
CA PRO A 307 -7.13 -6.71 40.04
C PRO A 307 -6.44 -7.21 38.79
N ASP A 308 -5.58 -8.23 38.91
CA ASP A 308 -5.04 -8.88 37.73
C ASP A 308 -6.12 -9.50 36.86
N GLU A 309 -7.21 -9.97 37.49
CA GLU A 309 -8.30 -10.59 36.75
C GLU A 309 -9.15 -9.55 36.03
N ALA A 310 -9.39 -8.40 36.67
CA ALA A 310 -10.20 -7.37 36.04
C ALA A 310 -9.45 -6.68 34.89
N TRP A 311 -8.14 -6.47 35.06
CA TRP A 311 -7.36 -5.85 34.00
C TRP A 311 -7.22 -6.76 32.79
N ARG A 312 -7.23 -8.09 33.01
CA ARG A 312 -7.23 -9.01 31.89
C ARG A 312 -8.52 -8.91 31.08
N LEU A 313 -9.63 -8.66 31.75
CA LEU A 313 -10.91 -8.54 31.05
C LEU A 313 -10.98 -7.27 30.22
N ALA A 314 -10.49 -6.15 30.76
CA ALA A 314 -10.42 -4.92 29.98
C ALA A 314 -9.49 -5.07 28.78
N TRP A 315 -8.44 -5.86 28.93
CA TRP A 315 -7.55 -6.13 27.80
C TRP A 315 -8.27 -6.88 26.69
N ARG A 316 -9.00 -7.94 27.06
CA ARG A 316 -9.74 -8.71 26.07
C ARG A 316 -10.84 -7.87 25.43
N SER A 317 -11.46 -6.98 26.20
CA SER A 317 -12.47 -6.10 25.65
C SER A 317 -11.87 -5.10 24.66
N GLY A 318 -10.63 -4.70 24.87
CA GLY A 318 -9.96 -3.85 23.90
C GLY A 318 -9.58 -4.61 22.64
N GLN A 319 -9.18 -5.88 22.79
CA GLN A 319 -8.92 -6.71 21.62
C GLN A 319 -10.17 -6.91 20.78
N LYS A 320 -11.33 -7.06 21.44
CA LYS A 320 -12.59 -7.17 20.73
C LYS A 320 -12.97 -5.86 20.03
N LEU A 321 -12.46 -4.73 20.49
CA LEU A 321 -12.79 -3.45 19.85
C LEU A 321 -12.07 -3.29 18.52
N TYR A 322 -10.91 -3.92 18.36
CA TYR A 322 -10.21 -3.86 17.08
C TYR A 322 -10.95 -4.66 16.02
N ARG A 323 -11.37 -5.88 16.35
CA ARG A 323 -12.08 -6.73 15.39
C ARG A 323 -13.36 -6.07 14.91
N ARG A 324 -14.15 -5.53 15.83
CA ARG A 324 -15.41 -4.87 15.50
C ARG A 324 -15.48 -3.57 16.29
N LEU A 325 -15.37 -2.44 15.59
CA LEU A 325 -15.37 -1.12 16.21
C LEU A 325 -16.78 -0.56 16.14
N ASP A 326 -17.56 -0.79 17.19
CA ASP A 326 -18.94 -0.32 17.27
C ASP A 326 -19.20 0.26 18.66
N ARG A 327 -20.45 0.67 18.88
CA ARG A 327 -20.80 1.28 20.15
C ARG A 327 -20.87 0.26 21.28
N GLN A 328 -21.35 -0.95 20.99
CA GLN A 328 -21.47 -1.96 22.03
C GLN A 328 -20.11 -2.39 22.56
N ASN A 329 -19.07 -2.36 21.72
CA ASN A 329 -17.74 -2.71 22.18
C ASN A 329 -17.11 -1.56 22.96
N LEU A 330 -17.35 -0.32 22.53
CA LEU A 330 -16.79 0.83 23.25
C LEU A 330 -17.35 0.92 24.66
N SER A 331 -18.66 0.65 24.82
CA SER A 331 -19.25 0.65 26.15
C SER A 331 -18.75 -0.53 26.97
N ALA A 332 -18.53 -1.68 26.33
CA ALA A 332 -18.01 -2.85 27.02
C ALA A 332 -16.58 -2.59 27.51
N LEU A 333 -15.77 -1.91 26.70
CA LEU A 333 -14.43 -1.54 27.14
C LEU A 333 -14.50 -0.54 28.30
N PHE A 334 -15.38 0.45 28.20
CA PHE A 334 -15.54 1.39 29.30
C PHE A 334 -16.01 0.69 30.56
N SER A 335 -16.92 -0.29 30.42
CA SER A 335 -17.41 -1.02 31.58
C SER A 335 -16.28 -1.76 32.28
N ALA A 336 -15.52 -2.56 31.54
CA ALA A 336 -14.43 -3.30 32.15
C ALA A 336 -13.34 -2.38 32.68
N LEU A 337 -13.20 -1.20 32.09
CA LEU A 337 -12.21 -0.24 32.58
C LEU A 337 -12.58 0.29 33.96
N GLU A 338 -13.85 0.61 34.18
CA GLU A 338 -14.28 1.10 35.48
C GLU A 338 -14.21 0.02 36.55
N LYS A 339 -14.56 -1.22 36.19
CA LYS A 339 -14.50 -2.31 37.15
C LYS A 339 -13.06 -2.57 37.60
N ALA A 340 -12.11 -2.52 36.67
CA ALA A 340 -10.71 -2.69 37.03
C ALA A 340 -10.21 -1.54 37.88
N ALA A 341 -10.78 -0.34 37.69
CA ALA A 341 -10.34 0.82 38.46
C ALA A 341 -10.77 0.70 39.92
N GLU A 342 -12.02 0.32 40.15
CA GLU A 342 -12.52 0.24 41.52
C GLU A 342 -11.92 -0.95 42.27
N VAL A 343 -11.56 -2.01 41.57
CA VAL A 343 -10.88 -3.12 42.22
C VAL A 343 -9.45 -2.73 42.58
N ASP A 344 -8.82 -1.88 41.75
CA ASP A 344 -7.45 -1.46 42.01
C ASP A 344 -7.35 -0.66 43.31
N VAL A 345 -8.22 0.34 43.47
CA VAL A 345 -8.15 1.19 44.65
C VAL A 345 -8.47 0.41 45.91
N GLU A 346 -9.38 -0.57 45.83
CA GLU A 346 -9.68 -1.40 46.98
C GLU A 346 -8.49 -2.25 47.36
N TYR A 347 -7.89 -2.94 46.38
CA TYR A 347 -6.70 -3.75 46.64
C TYR A 347 -5.56 -2.90 47.17
N ALA A 348 -5.38 -1.70 46.61
CA ALA A 348 -4.26 -0.85 47.00
C ALA A 348 -4.40 -0.38 48.44
N ARG A 349 -5.59 0.08 48.83
CA ARG A 349 -5.78 0.56 50.19
C ARG A 349 -5.63 -0.56 51.21
N ARG A 350 -6.15 -1.74 50.90
CA ARG A 350 -6.04 -2.87 51.83
C ARG A 350 -4.60 -3.34 51.95
N LEU A 351 -3.88 -3.41 50.83
CA LEU A 351 -2.49 -3.87 50.87
C LEU A 351 -1.60 -2.89 51.61
N LEU A 352 -1.79 -1.58 51.38
CA LEU A 352 -0.99 -0.59 52.09
C LEU A 352 -1.27 -0.59 53.58
N LYS A 353 -2.52 -0.89 53.97
CA LYS A 353 -2.86 -0.90 55.40
C LYS A 353 -2.16 -2.06 56.11
N GLU A 354 -2.08 -3.22 55.46
CA GLU A 354 -1.40 -4.36 56.08
C GLU A 354 0.09 -4.07 56.27
N LEU A 355 0.69 -3.34 55.32
CA LEU A 355 2.09 -2.95 55.47
C LEU A 355 2.27 -1.89 56.55
N LYS A 356 1.18 -1.21 56.94
CA LYS A 356 1.16 -0.19 58.00
C LYS A 356 2.42 0.67 58.07
N GLN B 10 -7.62 -14.65 -1.98
CA GLN B 10 -8.19 -15.89 -2.50
C GLN B 10 -7.26 -17.07 -2.18
N THR B 11 -7.82 -18.07 -1.48
CA THR B 11 -7.05 -19.19 -0.98
C THR B 11 -6.98 -20.30 -2.03
N LEU B 12 -5.77 -20.74 -2.37
CA LEU B 12 -5.59 -21.86 -3.27
C LEU B 12 -6.02 -23.15 -2.59
N HIS B 13 -6.44 -24.13 -3.40
CA HIS B 13 -6.99 -25.36 -2.84
C HIS B 13 -6.79 -26.50 -3.82
N ALA B 14 -6.95 -27.72 -3.31
CA ALA B 14 -6.76 -28.94 -4.06
C ALA B 14 -7.62 -30.02 -3.45
N PRO B 15 -7.87 -31.12 -4.17
CA PRO B 15 -8.64 -32.22 -3.56
C PRO B 15 -7.96 -32.84 -2.36
N HIS B 16 -6.64 -32.97 -2.38
CA HIS B 16 -5.88 -33.41 -1.21
C HIS B 16 -5.46 -32.18 -0.42
N CYS B 17 -5.80 -32.17 0.87
CA CYS B 17 -5.61 -30.97 1.69
C CYS B 17 -4.14 -30.59 1.81
N GLU B 18 -3.24 -31.58 1.86
CA GLU B 18 -1.82 -31.26 1.95
C GLU B 18 -1.30 -30.65 0.65
N VAL B 19 -1.94 -30.95 -0.48
CA VAL B 19 -1.54 -30.36 -1.75
C VAL B 19 -2.03 -28.91 -1.84
N GLY B 20 -3.28 -28.66 -1.44
CA GLY B 20 -3.77 -27.30 -1.39
C GLY B 20 -3.03 -26.44 -0.39
N CYS B 21 -2.61 -27.05 0.73
CA CYS B 21 -1.80 -26.32 1.70
C CYS B 21 -0.44 -25.94 1.12
N ALA B 22 0.20 -26.88 0.42
CA ALA B 22 1.50 -26.59 -0.18
C ALA B 22 1.38 -25.58 -1.32
N ALA B 23 0.24 -25.57 -2.01
CA ALA B 23 0.06 -24.62 -3.10
C ALA B 23 0.06 -23.18 -2.58
N ASN B 24 -0.47 -22.96 -1.38
CA ASN B 24 -0.46 -21.62 -0.79
C ASN B 24 0.94 -21.22 -0.36
N VAL B 25 1.69 -22.15 0.24
CA VAL B 25 3.06 -21.85 0.66
C VAL B 25 3.93 -21.55 -0.55
N ALA B 26 3.70 -22.28 -1.65
CA ALA B 26 4.49 -22.04 -2.86
C ALA B 26 4.20 -20.68 -3.46
N ARG B 27 2.97 -20.18 -3.32
CA ARG B 27 2.65 -18.84 -3.81
C ARG B 27 3.40 -17.76 -3.03
N ARG B 28 3.76 -18.06 -1.77
CA ARG B 28 4.52 -17.10 -0.98
C ARG B 28 5.88 -16.80 -1.61
N VAL B 29 6.47 -17.79 -2.27
CA VAL B 29 7.82 -17.66 -2.81
C VAL B 29 7.81 -17.59 -4.34
N GLY B 30 6.67 -17.29 -4.93
CA GLY B 30 6.59 -17.09 -6.37
C GLY B 30 6.62 -18.35 -7.20
N VAL B 31 6.28 -19.50 -6.62
CA VAL B 31 6.24 -20.77 -7.35
C VAL B 31 4.80 -21.20 -7.50
N ASP B 32 4.38 -21.45 -8.74
CA ASP B 32 3.04 -21.94 -9.03
C ASP B 32 3.06 -23.47 -8.91
N LEU B 33 2.49 -23.99 -7.82
CA LEU B 33 2.58 -25.42 -7.56
C LEU B 33 1.78 -26.23 -8.58
N ALA B 34 0.56 -25.79 -8.90
CA ALA B 34 -0.30 -26.57 -9.79
C ALA B 34 0.27 -26.64 -11.19
N ARG B 35 0.84 -25.53 -11.69
CA ARG B 35 1.35 -25.52 -13.05
C ARG B 35 2.77 -26.08 -13.14
N GLN B 36 3.67 -25.58 -12.29
CA GLN B 36 5.10 -25.85 -12.44
C GLN B 36 5.58 -27.07 -11.68
N VAL B 37 4.78 -27.63 -10.77
CA VAL B 37 5.24 -28.78 -9.99
C VAL B 37 4.32 -29.97 -10.24
N ILE B 38 3.03 -29.83 -9.90
CA ILE B 38 2.09 -30.92 -10.10
C ILE B 38 1.86 -31.15 -11.59
N GLY B 39 1.57 -30.09 -12.33
CA GLY B 39 1.38 -30.21 -13.76
C GLY B 39 2.62 -30.64 -14.51
N ALA B 40 3.80 -30.42 -13.93
CA ALA B 40 5.05 -30.81 -14.56
C ALA B 40 5.40 -32.27 -14.36
N HIS B 41 4.60 -33.02 -13.59
CA HIS B 41 4.88 -34.42 -13.31
C HIS B 41 3.71 -35.27 -13.82
N TRP B 42 3.82 -35.70 -15.08
CA TRP B 42 2.85 -36.64 -15.62
C TRP B 42 3.03 -38.00 -14.97
N ALA B 43 1.95 -38.54 -14.42
CA ALA B 43 2.05 -39.81 -13.73
C ALA B 43 0.69 -40.50 -13.74
N SER B 44 0.73 -41.84 -13.68
CA SER B 44 -0.48 -42.66 -13.66
C SER B 44 -0.09 -44.04 -13.15
N ARG B 45 -0.47 -44.36 -11.91
CA ARG B 45 -0.01 -45.58 -11.25
C ARG B 45 -1.18 -46.30 -10.60
N MSE B 46 -1.23 -47.61 -10.80
CA MSE B 46 -2.21 -48.45 -10.11
C MSE B 46 -1.52 -49.17 -8.95
O MSE B 46 -0.46 -49.74 -9.12
CB MSE B 46 -2.83 -49.46 -11.09
CG MSE B 46 -3.66 -50.55 -10.43
SE MSE B 46 -2.64 -52.15 -9.97
CE MSE B 46 -3.96 -53.50 -10.46
N LEU B 47 -2.13 -49.11 -7.77
CA LEU B 47 -1.53 -49.65 -6.56
C LEU B 47 -2.45 -50.69 -5.94
N VAL B 48 -1.85 -51.77 -5.44
CA VAL B 48 -2.58 -52.90 -4.87
C VAL B 48 -1.87 -53.36 -3.61
N ARG B 49 -2.65 -53.56 -2.54
CA ARG B 49 -2.15 -54.14 -1.30
C ARG B 49 -2.87 -55.46 -1.08
N GLU B 50 -2.12 -56.57 -1.12
CA GLU B 50 -2.72 -57.89 -1.09
C GLU B 50 -1.88 -58.81 -0.20
N VAL B 51 -2.30 -60.07 -0.12
CA VAL B 51 -1.62 -61.05 0.73
C VAL B 51 -0.28 -61.43 0.11
N GLY B 52 0.76 -61.40 0.93
CA GLY B 52 2.08 -61.81 0.48
C GLY B 52 2.67 -62.93 1.31
N THR B 53 3.81 -62.68 1.95
CA THR B 53 4.47 -63.68 2.76
C THR B 53 4.01 -63.56 4.22
N PHE B 54 3.66 -64.70 4.81
CA PHE B 54 3.23 -64.70 6.20
C PHE B 54 4.46 -64.52 7.12
N PRO B 55 4.31 -63.76 8.21
CA PRO B 55 3.08 -63.06 8.58
C PRO B 55 3.07 -61.59 8.17
N GLN B 56 1.88 -61.02 8.04
CA GLN B 56 1.71 -59.59 7.75
C GLN B 56 0.60 -59.07 8.64
N PRO B 57 0.93 -58.72 9.90
CA PRO B 57 -0.12 -58.35 10.86
C PRO B 57 -0.83 -57.05 10.54
N LEU B 58 -0.19 -56.13 9.80
CA LEU B 58 -0.83 -54.88 9.45
C LEU B 58 -1.71 -54.97 8.22
N LEU B 59 -1.75 -56.13 7.55
CA LEU B 59 -2.63 -56.33 6.40
C LEU B 59 -4.02 -56.70 6.91
N ASP B 60 -4.97 -55.78 6.78
CA ASP B 60 -6.33 -55.99 7.26
C ASP B 60 -7.30 -56.35 6.16
N ARG B 61 -7.04 -55.94 4.93
CA ARG B 61 -7.97 -56.16 3.83
C ARG B 61 -7.23 -55.96 2.51
N THR B 62 -7.77 -56.58 1.46
CA THR B 62 -7.26 -56.33 0.11
C THR B 62 -7.66 -54.93 -0.34
N GLN B 63 -6.69 -54.14 -0.76
CA GLN B 63 -6.90 -52.73 -1.05
C GLN B 63 -6.36 -52.40 -2.44
N VAL B 64 -7.10 -51.59 -3.18
CA VAL B 64 -6.73 -51.16 -4.52
C VAL B 64 -7.02 -49.68 -4.65
N THR B 65 -6.09 -48.94 -5.28
CA THR B 65 -6.26 -47.50 -5.46
C THR B 65 -5.47 -47.05 -6.68
N PHE B 66 -5.64 -45.78 -7.03
CA PHE B 66 -4.99 -45.16 -8.17
C PHE B 66 -4.27 -43.91 -7.70
N SER B 67 -3.19 -43.54 -8.39
CA SER B 67 -2.40 -42.38 -8.00
C SER B 67 -1.81 -41.72 -9.23
N ALA B 68 -2.12 -40.44 -9.43
CA ALA B 68 -1.49 -39.61 -10.43
C ALA B 68 -0.45 -38.67 -9.81
N GLN B 69 0.02 -38.98 -8.60
CA GLN B 69 1.00 -38.15 -7.91
C GLN B 69 2.43 -38.47 -8.30
N GLY B 70 2.71 -39.73 -8.64
CA GLY B 70 4.07 -40.10 -9.01
C GLY B 70 5.00 -39.98 -7.83
N GLU B 71 6.12 -39.27 -8.02
CA GLU B 71 7.07 -39.04 -6.96
C GLU B 71 6.55 -38.08 -5.90
N GLY B 72 5.48 -37.36 -6.18
CA GLY B 72 4.89 -36.47 -5.19
C GLY B 72 5.51 -35.08 -5.23
N TRP B 73 4.73 -34.10 -4.77
CA TRP B 73 5.16 -32.71 -4.75
C TRP B 73 6.34 -32.42 -3.81
N PRO B 74 6.48 -33.09 -2.65
CA PRO B 74 7.63 -32.74 -1.80
C PRO B 74 8.98 -33.00 -2.45
N ALA B 75 9.11 -34.12 -3.17
CA ALA B 75 10.37 -34.42 -3.84
C ALA B 75 10.63 -33.47 -4.99
N LEU B 76 9.59 -33.14 -5.77
CA LEU B 76 9.78 -32.30 -6.94
C LEU B 76 9.91 -30.83 -6.57
N LEU B 77 9.09 -30.34 -5.64
CA LEU B 77 9.20 -28.95 -5.21
C LEU B 77 10.57 -28.68 -4.59
N ALA B 78 11.15 -29.66 -3.92
CA ALA B 78 12.44 -29.47 -3.27
C ALA B 78 13.56 -29.30 -4.29
N ARG B 79 13.61 -30.18 -5.29
CA ARG B 79 14.71 -30.14 -6.24
C ARG B 79 14.55 -29.01 -7.27
N MSE B 80 13.33 -28.61 -7.58
CA MSE B 80 13.10 -27.51 -8.50
C MSE B 80 13.49 -26.18 -7.86
O MSE B 80 14.03 -25.29 -8.52
CB MSE B 80 11.65 -27.46 -8.96
CG MSE B 80 11.25 -28.60 -9.86
SE MSE B 80 9.66 -28.17 -10.90
CE MSE B 80 8.65 -29.80 -10.56
N THR B 81 13.18 -26.04 -6.57
CA THR B 81 13.52 -24.83 -5.84
C THR B 81 14.90 -24.89 -5.19
N GLY B 82 15.51 -26.07 -5.10
CA GLY B 82 16.76 -26.20 -4.39
C GLY B 82 16.65 -26.11 -2.90
N GLY B 83 15.46 -26.25 -2.35
CA GLY B 83 15.20 -26.13 -0.94
C GLY B 83 14.99 -27.45 -0.25
N GLU B 84 14.24 -27.43 0.85
CA GLU B 84 14.02 -28.61 1.68
C GLU B 84 12.57 -28.71 2.07
N VAL B 85 12.05 -29.94 2.06
CA VAL B 85 10.73 -30.25 2.61
C VAL B 85 10.96 -31.36 3.64
N THR B 86 11.16 -30.97 4.90
CA THR B 86 11.57 -31.88 5.96
C THR B 86 10.51 -31.92 7.05
N SER B 87 10.18 -33.14 7.49
CA SER B 87 9.26 -33.34 8.60
C SER B 87 10.04 -33.49 9.90
N ARG B 88 9.43 -33.06 11.00
CA ARG B 88 10.06 -33.15 12.31
C ARG B 88 9.01 -32.90 13.37
N HIS B 89 9.37 -33.20 14.61
CA HIS B 89 8.53 -32.94 15.77
C HIS B 89 9.15 -31.84 16.62
N VAL B 90 8.31 -30.93 17.11
CA VAL B 90 8.81 -29.74 17.80
C VAL B 90 8.30 -29.75 19.23
N PRO B 91 9.14 -29.42 20.22
CA PRO B 91 8.63 -29.24 21.58
C PRO B 91 7.60 -28.12 21.65
N ARG B 92 6.79 -28.15 22.71
CA ARG B 92 5.69 -27.20 22.83
C ARG B 92 6.20 -25.77 22.94
N GLU B 93 7.35 -25.57 23.57
CA GLU B 93 7.91 -24.23 23.78
C GLU B 93 8.74 -23.76 22.59
N GLU B 94 8.75 -24.50 21.49
CA GLU B 94 9.43 -24.07 20.27
C GLU B 94 8.50 -24.05 19.07
N LEU B 95 7.20 -24.30 19.26
CA LEU B 95 6.28 -24.38 18.13
C LEU B 95 6.02 -23.01 17.54
N LEU B 96 5.73 -22.01 18.39
CA LEU B 96 5.46 -20.66 17.89
C LEU B 96 6.65 -20.12 17.11
N SER B 97 7.84 -20.17 17.71
CA SER B 97 9.03 -19.65 17.04
C SER B 97 9.32 -20.42 15.75
N THR B 98 9.01 -21.71 15.71
CA THR B 98 9.19 -22.47 14.48
C THR B 98 8.22 -22.01 13.40
N LEU B 99 6.95 -21.82 13.76
CA LEU B 99 5.97 -21.33 12.79
C LEU B 99 6.31 -19.93 12.30
N HIS B 100 6.91 -19.11 13.17
CA HIS B 100 7.31 -17.77 12.75
C HIS B 100 8.55 -17.82 11.87
N ALA B 101 9.55 -18.62 12.26
CA ALA B 101 10.81 -18.65 11.52
C ALA B 101 10.69 -19.33 10.16
N ASP B 102 9.69 -20.19 9.97
CA ASP B 102 9.53 -20.87 8.69
C ASP B 102 8.85 -20.01 7.64
N ARG B 103 8.13 -18.96 8.06
CA ARG B 103 7.42 -18.13 7.11
C ARG B 103 8.37 -17.37 6.19
N ALA B 104 9.59 -17.10 6.65
CA ALA B 104 10.53 -16.31 5.85
C ALA B 104 10.96 -17.06 4.58
N GLU B 105 11.23 -18.36 4.70
CA GLU B 105 11.71 -19.16 3.59
C GLU B 105 10.62 -20.00 2.94
N GLY B 106 9.37 -19.83 3.36
CA GLY B 106 8.28 -20.60 2.80
C GLY B 106 7.11 -20.72 3.75
N GLY B 107 7.04 -21.82 4.49
CA GLY B 107 5.95 -22.00 5.42
C GLY B 107 6.02 -23.35 6.10
N THR B 108 4.95 -23.68 6.81
CA THR B 108 4.85 -24.90 7.58
C THR B 108 3.53 -25.59 7.32
N LEU B 109 3.57 -26.90 7.13
CA LEU B 109 2.37 -27.73 7.14
C LEU B 109 2.22 -28.30 8.54
N LEU B 110 1.21 -27.84 9.27
CA LEU B 110 0.99 -28.22 10.66
C LEU B 110 -0.09 -29.30 10.71
N PHE B 111 0.28 -30.46 11.27
CA PHE B 111 -0.63 -31.59 11.35
C PHE B 111 -1.59 -31.41 12.53
N MSE B 112 -2.87 -31.64 12.30
CA MSE B 112 -3.87 -31.58 13.36
C MSE B 112 -4.85 -32.74 13.33
O MSE B 112 -5.06 -33.36 12.28
CB MSE B 112 -4.68 -30.27 13.28
CG MSE B 112 -3.90 -29.04 12.85
SE MSE B 112 -4.69 -27.43 13.63
CE MSE B 112 -3.68 -27.42 15.29
N GLU B 113 -5.45 -33.03 14.48
CA GLU B 113 -6.59 -33.91 14.52
C GLU B 113 -7.80 -33.18 13.93
N ASP B 114 -8.77 -33.97 13.43
CA ASP B 114 -9.95 -33.37 12.83
C ASP B 114 -10.76 -32.60 13.86
N ARG B 115 -10.91 -33.15 15.06
CA ARG B 115 -11.64 -32.46 16.11
C ARG B 115 -10.96 -31.19 16.58
N ALA B 116 -9.69 -30.98 16.21
CA ALA B 116 -8.99 -29.74 16.53
C ALA B 116 -9.34 -28.61 15.58
N CYS B 117 -9.97 -28.91 14.44
CA CYS B 117 -10.38 -27.90 13.47
C CYS B 117 -11.88 -27.71 13.56
N PRO B 118 -12.37 -26.63 14.17
CA PRO B 118 -13.82 -26.47 14.37
C PRO B 118 -14.62 -26.42 13.08
N TRP B 119 -14.03 -25.90 12.00
CA TRP B 119 -14.77 -25.78 10.74
C TRP B 119 -15.01 -27.12 10.07
N LEU B 120 -14.39 -28.20 10.54
CA LEU B 120 -14.58 -29.51 9.94
C LEU B 120 -15.83 -30.22 10.44
N ASP B 121 -16.45 -29.73 11.52
CA ASP B 121 -17.64 -30.36 12.10
C ASP B 121 -17.38 -31.83 12.45
N SER B 122 -16.27 -32.06 13.14
CA SER B 122 -15.84 -33.41 13.48
C SER B 122 -15.30 -33.45 14.91
N ALA B 123 -16.01 -32.82 15.85
CA ALA B 123 -15.61 -32.86 17.24
C ALA B 123 -15.75 -34.24 17.86
N HIS B 124 -16.43 -35.17 17.18
CA HIS B 124 -16.66 -36.51 17.68
C HIS B 124 -15.47 -37.44 17.44
N SER B 125 -14.61 -37.14 16.48
CA SER B 125 -13.62 -38.09 16.02
C SER B 125 -12.35 -37.35 15.62
N PRO B 126 -11.18 -37.99 15.78
CA PRO B 126 -9.93 -37.39 15.28
C PRO B 126 -9.70 -37.60 13.80
N GLY B 127 -10.61 -38.28 13.11
CA GLY B 127 -10.44 -38.60 11.70
C GLY B 127 -9.68 -39.88 11.49
N MSE B 128 -9.91 -40.51 10.34
CA MSE B 128 -9.21 -41.73 9.99
C MSE B 128 -7.73 -41.44 9.77
O MSE B 128 -6.87 -42.27 10.07
CB MSE B 128 -9.82 -42.36 8.74
CG MSE B 128 -11.21 -42.96 8.94
SE MSE B 128 -11.39 -44.17 10.48
CE MSE B 128 -11.89 -42.92 11.91
N LEU B 129 -7.46 -40.26 9.24
CA LEU B 129 -6.12 -39.75 9.03
C LEU B 129 -6.02 -38.34 9.58
N PRO B 130 -4.82 -37.92 9.98
CA PRO B 130 -4.67 -36.56 10.50
C PRO B 130 -4.87 -35.51 9.42
N HIS B 131 -5.30 -34.33 9.84
CA HIS B 131 -5.48 -33.20 8.96
C HIS B 131 -4.25 -32.31 8.97
N VAL B 132 -4.21 -31.35 8.06
CA VAL B 132 -3.09 -30.42 7.96
C VAL B 132 -3.62 -29.03 7.61
N VAL B 133 -3.00 -28.01 8.19
CA VAL B 133 -3.31 -26.61 7.92
C VAL B 133 -2.00 -25.86 7.74
N VAL B 134 -2.11 -24.64 7.23
CA VAL B 134 -0.95 -23.77 7.04
C VAL B 134 -1.11 -22.57 7.97
N PRO B 135 -0.26 -22.40 8.98
CA PRO B 135 -0.30 -21.17 9.78
C PRO B 135 0.09 -19.97 8.94
N ASP B 136 -0.64 -18.88 9.12
CA ASP B 136 -0.46 -17.68 8.31
C ASP B 136 -0.21 -16.46 9.20
N GLY B 137 0.52 -16.66 10.30
CA GLY B 137 0.94 -15.55 11.13
C GLY B 137 -0.12 -15.11 12.14
N VAL B 138 0.26 -14.14 12.95
CA VAL B 138 -0.58 -13.60 14.01
C VAL B 138 -1.30 -12.37 13.49
N ALA B 139 -2.56 -12.22 13.88
CA ALA B 139 -3.36 -11.04 13.59
C ALA B 139 -3.11 -9.97 14.63
N PRO B 140 -3.43 -8.71 14.34
CA PRO B 140 -3.21 -7.64 15.33
C PRO B 140 -3.92 -7.87 16.66
N ASP B 141 -4.94 -8.73 16.70
CA ASP B 141 -5.64 -9.04 17.94
C ASP B 141 -5.02 -10.20 18.70
N GLY B 142 -3.95 -10.80 18.17
CA GLY B 142 -3.24 -11.87 18.83
C GLY B 142 -3.60 -13.27 18.36
N SER B 143 -4.72 -13.43 17.68
CA SER B 143 -5.13 -14.74 17.21
C SER B 143 -4.34 -15.14 15.96
N TRP B 144 -4.26 -16.45 15.74
CA TRP B 144 -3.55 -16.99 14.59
C TRP B 144 -4.50 -17.19 13.42
N GLN B 145 -3.96 -17.07 12.21
CA GLN B 145 -4.70 -17.30 10.99
C GLN B 145 -4.26 -18.63 10.39
N LEU B 146 -5.21 -19.53 10.17
CA LEU B 146 -4.93 -20.85 9.61
C LEU B 146 -5.58 -20.96 8.24
N ILE B 147 -4.79 -21.37 7.25
CA ILE B 147 -5.29 -21.56 5.89
C ILE B 147 -5.71 -23.01 5.73
N GLU B 148 -6.93 -23.21 5.25
CA GLU B 148 -7.42 -24.54 4.92
C GLU B 148 -7.19 -24.80 3.43
N GLY B 149 -6.43 -25.85 3.12
CA GLY B 149 -6.10 -26.17 1.76
C GLY B 149 -7.07 -27.08 1.04
N HIS B 150 -7.97 -27.74 1.77
CA HIS B 150 -8.92 -28.64 1.12
C HIS B 150 -10.00 -27.84 0.40
N SER B 151 -10.46 -28.37 -0.74
CA SER B 151 -11.33 -27.62 -1.62
C SER B 151 -12.66 -27.28 -0.94
N TRP B 152 -13.29 -28.28 -0.31
CA TRP B 152 -14.63 -28.08 0.23
C TRP B 152 -14.66 -27.14 1.43
N TRP B 153 -13.55 -27.02 2.15
CA TRP B 153 -13.47 -26.15 3.32
C TRP B 153 -12.51 -24.98 3.09
N ARG B 154 -12.14 -24.71 1.85
CA ARG B 154 -11.11 -23.71 1.54
C ARG B 154 -11.45 -22.37 2.19
N GLY B 155 -10.41 -21.69 2.65
CA GLY B 155 -10.57 -20.41 3.30
C GLY B 155 -9.51 -20.22 4.37
N ARG B 156 -9.71 -19.19 5.17
CA ARG B 156 -8.79 -18.82 6.23
C ARG B 156 -9.56 -18.70 7.53
N TYR B 157 -9.10 -19.38 8.58
CA TYR B 157 -9.81 -19.45 9.85
C TYR B 157 -8.95 -18.89 10.97
N ALA B 158 -9.60 -18.33 11.96
CA ALA B 158 -8.94 -17.72 13.11
C ALA B 158 -8.96 -18.68 14.28
N MSE B 159 -7.80 -18.87 14.90
CA MSE B 159 -7.68 -19.68 16.10
C MSE B 159 -6.83 -18.94 17.13
O MSE B 159 -5.84 -18.30 16.77
CB MSE B 159 -7.08 -21.05 15.79
CG MSE B 159 -7.00 -21.99 16.98
SE MSE B 159 -6.71 -23.87 16.51
CE MSE B 159 -8.09 -24.07 15.15
N SER B 160 -7.23 -19.02 18.39
CA SER B 160 -6.44 -18.38 19.44
C SER B 160 -5.14 -19.15 19.68
N GLU B 161 -4.16 -18.44 20.24
CA GLU B 161 -2.89 -19.09 20.55
C GLU B 161 -3.06 -20.20 21.57
N GLN B 162 -3.96 -20.02 22.54
CA GLN B 162 -4.22 -21.06 23.52
C GLN B 162 -4.79 -22.31 22.87
N ASP B 163 -5.71 -22.13 21.91
CA ASP B 163 -6.28 -23.28 21.22
C ASP B 163 -5.28 -23.92 20.28
N LEU B 164 -4.45 -23.10 19.62
CA LEU B 164 -3.46 -23.64 18.70
C LEU B 164 -2.46 -24.54 19.42
N LEU B 165 -2.00 -24.13 20.60
CA LEU B 165 -1.04 -24.93 21.34
C LEU B 165 -1.67 -26.24 21.82
N ALA B 166 -2.90 -26.16 22.34
CA ALA B 166 -3.57 -27.37 22.82
C ALA B 166 -3.90 -28.32 21.68
N ALA B 167 -4.24 -27.78 20.51
CA ALA B 167 -4.64 -28.62 19.37
C ALA B 167 -3.45 -29.28 18.69
N SER B 168 -2.26 -28.68 18.79
CA SER B 168 -1.07 -29.28 18.22
C SER B 168 -0.45 -30.35 19.12
N TYR B 169 -0.95 -30.50 20.35
CA TYR B 169 -0.42 -31.49 21.29
C TYR B 169 -1.60 -32.18 21.99
N PRO B 170 -2.32 -33.04 21.27
CA PRO B 170 -3.47 -33.71 21.87
C PRO B 170 -3.05 -34.88 22.76
N ASP B 171 -3.85 -35.09 23.80
CA ASP B 171 -3.66 -36.20 24.73
C ASP B 171 -4.99 -36.91 24.94
N PRO B 172 -5.15 -38.15 24.46
CA PRO B 172 -4.13 -38.95 23.77
C PRO B 172 -3.92 -38.52 22.32
N ASP B 173 -3.10 -39.27 21.59
CA ASP B 173 -2.59 -38.86 20.28
C ASP B 173 -2.57 -40.07 19.35
N PRO B 174 -3.74 -40.45 18.81
CA PRO B 174 -3.78 -41.64 17.93
C PRO B 174 -2.96 -41.49 16.67
N HIS B 175 -2.98 -40.33 16.02
CA HIS B 175 -2.24 -40.13 14.78
C HIS B 175 -0.76 -39.83 15.01
N HIS B 176 -0.35 -39.62 16.25
CA HIS B 176 1.01 -39.20 16.59
C HIS B 176 1.41 -37.95 15.80
N VAL B 177 0.64 -36.88 16.05
CA VAL B 177 0.84 -35.60 15.40
C VAL B 177 1.23 -34.51 16.38
N ALA B 178 1.59 -34.88 17.61
CA ALA B 178 1.95 -33.91 18.64
C ALA B 178 3.19 -33.11 18.23
N GLY B 179 3.00 -31.83 17.93
CA GLY B 179 4.10 -30.99 17.52
C GLY B 179 4.74 -31.36 16.20
N ARG B 180 4.01 -32.07 15.33
CA ARG B 180 4.55 -32.50 14.04
C ARG B 180 4.38 -31.41 13.01
N VAL B 181 5.47 -31.03 12.35
CA VAL B 181 5.45 -29.99 11.34
C VAL B 181 6.20 -30.48 10.10
N LEU B 182 5.73 -30.03 8.94
CA LEU B 182 6.40 -30.24 7.66
C LEU B 182 6.91 -28.88 7.20
N SER B 183 8.21 -28.67 7.29
CA SER B 183 8.82 -27.37 7.01
C SER B 183 9.12 -27.25 5.52
N LEU B 184 8.57 -26.21 4.90
CA LEU B 184 8.79 -25.94 3.47
C LEU B 184 9.76 -24.76 3.38
N ARG B 185 11.06 -25.06 3.33
CA ARG B 185 12.10 -24.07 3.10
C ARG B 185 12.41 -24.11 1.62
N ILE B 186 11.68 -23.30 0.83
CA ILE B 186 11.61 -23.51 -0.61
C ILE B 186 11.76 -22.22 -1.40
N ARG B 187 12.17 -21.13 -0.75
CA ARG B 187 12.30 -19.87 -1.46
C ARG B 187 13.45 -19.94 -2.45
N PRO B 188 13.20 -19.76 -3.75
CA PRO B 188 14.29 -19.83 -4.73
C PRO B 188 15.09 -18.54 -4.77
N SER B 189 16.35 -18.67 -5.14
CA SER B 189 17.18 -17.51 -5.39
C SER B 189 16.73 -16.84 -6.69
N ALA B 190 17.19 -15.59 -6.89
CA ALA B 190 16.82 -14.85 -8.08
C ALA B 190 17.29 -15.56 -9.35
N GLU B 191 18.49 -16.15 -9.31
CA GLU B 191 18.99 -16.89 -10.46
C GLU B 191 18.17 -18.16 -10.70
N ARG B 192 17.79 -18.85 -9.63
CA ARG B 192 16.99 -20.05 -9.77
C ARG B 192 15.56 -19.73 -10.19
N ALA B 193 15.00 -18.63 -9.68
CA ALA B 193 13.65 -18.24 -10.04
C ALA B 193 13.50 -17.97 -11.53
N ALA B 194 14.55 -17.43 -12.17
CA ALA B 194 14.53 -17.19 -13.60
C ALA B 194 14.62 -18.48 -14.40
N GLN B 195 14.89 -19.62 -13.74
CA GLN B 195 15.03 -20.90 -14.42
C GLN B 195 13.84 -21.82 -14.19
N LEU B 196 12.79 -21.35 -13.53
CA LEU B 196 11.71 -22.24 -13.11
C LEU B 196 10.99 -22.87 -14.30
N ASP B 197 10.66 -22.06 -15.31
CA ASP B 197 9.96 -22.60 -16.47
C ASP B 197 10.86 -23.50 -17.31
N THR B 198 12.18 -23.33 -17.23
CA THR B 198 13.08 -24.26 -17.89
C THR B 198 13.09 -25.60 -17.18
N LEU B 199 13.21 -25.59 -15.85
CA LEU B 199 13.18 -26.83 -15.09
C LEU B 199 11.81 -27.49 -15.14
N ALA B 200 10.75 -26.69 -15.31
CA ALA B 200 9.41 -27.27 -15.46
C ALA B 200 9.30 -28.05 -16.77
N ARG B 201 9.93 -27.55 -17.83
CA ARG B 201 9.92 -28.28 -19.10
C ARG B 201 10.75 -29.55 -19.01
N GLN B 202 11.87 -29.50 -18.28
CA GLN B 202 12.70 -30.68 -18.10
C GLN B 202 11.93 -31.79 -17.38
N GLU B 203 11.20 -31.43 -16.32
CA GLU B 203 10.49 -32.42 -15.53
C GLU B 203 9.30 -32.99 -16.29
N LEU B 204 8.68 -32.20 -17.16
CA LEU B 204 7.54 -32.70 -17.93
C LEU B 204 7.95 -33.81 -18.87
N ALA B 205 9.13 -33.69 -19.49
CA ALA B 205 9.63 -34.75 -20.35
C ALA B 205 10.06 -35.97 -19.54
N ALA B 206 10.68 -35.74 -18.38
CA ALA B 206 11.12 -36.86 -17.54
C ALA B 206 9.94 -37.69 -17.06
N GLY B 207 8.88 -37.03 -16.60
CA GLY B 207 7.70 -37.77 -16.16
C GLY B 207 7.00 -38.47 -17.31
N LEU B 208 6.98 -37.84 -18.49
CA LEU B 208 6.35 -38.46 -19.65
C LEU B 208 7.11 -39.70 -20.10
N ARG B 209 8.45 -39.65 -20.05
CA ARG B 209 9.24 -40.83 -20.38
C ARG B 209 9.05 -41.93 -19.35
N THR B 210 9.02 -41.57 -18.07
CA THR B 210 8.77 -42.56 -17.02
C THR B 210 7.38 -43.15 -17.15
N TYR B 211 6.39 -42.33 -17.48
CA TYR B 211 5.03 -42.83 -17.72
C TYR B 211 5.03 -43.86 -18.83
N LEU B 212 5.81 -43.62 -19.90
CA LEU B 212 5.79 -44.51 -21.03
C LEU B 212 6.65 -45.75 -20.84
N ALA B 213 7.59 -45.72 -19.90
CA ALA B 213 8.34 -46.93 -19.56
C ALA B 213 7.42 -47.99 -18.96
N ALA B 214 6.43 -47.56 -18.19
CA ALA B 214 5.40 -48.43 -17.64
C ALA B 214 6.00 -49.58 -16.82
N GLU B 215 6.93 -49.22 -15.94
CA GLU B 215 7.55 -50.21 -15.07
C GLU B 215 6.54 -50.68 -14.01
N CYS B 216 6.91 -51.73 -13.29
CA CYS B 216 6.06 -52.30 -12.25
C CYS B 216 6.96 -53.00 -11.23
N GLY B 217 6.57 -52.92 -9.96
CA GLY B 217 7.39 -53.47 -8.90
C GLY B 217 6.54 -54.19 -7.86
N GLU B 218 7.24 -54.96 -7.02
CA GLU B 218 6.64 -55.72 -5.94
C GLU B 218 7.50 -55.55 -4.70
N THR B 219 6.86 -55.40 -3.55
CA THR B 219 7.58 -55.26 -2.29
C THR B 219 6.77 -55.88 -1.17
N GLU B 220 7.45 -56.61 -0.29
CA GLU B 220 6.83 -57.31 0.83
C GLU B 220 7.04 -56.50 2.10
N THR B 221 5.95 -56.06 2.71
CA THR B 221 5.96 -55.25 3.92
C THR B 221 5.08 -55.91 4.97
N PRO B 222 5.26 -55.55 6.24
CA PRO B 222 4.35 -56.05 7.29
C PRO B 222 2.89 -55.66 7.07
N ALA B 223 2.61 -54.70 6.18
CA ALA B 223 1.25 -54.31 5.85
C ALA B 223 0.71 -55.05 4.63
N GLY B 224 1.45 -56.02 4.11
CA GLY B 224 1.06 -56.79 2.95
C GLY B 224 2.01 -56.58 1.79
N ARG B 225 1.72 -57.31 0.71
CA ARG B 225 2.47 -57.15 -0.53
C ARG B 225 1.91 -55.95 -1.29
N ILE B 226 2.79 -55.05 -1.70
CA ILE B 226 2.41 -53.84 -2.42
C ILE B 226 2.84 -54.00 -3.87
N VAL B 227 1.87 -53.94 -4.78
CA VAL B 227 2.12 -54.07 -6.21
C VAL B 227 1.69 -52.77 -6.88
N TRP B 228 2.59 -52.20 -7.68
CA TRP B 228 2.32 -50.96 -8.39
C TRP B 228 2.65 -51.14 -9.87
N ALA B 229 1.84 -50.51 -10.73
CA ALA B 229 2.03 -50.57 -12.17
C ALA B 229 1.89 -49.18 -12.76
N ASN B 230 2.91 -48.75 -13.49
CA ASN B 230 2.93 -47.44 -14.12
C ASN B 230 2.47 -47.54 -15.57
N GLY B 231 2.12 -46.38 -16.13
CA GLY B 231 1.96 -46.26 -17.56
C GLY B 231 0.52 -46.34 -18.06
N PRO B 232 0.38 -46.46 -19.38
CA PRO B 232 -0.98 -46.53 -19.96
C PRO B 232 -1.74 -47.78 -19.58
N GLN B 233 -1.05 -48.83 -19.13
CA GLN B 233 -1.69 -50.06 -18.69
C GLN B 233 -2.27 -49.96 -17.28
N SER B 234 -1.95 -48.90 -16.55
CA SER B 234 -2.32 -48.83 -15.13
C SER B 234 -3.83 -48.75 -14.95
N VAL B 235 -4.48 -47.84 -15.66
CA VAL B 235 -5.92 -47.64 -15.53
C VAL B 235 -6.68 -48.87 -16.02
N PRO B 236 -6.30 -49.50 -17.15
CA PRO B 236 -6.92 -50.81 -17.48
C PRO B 236 -6.77 -51.84 -16.39
N LEU B 237 -5.57 -51.98 -15.82
CA LEU B 237 -5.37 -52.96 -14.75
C LEU B 237 -6.20 -52.61 -13.52
N LEU B 238 -6.37 -51.32 -13.25
CA LEU B 238 -7.18 -50.91 -12.09
C LEU B 238 -8.64 -51.30 -12.27
N VAL B 239 -9.17 -51.14 -13.49
CA VAL B 239 -10.58 -51.45 -13.72
C VAL B 239 -10.83 -52.95 -13.59
N GLU B 240 -9.92 -53.78 -14.11
CA GLU B 240 -10.11 -55.23 -14.02
C GLU B 240 -10.07 -55.68 -12.57
N ARG B 241 -9.24 -55.05 -11.74
CA ARG B 241 -9.22 -55.38 -10.33
C ARG B 241 -10.43 -54.81 -9.61
N LEU B 242 -10.87 -53.61 -9.99
CA LEU B 242 -12.06 -53.02 -9.39
C LEU B 242 -13.31 -53.83 -9.68
N ARG B 243 -13.31 -54.64 -10.75
CA ARG B 243 -14.45 -55.48 -11.04
C ARG B 243 -14.68 -56.54 -9.97
N GLY B 244 -13.64 -56.88 -9.19
CA GLY B 244 -13.80 -57.84 -8.12
C GLY B 244 -14.69 -57.39 -6.99
N TRP B 245 -14.90 -56.07 -6.87
CA TRP B 245 -15.71 -55.51 -5.79
C TRP B 245 -17.16 -55.32 -6.18
N ASP B 246 -17.61 -55.98 -7.25
CA ASP B 246 -18.99 -55.83 -7.69
C ASP B 246 -19.98 -56.52 -6.75
N TYR B 247 -19.49 -57.31 -5.79
CA TYR B 247 -20.35 -57.94 -4.79
C TYR B 247 -20.99 -56.92 -3.86
N LEU B 248 -20.49 -55.68 -3.83
CA LEU B 248 -21.03 -54.68 -2.92
C LEU B 248 -22.44 -54.26 -3.30
N CYS B 249 -22.79 -54.38 -4.59
CA CYS B 249 -24.11 -53.89 -5.03
C CYS B 249 -25.25 -54.70 -4.45
N PRO B 250 -25.27 -56.04 -4.55
CA PRO B 250 -26.34 -56.79 -3.86
C PRO B 250 -26.18 -56.77 -2.35
N LEU B 251 -24.94 -56.70 -1.85
CA LEU B 251 -24.71 -56.75 -0.41
C LEU B 251 -25.23 -55.49 0.28
N ALA B 252 -24.96 -54.32 -0.28
CA ALA B 252 -25.42 -53.07 0.30
C ALA B 252 -26.92 -52.89 0.25
N ALA B 253 -27.66 -53.84 -0.31
CA ALA B 253 -29.12 -53.81 -0.32
C ALA B 253 -29.74 -54.80 0.65
N ARG B 254 -29.02 -55.83 1.07
CA ARG B 254 -29.54 -56.78 2.06
C ARG B 254 -29.74 -56.08 3.39
N ASN B 255 -30.99 -56.06 3.86
CA ASN B 255 -31.29 -55.53 5.18
C ASN B 255 -31.16 -56.63 6.23
N ASP B 256 -30.80 -56.24 7.44
CA ASP B 256 -30.39 -57.17 8.49
C ASP B 256 -29.24 -58.05 7.98
N LEU B 257 -28.11 -57.39 7.78
CA LEU B 257 -26.93 -58.00 7.17
C LEU B 257 -25.83 -58.27 8.20
N SER B 258 -26.23 -58.75 9.37
CA SER B 258 -25.31 -59.10 10.46
C SER B 258 -24.51 -57.84 10.84
N THR B 259 -23.29 -58.01 11.32
CA THR B 259 -22.41 -56.90 11.62
C THR B 259 -21.06 -56.96 10.93
N GLU B 260 -20.62 -58.13 10.46
CA GLU B 260 -19.40 -58.22 9.67
C GLU B 260 -19.66 -57.93 8.20
N HIS B 261 -20.84 -58.31 7.69
CA HIS B 261 -21.20 -57.94 6.33
C HIS B 261 -21.50 -56.46 6.23
N ALA B 262 -21.98 -55.85 7.32
CA ALA B 262 -22.09 -54.40 7.35
C ALA B 262 -20.71 -53.74 7.36
N ARG B 263 -19.70 -54.45 7.84
CA ARG B 263 -18.34 -53.93 7.79
C ARG B 263 -17.77 -53.99 6.37
N ASP B 264 -18.04 -55.08 5.64
CA ASP B 264 -17.57 -55.19 4.27
C ASP B 264 -18.15 -54.09 3.39
N VAL B 265 -19.43 -53.77 3.58
CA VAL B 265 -20.05 -52.68 2.82
C VAL B 265 -19.40 -51.35 3.17
N ALA B 266 -19.17 -51.12 4.47
CA ALA B 266 -18.56 -49.87 4.90
C ALA B 266 -17.13 -49.74 4.41
N LEU B 267 -16.40 -50.84 4.31
CA LEU B 267 -15.02 -50.77 3.84
C LEU B 267 -14.95 -50.75 2.31
N GLY B 268 -15.87 -51.45 1.64
CA GLY B 268 -15.93 -51.35 0.20
C GLY B 268 -16.39 -49.97 -0.26
N ARG B 269 -17.37 -49.40 0.43
CA ARG B 269 -17.77 -48.03 0.15
C ARG B 269 -16.61 -47.07 0.41
N TYR B 270 -15.85 -47.30 1.47
CA TYR B 270 -14.70 -46.45 1.77
C TYR B 270 -13.61 -46.59 0.71
N LEU B 271 -13.48 -47.78 0.11
CA LEU B 271 -12.47 -47.98 -0.92
C LEU B 271 -12.73 -47.09 -2.14
N PHE B 272 -14.01 -46.92 -2.51
CA PHE B 272 -14.35 -46.11 -3.66
C PHE B 272 -14.36 -44.63 -3.34
N LEU B 273 -14.62 -44.27 -2.07
CA LEU B 273 -14.52 -42.86 -1.68
C LEU B 273 -13.07 -42.37 -1.76
N ALA B 274 -12.13 -43.19 -1.32
CA ALA B 274 -10.72 -42.83 -1.45
C ALA B 274 -10.31 -42.77 -2.91
N LEU B 275 -10.78 -43.72 -3.72
CA LEU B 275 -10.48 -43.70 -5.15
C LEU B 275 -11.07 -42.46 -5.83
N THR B 276 -12.24 -42.02 -5.38
CA THR B 276 -12.85 -40.82 -5.95
C THR B 276 -11.96 -39.60 -5.73
N ASP B 277 -11.33 -39.51 -4.56
CA ASP B 277 -10.45 -38.37 -4.28
C ASP B 277 -9.20 -38.40 -5.16
N GLU B 278 -8.71 -39.58 -5.51
CA GLU B 278 -7.55 -39.67 -6.38
C GLU B 278 -7.89 -39.28 -7.81
N LEU B 279 -9.10 -39.61 -8.27
CA LEU B 279 -9.53 -39.14 -9.59
C LEU B 279 -9.67 -37.64 -9.62
N ALA B 280 -10.18 -37.05 -8.54
CA ALA B 280 -10.27 -35.59 -8.46
C ALA B 280 -8.90 -34.95 -8.49
N PHE B 281 -7.89 -35.61 -7.90
CA PHE B 281 -6.53 -35.09 -8.01
C PHE B 281 -5.99 -35.25 -9.42
N ALA B 282 -6.35 -36.35 -10.10
CA ALA B 282 -5.88 -36.57 -11.45
C ALA B 282 -6.33 -35.46 -12.38
N ALA B 283 -7.61 -35.06 -12.28
CA ALA B 283 -8.10 -33.94 -13.09
C ALA B 283 -7.40 -32.64 -12.71
N TYR B 284 -7.07 -32.48 -11.43
CA TYR B 284 -6.37 -31.29 -10.97
C TYR B 284 -4.95 -31.25 -11.53
N ALA B 285 -4.27 -32.40 -11.56
CA ALA B 285 -2.92 -32.45 -12.09
C ALA B 285 -2.92 -32.27 -13.62
N ARG B 286 -3.87 -32.90 -14.31
CA ARG B 286 -3.96 -32.74 -15.76
C ARG B 286 -4.25 -31.30 -16.14
N ALA B 287 -5.17 -30.66 -15.41
CA ALA B 287 -5.46 -29.24 -15.66
C ALA B 287 -4.23 -28.38 -15.41
N GLY B 288 -3.39 -28.76 -14.44
CA GLY B 288 -2.12 -28.06 -14.26
C GLY B 288 -1.15 -28.32 -15.38
N THR B 289 -1.23 -29.48 -16.01
CA THR B 289 -0.41 -29.75 -17.19
C THR B 289 -0.86 -28.94 -18.39
N LEU B 290 -2.16 -28.66 -18.50
CA LEU B 290 -2.67 -27.87 -19.62
C LEU B 290 -2.21 -26.42 -19.54
N ARG B 291 -2.24 -25.83 -18.35
CA ARG B 291 -1.72 -24.49 -18.18
C ARG B 291 -0.21 -24.44 -18.35
N LEU B 292 0.48 -25.55 -18.13
CA LEU B 292 1.92 -25.60 -18.39
C LEU B 292 2.22 -25.75 -19.87
N VAL B 293 1.38 -26.50 -20.60
CA VAL B 293 1.67 -26.74 -22.01
C VAL B 293 1.38 -25.50 -22.85
N GLU B 294 0.45 -24.63 -22.40
CA GLU B 294 0.21 -23.39 -23.10
C GLU B 294 1.25 -22.33 -22.74
N GLY B 295 1.54 -22.20 -21.44
CA GLY B 295 2.57 -21.27 -21.01
C GLY B 295 3.90 -21.52 -21.69
N LEU B 296 4.22 -22.79 -21.94
CA LEU B 296 5.40 -23.15 -22.72
C LEU B 296 5.17 -23.02 -24.21
N GLY B 297 3.93 -22.78 -24.64
CA GLY B 297 3.64 -22.59 -26.05
C GLY B 297 3.59 -23.87 -26.86
N LEU B 298 3.06 -24.95 -26.30
CA LEU B 298 3.03 -26.25 -26.96
C LEU B 298 1.62 -26.77 -27.16
N ALA B 299 0.60 -25.90 -27.05
CA ALA B 299 -0.78 -26.35 -27.24
C ALA B 299 -1.00 -26.89 -28.64
N GLY B 300 -0.39 -26.26 -29.64
CA GLY B 300 -0.39 -26.84 -30.97
C GLY B 300 0.36 -28.16 -30.99
N ALA B 301 -0.06 -29.03 -31.91
CA ALA B 301 0.35 -30.43 -32.02
C ALA B 301 -0.18 -31.30 -30.90
N VAL B 302 -0.92 -30.73 -29.95
CA VAL B 302 -1.63 -31.49 -28.92
C VAL B 302 -2.98 -30.82 -28.73
N GLY B 303 -3.45 -30.13 -29.76
CA GLY B 303 -4.72 -29.44 -29.67
C GLY B 303 -5.90 -30.39 -29.67
N GLY B 304 -6.94 -30.00 -28.93
CA GLY B 304 -8.17 -30.77 -28.82
C GLY B 304 -8.22 -31.76 -27.67
N LEU B 305 -7.09 -32.36 -27.34
CA LEU B 305 -7.05 -33.36 -26.28
C LEU B 305 -7.33 -32.70 -24.93
N ARG B 306 -8.26 -33.28 -24.18
CA ARG B 306 -8.69 -32.76 -22.88
C ARG B 306 -8.68 -33.91 -21.88
N PRO B 307 -7.49 -34.32 -21.42
CA PRO B 307 -7.45 -35.36 -20.38
C PRO B 307 -7.99 -34.88 -19.04
N ASP B 308 -7.85 -33.59 -18.74
CA ASP B 308 -8.41 -33.05 -17.51
C ASP B 308 -9.93 -33.20 -17.49
N GLU B 309 -10.59 -33.04 -18.64
CA GLU B 309 -12.02 -33.25 -18.70
C GLU B 309 -12.38 -34.73 -18.64
N ALA B 310 -11.54 -35.58 -19.23
CA ALA B 310 -11.79 -37.03 -19.15
C ALA B 310 -11.67 -37.52 -17.72
N TRP B 311 -10.71 -36.99 -16.96
CA TRP B 311 -10.59 -37.35 -15.56
C TRP B 311 -11.66 -36.69 -14.70
N ARG B 312 -12.15 -35.52 -15.11
CA ARG B 312 -13.25 -34.89 -14.41
C ARG B 312 -14.53 -35.71 -14.51
N LEU B 313 -14.75 -36.37 -15.65
CA LEU B 313 -15.93 -37.23 -15.78
C LEU B 313 -15.81 -38.47 -14.92
N ALA B 314 -14.63 -39.10 -14.91
CA ALA B 314 -14.43 -40.26 -14.05
C ALA B 314 -14.57 -39.89 -12.58
N TRP B 315 -14.18 -38.67 -12.22
CA TRP B 315 -14.34 -38.21 -10.83
C TRP B 315 -15.82 -38.08 -10.48
N ARG B 316 -16.59 -37.35 -11.31
CA ARG B 316 -18.02 -37.22 -11.06
C ARG B 316 -18.73 -38.56 -11.13
N SER B 317 -18.25 -39.47 -11.97
CA SER B 317 -18.82 -40.81 -12.03
C SER B 317 -18.58 -41.57 -10.73
N GLY B 318 -17.38 -41.44 -10.16
CA GLY B 318 -17.12 -42.03 -8.86
C GLY B 318 -17.89 -41.37 -7.74
N GLN B 319 -18.15 -40.07 -7.87
CA GLN B 319 -18.99 -39.38 -6.89
C GLN B 319 -20.41 -39.94 -6.90
N LYS B 320 -20.94 -40.21 -8.10
CA LYS B 320 -22.28 -40.77 -8.21
C LYS B 320 -22.34 -42.19 -7.63
N LEU B 321 -21.22 -42.91 -7.67
CA LEU B 321 -21.22 -44.29 -7.20
C LEU B 321 -21.43 -44.37 -5.68
N TYR B 322 -20.84 -43.44 -4.93
CA TYR B 322 -21.03 -43.46 -3.48
C TYR B 322 -22.48 -43.22 -3.10
N ARG B 323 -23.15 -42.28 -3.80
CA ARG B 323 -24.51 -41.92 -3.44
C ARG B 323 -25.51 -43.01 -3.79
N ARG B 324 -25.20 -43.87 -4.76
CA ARG B 324 -26.02 -45.03 -5.06
C ARG B 324 -25.12 -46.13 -5.60
N LEU B 325 -25.04 -47.23 -4.86
CA LEU B 325 -24.07 -48.29 -5.14
C LEU B 325 -24.73 -49.42 -5.92
N ASP B 326 -24.98 -49.16 -7.20
CA ASP B 326 -25.57 -50.14 -8.10
C ASP B 326 -24.62 -50.44 -9.25
N ARG B 327 -25.00 -51.45 -10.05
CA ARG B 327 -24.16 -51.87 -11.16
C ARG B 327 -24.14 -50.85 -12.29
N GLN B 328 -25.22 -50.08 -12.45
CA GLN B 328 -25.26 -49.07 -13.51
C GLN B 328 -24.20 -48.00 -13.28
N ASN B 329 -24.05 -47.56 -12.04
CA ASN B 329 -23.03 -46.55 -11.73
C ASN B 329 -21.63 -47.15 -11.76
N LEU B 330 -21.50 -48.40 -11.31
CA LEU B 330 -20.19 -49.06 -11.33
C LEU B 330 -19.67 -49.23 -12.75
N SER B 331 -20.57 -49.55 -13.69
CA SER B 331 -20.17 -49.66 -15.08
C SER B 331 -19.85 -48.29 -15.67
N ALA B 332 -20.59 -47.26 -15.25
CA ALA B 332 -20.32 -45.91 -15.73
C ALA B 332 -18.96 -45.42 -15.24
N LEU B 333 -18.59 -45.77 -14.00
CA LEU B 333 -17.26 -45.43 -13.50
C LEU B 333 -16.17 -46.14 -14.32
N PHE B 334 -16.40 -47.41 -14.66
CA PHE B 334 -15.44 -48.14 -15.48
C PHE B 334 -15.35 -47.54 -16.87
N SER B 335 -16.49 -47.16 -17.45
CA SER B 335 -16.49 -46.52 -18.76
C SER B 335 -15.63 -45.28 -18.75
N ALA B 336 -15.94 -44.32 -17.87
CA ALA B 336 -15.19 -43.07 -17.83
C ALA B 336 -13.72 -43.30 -17.48
N LEU B 337 -13.43 -44.29 -16.65
CA LEU B 337 -12.03 -44.59 -16.32
C LEU B 337 -11.27 -45.07 -17.56
N GLU B 338 -11.89 -45.99 -18.32
CA GLU B 338 -11.25 -46.46 -19.55
C GLU B 338 -11.16 -45.35 -20.58
N LYS B 339 -12.18 -44.50 -20.69
CA LYS B 339 -12.13 -43.39 -21.62
C LYS B 339 -10.99 -42.44 -21.27
N ALA B 340 -10.81 -42.15 -19.98
CA ALA B 340 -9.71 -41.29 -19.56
C ALA B 340 -8.35 -41.93 -19.83
N ALA B 341 -8.29 -43.27 -19.80
CA ALA B 341 -7.04 -43.95 -20.13
C ALA B 341 -6.71 -43.79 -21.61
N GLU B 342 -7.73 -43.77 -22.47
CA GLU B 342 -7.49 -43.60 -23.90
C GLU B 342 -6.92 -42.22 -24.19
N VAL B 343 -7.50 -41.18 -23.59
CA VAL B 343 -7.02 -39.82 -23.83
C VAL B 343 -5.65 -39.61 -23.20
N ASP B 344 -5.37 -40.28 -22.08
CA ASP B 344 -4.10 -40.08 -21.39
C ASP B 344 -2.92 -40.48 -22.26
N VAL B 345 -2.96 -41.69 -22.82
CA VAL B 345 -1.85 -42.17 -23.64
C VAL B 345 -1.73 -41.37 -24.92
N GLU B 346 -2.86 -40.92 -25.50
CA GLU B 346 -2.81 -40.12 -26.71
C GLU B 346 -2.13 -38.77 -26.45
N TYR B 347 -2.53 -38.09 -25.38
CA TYR B 347 -1.92 -36.82 -25.02
C TYR B 347 -0.44 -36.98 -24.71
N ALA B 348 -0.09 -38.04 -23.98
CA ALA B 348 1.29 -38.23 -23.54
C ALA B 348 2.23 -38.46 -24.71
N ARG B 349 1.81 -39.25 -25.70
CA ARG B 349 2.69 -39.56 -26.81
C ARG B 349 2.89 -38.36 -27.73
N ARG B 350 1.84 -37.57 -27.94
CA ARG B 350 1.98 -36.37 -28.78
C ARG B 350 2.87 -35.33 -28.11
N LEU B 351 2.73 -35.15 -26.79
CA LEU B 351 3.50 -34.12 -26.10
C LEU B 351 4.99 -34.47 -26.07
N LEU B 352 5.33 -35.73 -25.78
CA LEU B 352 6.73 -36.11 -25.69
C LEU B 352 7.45 -35.96 -27.02
N LYS B 353 6.73 -36.10 -28.14
CA LYS B 353 7.34 -35.93 -29.45
C LYS B 353 7.77 -34.48 -29.67
N GLU B 354 6.95 -33.52 -29.22
CA GLU B 354 7.25 -32.11 -29.45
C GLU B 354 8.29 -31.55 -28.50
N LEU B 355 8.70 -32.30 -27.47
CA LEU B 355 9.71 -31.82 -26.54
C LEU B 355 11.12 -31.94 -27.10
N LYS B 356 11.29 -32.48 -28.31
CA LYS B 356 12.59 -32.42 -28.97
C LYS B 356 12.79 -31.07 -29.66
N LEU B 357 11.74 -30.56 -30.30
CA LEU B 357 11.80 -29.30 -31.03
C LEU B 357 12.17 -28.14 -30.12
N GLN C 10 -9.58 40.11 1.04
CA GLN C 10 -9.63 41.21 2.00
C GLN C 10 -9.09 40.78 3.37
N THR C 11 -9.45 39.58 3.80
CA THR C 11 -8.98 39.04 5.07
C THR C 11 -7.64 38.36 4.88
N LEU C 12 -6.75 38.51 5.87
CA LEU C 12 -5.43 37.92 5.79
C LEU C 12 -5.50 36.41 6.02
N HIS C 13 -4.48 35.72 5.53
CA HIS C 13 -4.43 34.26 5.62
C HIS C 13 -2.98 33.80 5.66
N ALA C 14 -2.81 32.54 6.03
CA ALA C 14 -1.48 31.94 6.19
C ALA C 14 -1.62 30.43 6.08
N PRO C 15 -0.51 29.71 5.81
CA PRO C 15 -0.62 28.24 5.72
C PRO C 15 -1.11 27.58 6.99
N HIS C 16 -0.84 28.16 8.16
CA HIS C 16 -1.36 27.65 9.42
C HIS C 16 -2.51 28.55 9.88
N CYS C 17 -3.63 27.93 10.25
CA CYS C 17 -4.84 28.68 10.54
C CYS C 17 -4.64 29.64 11.71
N GLU C 18 -3.97 29.20 12.77
CA GLU C 18 -3.72 30.06 13.91
C GLU C 18 -2.79 31.22 13.56
N VAL C 19 -1.97 31.08 12.53
CA VAL C 19 -1.08 32.16 12.13
C VAL C 19 -1.83 33.22 11.35
N GLY C 20 -2.63 32.79 10.35
CA GLY C 20 -3.44 33.74 9.62
C GLY C 20 -4.48 34.41 10.49
N CYS C 21 -4.98 33.70 11.51
CA CYS C 21 -5.90 34.30 12.46
C CYS C 21 -5.24 35.44 13.23
N ALA C 22 -4.01 35.22 13.68
CA ALA C 22 -3.28 36.27 14.40
C ALA C 22 -2.94 37.43 13.48
N ALA C 23 -2.77 37.18 12.18
CA ALA C 23 -2.49 38.25 11.25
C ALA C 23 -3.68 39.20 11.10
N ASN C 24 -4.89 38.65 11.12
CA ASN C 24 -6.08 39.50 11.05
C ASN C 24 -6.23 40.33 12.33
N VAL C 25 -5.93 39.74 13.48
CA VAL C 25 -6.01 40.49 14.73
C VAL C 25 -4.89 41.53 14.80
N ALA C 26 -3.70 41.20 14.29
CA ALA C 26 -2.60 42.15 14.31
C ALA C 26 -2.87 43.36 13.42
N ARG C 27 -3.64 43.17 12.35
CA ARG C 27 -3.99 44.30 11.48
C ARG C 27 -4.95 45.25 12.19
N ARG C 28 -5.73 44.75 13.15
CA ARG C 28 -6.64 45.61 13.89
C ARG C 28 -5.91 46.72 14.64
N VAL C 29 -4.66 46.47 15.03
CA VAL C 29 -3.93 47.39 15.90
C VAL C 29 -2.66 47.93 15.22
N GLY C 30 -2.57 47.82 13.90
CA GLY C 30 -1.51 48.45 13.15
C GLY C 30 -0.24 47.64 12.99
N VAL C 31 -0.20 46.40 13.47
CA VAL C 31 0.99 45.56 13.34
C VAL C 31 0.86 44.73 12.07
N ASP C 32 1.95 44.63 11.33
CA ASP C 32 2.04 43.76 10.16
C ASP C 32 2.70 42.46 10.62
N LEU C 33 1.87 41.45 10.88
CA LEU C 33 2.38 40.21 11.47
C LEU C 33 3.38 39.53 10.54
N ALA C 34 3.03 39.41 9.25
CA ALA C 34 3.88 38.67 8.32
C ALA C 34 5.24 39.33 8.15
N ARG C 35 5.27 40.66 8.09
CA ARG C 35 6.51 41.38 7.83
C ARG C 35 7.26 41.76 9.10
N GLN C 36 6.56 42.33 10.08
CA GLN C 36 7.21 42.87 11.26
C GLN C 36 7.42 41.86 12.38
N VAL C 37 6.69 40.75 12.37
CA VAL C 37 6.77 39.79 13.47
C VAL C 37 7.34 38.47 12.96
N ILE C 38 6.61 37.81 12.06
CA ILE C 38 7.07 36.54 11.53
C ILE C 38 8.27 36.74 10.61
N GLY C 39 8.22 37.77 9.76
CA GLY C 39 9.37 38.10 8.94
C GLY C 39 10.57 38.55 9.73
N ALA C 40 10.38 38.98 10.98
CA ALA C 40 11.48 39.40 11.83
C ALA C 40 12.13 38.24 12.58
N HIS C 41 11.56 37.04 12.52
CA HIS C 41 12.11 35.88 13.22
C HIS C 41 12.56 34.86 12.19
N TRP C 42 13.84 34.92 11.82
CA TRP C 42 14.45 33.99 10.88
C TRP C 42 14.89 32.75 11.65
N ALA C 43 14.30 31.60 11.31
CA ALA C 43 14.60 30.37 12.01
C ALA C 43 14.49 29.18 11.06
N SER C 44 15.22 28.12 11.37
CA SER C 44 15.18 26.87 10.63
C SER C 44 15.53 25.76 11.60
N ARG C 45 14.66 24.76 11.72
CA ARG C 45 14.81 23.76 12.76
C ARG C 45 14.21 22.43 12.32
N MSE C 46 14.97 21.36 12.48
CA MSE C 46 14.45 20.01 12.30
C MSE C 46 14.17 19.42 13.68
O MSE C 46 14.90 19.66 14.63
CB MSE C 46 15.43 19.14 11.51
CG MSE C 46 16.67 18.72 12.29
SE MSE C 46 16.53 16.93 13.07
CE MSE C 46 16.48 15.88 11.43
N LEU C 47 13.08 18.66 13.79
CA LEU C 47 12.70 18.05 15.05
C LEU C 47 12.40 16.57 14.84
N VAL C 48 12.77 15.75 15.82
CA VAL C 48 12.58 14.31 15.77
C VAL C 48 11.98 13.86 17.09
N ARG C 49 10.92 13.06 17.02
CA ARG C 49 10.40 12.32 18.15
C ARG C 49 10.75 10.85 17.95
N GLU C 50 11.56 10.30 18.85
CA GLU C 50 12.06 8.94 18.69
C GLU C 50 12.19 8.29 20.05
N VAL C 51 12.64 7.03 20.04
CA VAL C 51 12.73 6.23 21.26
C VAL C 51 13.83 6.79 22.15
N GLY C 52 13.49 7.07 23.41
CA GLY C 52 14.46 7.47 24.39
C GLY C 52 14.56 6.48 25.53
N THR C 53 14.33 6.95 26.75
CA THR C 53 14.37 6.10 27.93
C THR C 53 13.00 5.49 28.19
N PHE C 54 12.97 4.18 28.39
CA PHE C 54 11.73 3.53 28.78
C PHE C 54 11.35 3.94 30.21
N PRO C 55 10.06 4.16 30.49
CA PRO C 55 8.94 4.05 29.56
C PRO C 55 8.51 5.38 28.95
N GLN C 56 7.95 5.32 27.74
CA GLN C 56 7.42 6.50 27.06
C GLN C 56 6.11 6.08 26.39
N PRO C 57 5.00 6.09 27.14
CA PRO C 57 3.76 5.49 26.62
C PRO C 57 3.11 6.30 25.50
N LEU C 58 3.37 7.60 25.41
CA LEU C 58 2.75 8.43 24.38
C LEU C 58 3.51 8.42 23.08
N LEU C 59 4.62 7.68 22.99
CA LEU C 59 5.40 7.59 21.76
C LEU C 59 4.80 6.49 20.90
N ASP C 60 4.03 6.89 19.89
CA ASP C 60 3.37 5.93 19.00
C ASP C 60 4.24 5.54 17.81
N ARG C 61 5.11 6.43 17.35
CA ARG C 61 5.96 6.16 16.21
C ARG C 61 7.07 7.19 16.14
N THR C 62 8.17 6.82 15.50
CA THR C 62 9.21 7.79 15.19
C THR C 62 8.66 8.82 14.21
N GLN C 63 8.98 10.08 14.45
CA GLN C 63 8.39 11.17 13.69
C GLN C 63 9.40 12.29 13.53
N VAL C 64 9.52 12.81 12.31
CA VAL C 64 10.43 13.91 12.00
C VAL C 64 9.66 14.97 11.24
N THR C 65 9.95 16.23 11.53
CA THR C 65 9.29 17.35 10.87
C THR C 65 10.25 18.54 10.83
N PHE C 66 9.80 19.61 10.18
CA PHE C 66 10.56 20.84 10.04
C PHE C 66 9.76 21.99 10.65
N SER C 67 10.47 23.06 11.01
CA SER C 67 9.81 24.25 11.56
C SER C 67 10.65 25.48 11.27
N ALA C 68 10.02 26.49 10.66
CA ALA C 68 10.63 27.80 10.48
C ALA C 68 10.04 28.85 11.41
N GLN C 69 9.31 28.40 12.45
CA GLN C 69 8.60 29.31 13.34
C GLN C 69 9.48 29.85 14.46
N GLY C 70 10.51 29.11 14.86
CA GLY C 70 11.36 29.58 15.95
C GLY C 70 10.62 29.62 17.26
N GLU C 71 10.81 30.72 18.00
CA GLU C 71 10.10 30.90 19.26
C GLU C 71 8.59 30.99 19.07
N GLY C 72 8.14 31.24 17.84
CA GLY C 72 6.71 31.34 17.56
C GLY C 72 6.20 32.76 17.69
N TRP C 73 5.14 33.05 16.94
CA TRP C 73 4.55 34.38 16.98
C TRP C 73 3.99 34.78 18.35
N PRO C 74 3.44 33.89 19.19
CA PRO C 74 2.95 34.38 20.49
C PRO C 74 4.03 34.99 21.36
N ALA C 75 5.25 34.45 21.30
CA ALA C 75 6.34 35.02 22.08
C ALA C 75 6.80 36.35 21.50
N LEU C 76 6.91 36.44 20.17
CA LEU C 76 7.40 37.67 19.55
C LEU C 76 6.33 38.75 19.51
N LEU C 77 5.08 38.38 19.23
CA LEU C 77 4.01 39.38 19.21
C LEU C 77 3.83 40.04 20.57
N ALA C 78 4.02 39.27 21.64
CA ALA C 78 3.83 39.81 22.99
C ALA C 78 4.91 40.82 23.33
N ARG C 79 6.18 40.42 23.24
CA ARG C 79 7.26 41.28 23.70
C ARG C 79 7.54 42.43 22.73
N MSE C 80 7.09 42.33 21.48
CA MSE C 80 7.30 43.43 20.53
C MSE C 80 6.27 44.54 20.73
O MSE C 80 6.63 45.71 20.85
CB MSE C 80 7.26 42.91 19.09
CG MSE C 80 8.62 42.75 18.45
SE MSE C 80 8.54 42.32 16.55
CE MSE C 80 7.88 44.03 15.89
N THR C 81 5.00 44.16 20.77
CA THR C 81 3.94 45.13 21.05
C THR C 81 3.87 45.51 22.53
N GLY C 82 4.48 44.71 23.41
CA GLY C 82 4.44 44.96 24.83
C GLY C 82 3.28 44.32 25.57
N GLY C 83 2.37 43.67 24.85
CA GLY C 83 1.19 43.09 25.47
C GLY C 83 1.36 41.64 25.85
N GLU C 84 0.24 40.91 25.85
CA GLU C 84 0.20 39.52 26.27
C GLU C 84 -0.61 38.68 25.29
N VAL C 85 -0.29 37.40 25.25
CA VAL C 85 -1.02 36.40 24.47
C VAL C 85 -1.20 35.21 25.40
N THR C 86 -2.39 35.07 25.98
CA THR C 86 -2.63 34.12 27.05
C THR C 86 -3.70 33.13 26.65
N SER C 87 -3.50 31.87 27.04
CA SER C 87 -4.51 30.83 26.88
C SER C 87 -5.37 30.75 28.14
N ARG C 88 -6.64 30.42 27.94
CA ARG C 88 -7.58 30.41 29.06
C ARG C 88 -8.80 29.56 28.71
N HIS C 89 -9.31 28.85 29.71
CA HIS C 89 -10.60 28.18 29.63
C HIS C 89 -11.62 29.05 30.36
N VAL C 90 -12.75 29.32 29.68
CA VAL C 90 -13.70 30.33 30.10
C VAL C 90 -15.06 29.66 30.30
N PRO C 91 -15.74 29.89 31.42
CA PRO C 91 -17.10 29.34 31.58
C PRO C 91 -18.05 29.87 30.51
N ARG C 92 -19.14 29.13 30.31
CA ARG C 92 -19.98 29.36 29.14
C ARG C 92 -20.62 30.74 29.13
N GLU C 93 -20.92 31.30 30.29
CA GLU C 93 -21.60 32.60 30.33
C GLU C 93 -20.66 33.75 30.01
N GLU C 94 -19.37 33.62 30.35
CA GLU C 94 -18.43 34.72 30.13
C GLU C 94 -17.98 34.83 28.68
N LEU C 95 -18.11 33.77 27.89
CA LEU C 95 -17.50 33.71 26.57
C LEU C 95 -17.86 34.93 25.72
N LEU C 96 -19.15 35.21 25.59
CA LEU C 96 -19.59 36.35 24.78
C LEU C 96 -19.03 37.66 25.31
N SER C 97 -18.94 37.80 26.64
CA SER C 97 -18.35 39.00 27.21
C SER C 97 -16.86 39.08 26.91
N THR C 98 -16.15 37.94 27.03
CA THR C 98 -14.72 37.93 26.74
C THR C 98 -14.45 38.24 25.28
N LEU C 99 -15.25 37.68 24.38
CA LEU C 99 -15.08 37.96 22.95
C LEU C 99 -15.26 39.43 22.65
N HIS C 100 -16.27 40.06 23.26
CA HIS C 100 -16.50 41.49 23.05
C HIS C 100 -15.38 42.33 23.69
N ALA C 101 -14.80 41.84 24.78
CA ALA C 101 -13.82 42.63 25.53
C ALA C 101 -12.49 42.69 24.80
N ASP C 102 -11.94 41.53 24.44
CA ASP C 102 -10.62 41.49 23.79
C ASP C 102 -10.60 42.20 22.45
N ARG C 103 -11.77 42.50 21.87
CA ARG C 103 -11.85 43.23 20.62
C ARG C 103 -11.23 44.62 20.72
N ALA C 104 -11.15 45.18 21.93
CA ALA C 104 -10.60 46.53 22.09
C ALA C 104 -9.09 46.54 21.96
N GLU C 105 -8.40 45.72 22.76
CA GLU C 105 -6.94 45.71 22.77
C GLU C 105 -6.35 44.64 21.85
N GLY C 106 -7.11 44.19 20.86
CA GLY C 106 -6.61 43.18 19.94
C GLY C 106 -7.68 42.26 19.42
N GLY C 107 -7.79 41.07 19.98
CA GLY C 107 -8.78 40.13 19.54
C GLY C 107 -8.71 38.83 20.30
N THR C 108 -9.37 37.81 19.75
CA THR C 108 -9.47 36.51 20.38
C THR C 108 -9.33 35.41 19.33
N LEU C 109 -8.60 34.37 19.67
CA LEU C 109 -8.55 33.14 18.88
C LEU C 109 -9.36 32.09 19.65
N LEU C 110 -10.50 31.71 19.09
CA LEU C 110 -11.42 30.80 19.75
C LEU C 110 -11.30 29.42 19.13
N PHE C 111 -11.16 28.40 19.98
CA PHE C 111 -10.90 27.05 19.52
C PHE C 111 -12.21 26.32 19.22
N MSE C 112 -12.15 25.42 18.25
CA MSE C 112 -13.32 24.73 17.75
C MSE C 112 -12.98 23.40 17.10
O MSE C 112 -11.95 23.28 16.43
CB MSE C 112 -14.05 25.62 16.72
CG MSE C 112 -15.55 25.68 16.90
SE MSE C 112 -16.35 27.03 15.75
CE MSE C 112 -15.96 28.59 16.84
N GLU C 113 -13.84 22.41 17.31
CA GLU C 113 -13.70 21.17 16.56
C GLU C 113 -14.04 21.41 15.10
N ASP C 114 -13.44 20.60 14.23
CA ASP C 114 -13.73 20.72 12.81
C ASP C 114 -15.20 20.47 12.51
N ARG C 115 -15.89 19.71 13.37
CA ARG C 115 -17.30 19.40 13.17
C ARG C 115 -18.18 20.64 13.23
N ALA C 116 -17.73 21.70 13.91
CA ALA C 116 -18.55 22.87 14.14
C ALA C 116 -18.44 23.92 13.04
N CYS C 117 -17.46 23.80 12.14
CA CYS C 117 -17.28 24.77 11.06
C CYS C 117 -17.81 24.18 9.77
N PRO C 118 -19.01 24.58 9.31
CA PRO C 118 -19.58 23.94 8.12
C PRO C 118 -18.78 24.15 6.85
N TRP C 119 -18.11 25.29 6.72
CA TRP C 119 -17.32 25.55 5.51
C TRP C 119 -16.14 24.59 5.39
N LEU C 120 -15.74 23.95 6.48
CA LEU C 120 -14.67 22.96 6.43
C LEU C 120 -15.13 21.62 5.88
N ASP C 121 -16.42 21.34 5.90
CA ASP C 121 -17.10 20.19 5.33
C ASP C 121 -16.92 18.92 6.19
N SER C 122 -15.97 18.89 7.12
CA SER C 122 -15.68 17.73 7.96
C SER C 122 -16.93 17.05 8.50
N ALA C 123 -17.66 17.73 9.38
CA ALA C 123 -18.98 17.30 9.85
C ALA C 123 -18.96 15.99 10.64
N HIS C 124 -18.43 14.92 10.05
CA HIS C 124 -18.49 13.60 10.66
C HIS C 124 -17.23 13.21 11.41
N SER C 125 -16.33 14.16 11.66
CA SER C 125 -15.12 13.87 12.43
C SER C 125 -14.60 15.18 13.01
N PRO C 126 -14.20 15.20 14.28
CA PRO C 126 -13.68 16.43 14.88
C PRO C 126 -12.25 16.77 14.50
N GLY C 127 -11.65 16.06 13.54
CA GLY C 127 -10.29 16.33 13.13
C GLY C 127 -9.27 15.77 14.09
N MSE C 128 -8.01 15.88 13.67
CA MSE C 128 -6.89 15.41 14.49
C MSE C 128 -6.49 16.44 15.53
O MSE C 128 -6.12 16.11 16.65
CB MSE C 128 -5.70 15.06 13.60
CG MSE C 128 -6.03 14.11 12.48
SE MSE C 128 -5.75 12.25 13.01
CE MSE C 128 -7.47 11.88 13.86
N LEU C 129 -6.59 17.71 15.15
CA LEU C 129 -6.32 18.83 16.02
C LEU C 129 -7.47 19.83 15.92
N PRO C 130 -7.75 20.55 17.01
CA PRO C 130 -8.84 21.53 16.97
C PRO C 130 -8.55 22.65 15.99
N HIS C 131 -9.62 23.28 15.51
CA HIS C 131 -9.51 24.42 14.61
C HIS C 131 -9.51 25.72 15.41
N VAL C 132 -9.27 26.82 14.70
CA VAL C 132 -9.16 28.14 15.30
C VAL C 132 -9.81 29.16 14.37
N VAL C 133 -10.72 29.97 14.93
CA VAL C 133 -11.34 31.08 14.20
C VAL C 133 -11.24 32.31 15.08
N VAL C 134 -11.52 33.47 14.46
CA VAL C 134 -11.48 34.75 15.17
C VAL C 134 -12.86 35.39 15.14
N PRO C 135 -13.52 35.55 16.29
CA PRO C 135 -14.76 36.34 16.32
C PRO C 135 -14.49 37.78 15.91
N ASP C 136 -15.31 38.29 14.99
CA ASP C 136 -15.11 39.61 14.41
C ASP C 136 -16.41 40.42 14.53
N GLY C 137 -16.82 40.64 15.78
CA GLY C 137 -18.00 41.44 16.05
C GLY C 137 -19.31 40.76 15.71
N VAL C 138 -20.41 41.43 16.06
CA VAL C 138 -21.75 40.93 15.80
C VAL C 138 -22.36 41.76 14.67
N ALA C 139 -22.95 41.07 13.70
CA ALA C 139 -23.57 41.75 12.57
C ALA C 139 -24.89 42.40 12.99
N PRO C 140 -25.36 43.38 12.22
CA PRO C 140 -26.71 43.91 12.46
C PRO C 140 -27.78 42.83 12.50
N ASP C 141 -27.57 41.72 11.79
CA ASP C 141 -28.46 40.57 11.87
C ASP C 141 -28.58 40.08 13.31
N GLY C 142 -27.48 40.14 14.07
CA GLY C 142 -27.42 39.58 15.39
C GLY C 142 -26.53 38.35 15.50
N SER C 143 -26.05 37.83 14.38
CA SER C 143 -25.15 36.69 14.38
C SER C 143 -23.69 37.16 14.33
N TRP C 144 -22.80 36.27 14.70
CA TRP C 144 -21.39 36.59 14.84
C TRP C 144 -20.65 36.42 13.52
N GLN C 145 -19.64 37.25 13.31
CA GLN C 145 -18.75 37.17 12.16
C GLN C 145 -17.46 36.49 12.60
N LEU C 146 -17.10 35.39 11.94
CA LEU C 146 -15.89 34.65 12.23
C LEU C 146 -14.97 34.66 11.02
N ILE C 147 -13.70 34.98 11.25
CA ILE C 147 -12.69 35.02 10.20
C ILE C 147 -11.95 33.69 10.20
N GLU C 148 -11.86 33.06 9.03
CA GLU C 148 -11.05 31.86 8.86
C GLU C 148 -9.66 32.25 8.37
N GLY C 149 -8.65 31.86 9.13
CA GLY C 149 -7.28 32.27 8.84
C GLY C 149 -6.52 31.40 7.86
N HIS C 150 -7.03 30.20 7.55
CA HIS C 150 -6.32 29.31 6.65
C HIS C 150 -6.50 29.76 5.20
N SER C 151 -5.44 29.56 4.41
CA SER C 151 -5.45 30.04 3.03
C SER C 151 -6.51 29.34 2.20
N TRP C 152 -6.77 28.05 2.47
CA TRP C 152 -7.70 27.30 1.64
C TRP C 152 -9.12 27.78 1.81
N TRP C 153 -9.52 28.13 3.04
CA TRP C 153 -10.88 28.55 3.33
C TRP C 153 -10.94 30.01 3.79
N ARG C 154 -10.03 30.85 3.30
CA ARG C 154 -9.98 32.23 3.75
C ARG C 154 -11.29 32.96 3.48
N GLY C 155 -11.62 33.89 4.37
CA GLY C 155 -12.83 34.68 4.26
C GLY C 155 -13.57 34.75 5.58
N ARG C 156 -14.71 35.45 5.54
CA ARG C 156 -15.56 35.64 6.71
C ARG C 156 -16.77 34.73 6.62
N TYR C 157 -17.22 34.23 7.77
CA TYR C 157 -18.36 33.34 7.85
C TYR C 157 -19.25 33.76 9.01
N ALA C 158 -20.56 33.71 8.79
CA ALA C 158 -21.53 34.11 9.81
C ALA C 158 -22.00 32.91 10.61
N MSE C 159 -22.08 33.07 11.92
CA MSE C 159 -22.57 32.02 12.80
C MSE C 159 -23.54 32.58 13.84
O MSE C 159 -23.29 33.65 14.41
CB MSE C 159 -21.41 31.31 13.50
CG MSE C 159 -21.80 29.97 14.12
SE MSE C 159 -20.28 28.95 14.79
CE MSE C 159 -20.98 27.15 14.53
N SER C 160 -24.62 31.86 14.08
CA SER C 160 -25.58 32.27 15.10
C SER C 160 -24.97 32.11 16.48
N GLU C 161 -25.44 32.93 17.43
CA GLU C 161 -24.93 32.87 18.79
C GLU C 161 -25.19 31.51 19.42
N GLN C 162 -26.35 30.91 19.12
CA GLN C 162 -26.65 29.58 19.64
C GLN C 162 -25.65 28.54 19.11
N ASP C 163 -25.23 28.69 17.86
CA ASP C 163 -24.27 27.75 17.29
C ASP C 163 -22.86 28.02 17.78
N LEU C 164 -22.50 29.30 17.97
CA LEU C 164 -21.18 29.63 18.48
C LEU C 164 -20.98 29.09 19.89
N LEU C 165 -22.03 29.11 20.70
CA LEU C 165 -21.91 28.63 22.08
C LEU C 165 -21.90 27.11 22.15
N ALA C 166 -22.63 26.43 21.27
CA ALA C 166 -22.55 24.97 21.21
C ALA C 166 -21.21 24.52 20.67
N ALA C 167 -20.59 25.32 19.80
CA ALA C 167 -19.30 24.95 19.22
C ALA C 167 -18.18 25.04 20.25
N SER C 168 -18.21 26.08 21.09
CA SER C 168 -17.16 26.25 22.10
C SER C 168 -17.28 25.28 23.25
N TYR C 169 -18.42 24.60 23.40
CA TYR C 169 -18.65 23.66 24.50
C TYR C 169 -19.27 22.39 23.95
N PRO C 170 -18.49 21.57 23.24
CA PRO C 170 -19.03 20.33 22.69
C PRO C 170 -19.02 19.20 23.70
N ASP C 171 -19.91 18.24 23.47
CA ASP C 171 -19.94 17.02 24.26
C ASP C 171 -20.19 15.85 23.33
N PRO C 172 -19.23 14.90 23.20
CA PRO C 172 -17.96 14.89 23.94
C PRO C 172 -16.94 15.90 23.44
N ASP C 173 -15.83 16.01 24.16
CA ASP C 173 -14.78 17.01 23.88
C ASP C 173 -13.44 16.30 23.81
N PRO C 174 -13.15 15.63 22.67
CA PRO C 174 -11.87 14.90 22.58
C PRO C 174 -10.65 15.81 22.61
N HIS C 175 -10.72 16.98 21.98
CA HIS C 175 -9.57 17.87 21.93
C HIS C 175 -9.42 18.75 23.17
N HIS C 176 -10.36 18.66 24.12
CA HIS C 176 -10.35 19.49 25.33
C HIS C 176 -10.28 20.97 24.96
N VAL C 177 -11.33 21.42 24.28
CA VAL C 177 -11.43 22.80 23.81
C VAL C 177 -12.64 23.51 24.42
N ALA C 178 -13.19 22.95 25.49
CA ALA C 178 -14.37 23.53 26.14
C ALA C 178 -14.08 24.95 26.61
N GLY C 179 -14.65 25.94 25.91
CA GLY C 179 -14.43 27.33 26.28
C GLY C 179 -12.99 27.78 26.17
N ARG C 180 -12.22 27.19 25.26
CA ARG C 180 -10.82 27.54 25.10
C ARG C 180 -10.68 28.85 24.35
N VAL C 181 -9.78 29.71 24.82
CA VAL C 181 -9.62 31.06 24.30
C VAL C 181 -8.16 31.45 24.36
N LEU C 182 -7.66 32.04 23.27
CA LEU C 182 -6.35 32.67 23.23
C LEU C 182 -6.57 34.17 23.07
N SER C 183 -6.45 34.91 24.17
CA SER C 183 -6.71 36.35 24.18
C SER C 183 -5.45 37.09 23.75
N LEU C 184 -5.62 38.05 22.84
CA LEU C 184 -4.53 38.83 22.27
C LEU C 184 -4.70 40.29 22.66
N ARG C 185 -4.09 40.67 23.79
CA ARG C 185 -4.01 42.07 24.20
C ARG C 185 -2.68 42.61 23.68
N ILE C 186 -2.71 43.17 22.47
CA ILE C 186 -1.47 43.46 21.75
C ILE C 186 -1.48 44.85 21.13
N ARG C 187 -2.40 45.71 21.55
CA ARG C 187 -2.40 47.07 21.02
C ARG C 187 -1.19 47.82 21.55
N PRO C 188 -0.25 48.23 20.70
CA PRO C 188 0.95 48.91 21.20
C PRO C 188 0.65 50.33 21.64
N SER C 189 1.48 50.82 22.56
CA SER C 189 1.35 52.19 23.02
C SER C 189 1.75 53.16 21.91
N ALA C 190 1.63 54.46 22.19
CA ALA C 190 1.95 55.47 21.20
C ALA C 190 3.41 55.40 20.78
N GLU C 191 4.32 55.31 21.76
CA GLU C 191 5.74 55.20 21.44
C GLU C 191 6.08 53.84 20.83
N ARG C 192 5.39 52.78 21.26
CA ARG C 192 5.68 51.45 20.76
C ARG C 192 5.41 51.34 19.27
N ALA C 193 4.31 51.95 18.80
CA ALA C 193 3.99 51.91 17.38
C ALA C 193 5.07 52.61 16.55
N ALA C 194 5.67 53.67 17.10
CA ALA C 194 6.75 54.35 16.40
C ALA C 194 8.06 53.57 16.44
N GLN C 195 8.16 52.59 17.34
CA GLN C 195 9.37 51.78 17.50
C GLN C 195 9.25 50.42 16.81
N LEU C 196 8.20 50.20 16.01
CA LEU C 196 7.91 48.87 15.50
C LEU C 196 9.00 48.39 14.55
N ASP C 197 9.36 49.19 13.54
CA ASP C 197 10.38 48.76 12.59
C ASP C 197 11.75 48.72 13.23
N THR C 198 12.00 49.54 14.24
CA THR C 198 13.27 49.48 14.96
C THR C 198 13.42 48.15 15.68
N LEU C 199 12.35 47.70 16.35
CA LEU C 199 12.40 46.41 17.03
C LEU C 199 12.43 45.25 16.05
N ALA C 200 11.77 45.40 14.89
CA ALA C 200 11.84 44.37 13.87
C ALA C 200 13.27 44.21 13.34
N ARG C 201 13.98 45.33 13.20
CA ARG C 201 15.38 45.27 12.80
C ARG C 201 16.21 44.54 13.85
N GLN C 202 15.91 44.78 15.13
CA GLN C 202 16.66 44.11 16.20
C GLN C 202 16.32 42.63 16.28
N GLU C 203 15.04 42.28 16.15
CA GLU C 203 14.66 40.87 16.17
C GLU C 203 15.22 40.13 14.96
N LEU C 204 15.27 40.80 13.81
CA LEU C 204 15.84 40.17 12.61
C LEU C 204 17.29 39.79 12.84
N ALA C 205 18.06 40.65 13.52
CA ALA C 205 19.46 40.35 13.77
C ALA C 205 19.60 39.23 14.80
N ALA C 206 18.76 39.24 15.84
CA ALA C 206 18.86 38.21 16.88
C ALA C 206 18.52 36.83 16.33
N GLY C 207 17.49 36.74 15.49
CA GLY C 207 17.13 35.46 14.91
C GLY C 207 18.18 34.93 13.97
N LEU C 208 18.81 35.81 13.19
CA LEU C 208 19.88 35.37 12.29
C LEU C 208 21.10 34.91 13.07
N ARG C 209 21.37 35.52 14.23
CA ARG C 209 22.46 35.05 15.08
C ARG C 209 22.16 33.68 15.66
N THR C 210 20.96 33.50 16.20
CA THR C 210 20.54 32.20 16.69
C THR C 210 20.57 31.15 15.57
N TYR C 211 20.19 31.56 14.35
CA TYR C 211 20.24 30.65 13.22
C TYR C 211 21.66 30.20 12.94
N LEU C 212 22.59 31.14 12.85
CA LEU C 212 23.98 30.81 12.55
C LEU C 212 24.72 30.20 13.74
N ALA C 213 24.18 30.31 14.95
CA ALA C 213 24.79 29.63 16.08
C ALA C 213 24.65 28.13 15.96
N ALA C 214 23.53 27.66 15.40
CA ALA C 214 23.30 26.25 15.08
C ALA C 214 23.43 25.37 16.33
N GLU C 215 22.68 25.71 17.38
CA GLU C 215 22.67 24.89 18.58
C GLU C 215 21.80 23.64 18.37
N CYS C 216 22.11 22.62 19.15
CA CYS C 216 21.35 21.36 19.20
C CYS C 216 20.63 21.26 20.54
N GLY C 217 19.82 20.21 20.67
CA GLY C 217 19.06 20.02 21.88
C GLY C 217 18.47 18.62 21.95
N GLU C 218 18.16 18.21 23.18
CA GLU C 218 17.61 16.89 23.42
C GLU C 218 16.89 16.89 24.76
N THR C 219 15.62 16.51 24.76
CA THR C 219 14.84 16.38 25.99
C THR C 219 14.12 15.03 25.98
N GLU C 220 13.90 14.50 27.18
CA GLU C 220 13.24 13.21 27.36
C GLU C 220 11.86 13.44 27.98
N THR C 221 10.82 13.11 27.24
CA THR C 221 9.44 13.32 27.63
C THR C 221 8.67 12.00 27.61
N PRO C 222 7.51 11.94 28.26
CA PRO C 222 6.66 10.73 28.13
C PRO C 222 6.21 10.47 26.70
N ALA C 223 6.27 11.45 25.81
CA ALA C 223 5.94 11.26 24.41
C ALA C 223 7.12 10.81 23.57
N GLY C 224 8.28 10.61 24.19
CA GLY C 224 9.48 10.18 23.49
C GLY C 224 10.63 11.15 23.69
N ARG C 225 11.76 10.79 23.09
CA ARG C 225 12.91 11.68 23.07
C ARG C 225 12.73 12.71 21.95
N ILE C 226 12.92 13.98 22.28
CA ILE C 226 12.73 15.07 21.32
C ILE C 226 14.09 15.69 21.04
N VAL C 227 14.54 15.54 19.80
CA VAL C 227 15.81 16.11 19.35
C VAL C 227 15.50 17.24 18.37
N TRP C 228 16.30 18.30 18.43
CA TRP C 228 16.16 19.40 17.49
C TRP C 228 17.54 19.95 17.13
N ALA C 229 17.65 20.44 15.90
CA ALA C 229 18.88 21.02 15.39
C ALA C 229 18.53 22.29 14.63
N ASN C 230 19.21 23.38 14.94
CA ASN C 230 18.93 24.67 14.34
C ASN C 230 19.98 25.01 13.28
N GLY C 231 19.61 25.96 12.41
CA GLY C 231 20.57 26.59 11.53
C GLY C 231 20.73 25.92 10.18
N PRO C 232 21.91 26.13 9.58
CA PRO C 232 22.14 25.60 8.22
C PRO C 232 22.14 24.09 8.16
N GLN C 233 22.47 23.41 9.25
CA GLN C 233 22.52 21.95 9.25
C GLN C 233 21.13 21.32 9.29
N SER C 234 20.11 22.09 9.65
CA SER C 234 18.79 21.52 9.96
C SER C 234 18.19 20.79 8.76
N VAL C 235 18.15 21.46 7.61
CA VAL C 235 17.50 20.89 6.43
C VAL C 235 18.30 19.72 5.87
N PRO C 236 19.63 19.80 5.74
CA PRO C 236 20.39 18.59 5.36
C PRO C 236 20.17 17.43 6.33
N LEU C 237 20.12 17.70 7.62
CA LEU C 237 19.81 16.64 8.59
C LEU C 237 18.39 16.13 8.41
N LEU C 238 17.46 17.03 8.08
CA LEU C 238 16.09 16.62 7.82
C LEU C 238 16.00 15.69 6.62
N VAL C 239 16.77 16.00 5.56
CA VAL C 239 16.74 15.18 4.36
C VAL C 239 17.31 13.78 4.64
N GLU C 240 18.41 13.72 5.39
CA GLU C 240 19.03 12.44 5.68
C GLU C 240 18.10 11.55 6.50
N ARG C 241 17.37 12.13 7.44
CA ARG C 241 16.42 11.35 8.23
C ARG C 241 15.23 10.92 7.39
N LEU C 242 14.74 11.79 6.51
CA LEU C 242 13.56 11.48 5.72
C LEU C 242 13.81 10.37 4.70
N ARG C 243 15.07 10.10 4.37
CA ARG C 243 15.36 9.00 3.46
C ARG C 243 14.94 7.65 4.03
N GLY C 244 14.84 7.54 5.36
CA GLY C 244 14.43 6.29 5.97
C GLY C 244 12.99 5.91 5.68
N TRP C 245 12.18 6.85 5.21
CA TRP C 245 10.78 6.58 4.89
C TRP C 245 10.56 6.24 3.43
N ASP C 246 11.64 5.95 2.68
CA ASP C 246 11.50 5.57 1.28
C ASP C 246 10.80 4.23 1.10
N TYR C 247 10.65 3.43 2.16
CA TYR C 247 9.90 2.19 2.07
C TYR C 247 8.43 2.44 1.76
N LEU C 248 7.94 3.66 1.95
CA LEU C 248 6.54 3.97 1.65
C LEU C 248 6.26 3.92 0.15
N CYS C 249 7.28 4.16 -0.68
CA CYS C 249 7.04 4.20 -2.12
C CYS C 249 6.63 2.85 -2.69
N PRO C 250 7.37 1.75 -2.47
CA PRO C 250 6.86 0.46 -2.93
C PRO C 250 5.58 0.04 -2.22
N LEU C 251 5.39 0.48 -0.97
CA LEU C 251 4.17 0.14 -0.24
C LEU C 251 2.95 0.82 -0.85
N ALA C 252 3.03 2.13 -1.08
CA ALA C 252 1.89 2.86 -1.62
C ALA C 252 1.54 2.44 -3.04
N ALA C 253 2.55 1.97 -3.80
CA ALA C 253 2.30 1.51 -5.16
C ALA C 253 1.45 0.24 -5.22
N ARG C 254 1.27 -0.43 -4.09
CA ARG C 254 0.51 -1.69 -4.05
C ARG C 254 -0.95 -1.39 -3.75
N ASN C 255 -1.82 -1.72 -4.70
CA ASN C 255 -3.25 -1.81 -4.42
C ASN C 255 -3.61 -3.11 -3.71
N ASP C 256 -2.67 -4.05 -3.65
CA ASP C 256 -2.83 -5.31 -2.91
C ASP C 256 -2.24 -5.12 -1.50
N LEU C 257 -2.96 -4.37 -0.69
CA LEU C 257 -2.48 -3.95 0.62
C LEU C 257 -3.37 -4.50 1.71
N SER C 258 -2.74 -4.94 2.80
CA SER C 258 -3.47 -5.39 3.99
C SER C 258 -3.91 -4.19 4.82
N THR C 259 -4.69 -4.48 5.87
CA THR C 259 -5.20 -3.41 6.72
C THR C 259 -4.07 -2.77 7.53
N GLU C 260 -3.22 -3.59 8.14
CA GLU C 260 -2.14 -3.04 8.96
C GLU C 260 -1.09 -2.33 8.10
N HIS C 261 -0.84 -2.82 6.88
CA HIS C 261 0.10 -2.15 6.00
C HIS C 261 -0.41 -0.78 5.58
N ALA C 262 -1.72 -0.69 5.29
CA ALA C 262 -2.30 0.60 4.92
C ALA C 262 -2.26 1.59 6.08
N ARG C 263 -2.13 1.10 7.31
CA ARG C 263 -1.94 2.01 8.45
C ARG C 263 -0.58 2.69 8.39
N ASP C 264 0.47 1.92 8.06
CA ASP C 264 1.80 2.49 7.93
C ASP C 264 1.87 3.48 6.77
N VAL C 265 1.14 3.20 5.69
CA VAL C 265 1.13 4.12 4.55
C VAL C 265 0.42 5.40 4.90
N ALA C 266 -0.76 5.29 5.53
CA ALA C 266 -1.52 6.48 5.92
C ALA C 266 -0.75 7.30 6.96
N LEU C 267 -0.06 6.64 7.88
CA LEU C 267 0.73 7.35 8.87
C LEU C 267 1.95 8.02 8.23
N GLY C 268 2.62 7.32 7.32
CA GLY C 268 3.74 7.93 6.62
C GLY C 268 3.32 9.06 5.72
N ARG C 269 2.15 8.93 5.09
CA ARG C 269 1.63 10.02 4.26
C ARG C 269 1.26 11.23 5.12
N TYR C 270 0.69 10.98 6.30
CA TYR C 270 0.36 12.08 7.20
C TYR C 270 1.60 12.82 7.66
N LEU C 271 2.71 12.11 7.83
CA LEU C 271 3.96 12.75 8.23
C LEU C 271 4.45 13.71 7.15
N PHE C 272 4.25 13.36 5.88
CA PHE C 272 4.64 14.23 4.79
C PHE C 272 3.63 15.34 4.53
N LEU C 273 2.38 15.16 4.94
CA LEU C 273 1.43 16.27 4.89
C LEU C 273 1.78 17.32 5.93
N ALA C 274 2.12 16.90 7.14
CA ALA C 274 2.56 17.85 8.16
C ALA C 274 3.83 18.57 7.73
N LEU C 275 4.73 17.87 7.05
CA LEU C 275 5.93 18.51 6.53
C LEU C 275 5.59 19.52 5.43
N THR C 276 4.64 19.18 4.56
CA THR C 276 4.26 20.09 3.47
C THR C 276 3.72 21.41 4.01
N ASP C 277 2.90 21.35 5.06
CA ASP C 277 2.38 22.57 5.66
C ASP C 277 3.49 23.42 6.25
N GLU C 278 4.53 22.77 6.82
CA GLU C 278 5.63 23.53 7.40
C GLU C 278 6.53 24.13 6.32
N LEU C 279 6.58 23.51 5.14
CA LEU C 279 7.30 24.12 4.03
C LEU C 279 6.53 25.31 3.46
N ALA C 280 5.20 25.24 3.47
CA ALA C 280 4.39 26.38 3.04
C ALA C 280 4.56 27.56 3.98
N PHE C 281 4.65 27.30 5.28
CA PHE C 281 4.89 28.38 6.24
C PHE C 281 6.27 29.00 6.03
N ALA C 282 7.27 28.16 5.74
CA ALA C 282 8.61 28.69 5.49
C ALA C 282 8.61 29.65 4.32
N ALA C 283 7.90 29.30 3.23
CA ALA C 283 7.77 30.22 2.11
C ALA C 283 7.03 31.49 2.51
N TYR C 284 5.99 31.34 3.34
CA TYR C 284 5.24 32.50 3.82
C TYR C 284 6.10 33.37 4.73
N ALA C 285 6.96 32.74 5.53
CA ALA C 285 7.80 33.49 6.48
C ALA C 285 8.94 34.19 5.77
N ARG C 286 9.63 33.49 4.86
CA ARG C 286 10.74 34.12 4.13
C ARG C 286 10.28 35.28 3.28
N ALA C 287 9.05 35.21 2.75
CA ALA C 287 8.51 36.34 2.00
C ALA C 287 8.25 37.53 2.90
N GLY C 288 7.86 37.28 4.16
CA GLY C 288 7.71 38.38 5.11
C GLY C 288 9.05 38.95 5.54
N THR C 289 10.04 38.09 5.75
CA THR C 289 11.41 38.56 5.98
C THR C 289 11.88 39.41 4.81
N LEU C 290 11.48 39.03 3.59
CA LEU C 290 11.93 39.77 2.42
C LEU C 290 11.22 41.11 2.31
N ARG C 291 9.92 41.16 2.61
CA ARG C 291 9.23 42.44 2.59
C ARG C 291 9.75 43.38 3.68
N LEU C 292 10.31 42.84 4.76
CA LEU C 292 10.91 43.66 5.81
C LEU C 292 12.26 44.22 5.37
N VAL C 293 13.09 43.40 4.73
CA VAL C 293 14.38 43.87 4.24
C VAL C 293 14.18 44.95 3.18
N GLU C 294 13.23 44.74 2.27
CA GLU C 294 12.88 45.77 1.30
C GLU C 294 12.43 47.06 1.98
N GLY C 295 11.61 46.94 3.03
CA GLY C 295 11.15 48.12 3.73
C GLY C 295 12.24 48.84 4.50
N LEU C 296 13.22 48.09 5.01
CA LEU C 296 14.35 48.68 5.69
C LEU C 296 15.36 49.31 4.73
N GLY C 297 15.12 49.22 3.43
CA GLY C 297 16.04 49.77 2.44
C GLY C 297 17.35 49.00 2.39
N LEU C 298 17.27 47.67 2.37
CA LEU C 298 18.45 46.83 2.38
C LEU C 298 18.47 45.77 1.29
N ALA C 299 17.45 45.72 0.43
CA ALA C 299 17.38 44.68 -0.59
C ALA C 299 18.53 44.79 -1.58
N GLY C 300 18.90 46.02 -1.93
CA GLY C 300 20.00 46.19 -2.88
C GLY C 300 21.33 45.71 -2.35
N ALA C 301 21.61 45.98 -1.07
CA ALA C 301 22.88 45.56 -0.48
C ALA C 301 22.96 44.04 -0.35
N VAL C 302 21.82 43.39 -0.08
CA VAL C 302 21.83 41.95 0.14
C VAL C 302 21.93 41.20 -1.18
N GLY C 303 21.27 41.70 -2.22
CA GLY C 303 21.29 41.08 -3.52
C GLY C 303 19.91 40.57 -3.94
N GLY C 304 19.92 39.75 -4.97
CA GLY C 304 18.67 39.26 -5.55
C GLY C 304 18.35 37.82 -5.22
N LEU C 305 18.85 37.33 -4.09
CA LEU C 305 18.52 35.97 -3.67
C LEU C 305 17.05 35.88 -3.25
N ARG C 306 16.41 34.77 -3.60
CA ARG C 306 14.98 34.56 -3.38
C ARG C 306 14.77 33.30 -2.55
N PRO C 307 15.00 33.37 -1.23
CA PRO C 307 14.73 32.19 -0.39
C PRO C 307 13.24 31.86 -0.28
N ASP C 308 12.35 32.83 -0.50
CA ASP C 308 10.93 32.54 -0.45
C ASP C 308 10.49 31.70 -1.64
N GLU C 309 11.09 31.92 -2.81
CA GLU C 309 10.74 31.11 -3.98
C GLU C 309 11.31 29.70 -3.87
N ALA C 310 12.49 29.56 -3.26
CA ALA C 310 13.05 28.23 -3.07
C ALA C 310 12.19 27.40 -2.14
N TRP C 311 11.69 28.01 -1.06
CA TRP C 311 10.80 27.29 -0.16
C TRP C 311 9.43 27.07 -0.78
N ARG C 312 9.03 27.92 -1.73
CA ARG C 312 7.79 27.69 -2.44
C ARG C 312 7.88 26.47 -3.34
N LEU C 313 9.02 26.30 -4.02
CA LEU C 313 9.22 25.12 -4.86
C LEU C 313 9.28 23.85 -4.03
N ALA C 314 9.96 23.90 -2.87
CA ALA C 314 9.97 22.76 -1.97
C ALA C 314 8.58 22.45 -1.44
N TRP C 315 7.75 23.48 -1.25
CA TRP C 315 6.37 23.26 -0.85
C TRP C 315 5.57 22.55 -1.93
N ARG C 316 5.74 22.98 -3.19
CA ARG C 316 5.07 22.31 -4.29
C ARG C 316 5.51 20.85 -4.40
N SER C 317 6.79 20.58 -4.15
CA SER C 317 7.29 19.21 -4.24
C SER C 317 6.64 18.33 -3.18
N GLY C 318 6.51 18.84 -1.96
CA GLY C 318 5.86 18.07 -0.91
C GLY C 318 4.38 17.82 -1.19
N GLN C 319 3.70 18.83 -1.76
CA GLN C 319 2.33 18.63 -2.19
C GLN C 319 2.24 17.52 -3.22
N LYS C 320 3.13 17.55 -4.22
CA LYS C 320 3.13 16.53 -5.26
C LYS C 320 3.50 15.17 -4.70
N LEU C 321 4.35 15.12 -3.67
CA LEU C 321 4.69 13.85 -3.04
C LEU C 321 3.51 13.33 -2.22
N TYR C 322 2.76 14.23 -1.58
CA TYR C 322 1.62 13.80 -0.77
C TYR C 322 0.53 13.18 -1.65
N ARG C 323 0.27 13.77 -2.81
CA ARG C 323 -0.77 13.25 -3.69
C ARG C 323 -0.37 11.92 -4.30
N ARG C 324 0.92 11.66 -4.46
CA ARG C 324 1.38 10.46 -5.14
C ARG C 324 2.78 10.12 -4.63
N LEU C 325 2.88 9.05 -3.84
CA LEU C 325 4.14 8.69 -3.17
C LEU C 325 4.97 7.81 -4.10
N ASP C 326 5.77 8.45 -4.95
CA ASP C 326 6.76 7.75 -5.75
C ASP C 326 8.15 7.98 -5.18
N ARG C 327 9.11 7.20 -5.69
CA ARG C 327 10.51 7.46 -5.40
C ARG C 327 10.98 8.73 -6.11
N GLN C 328 10.46 8.99 -7.31
CA GLN C 328 10.84 10.20 -8.03
C GLN C 328 10.31 11.45 -7.35
N ASN C 329 9.06 11.41 -6.87
CA ASN C 329 8.52 12.54 -6.13
C ASN C 329 9.25 12.74 -4.81
N LEU C 330 9.61 11.64 -4.15
CA LEU C 330 10.41 11.73 -2.93
C LEU C 330 11.77 12.37 -3.21
N SER C 331 12.45 11.88 -4.26
CA SER C 331 13.75 12.44 -4.61
C SER C 331 13.63 13.90 -5.05
N ALA C 332 12.51 14.24 -5.72
CA ALA C 332 12.31 15.63 -6.14
C ALA C 332 12.13 16.56 -4.95
N LEU C 333 11.53 16.07 -3.87
CA LEU C 333 11.41 16.89 -2.66
C LEU C 333 12.76 17.13 -2.02
N PHE C 334 13.63 16.11 -2.02
CA PHE C 334 14.96 16.26 -1.42
C PHE C 334 15.78 17.32 -2.16
N SER C 335 15.75 17.31 -3.48
CA SER C 335 16.49 18.30 -4.25
C SER C 335 15.98 19.71 -3.99
N ALA C 336 14.65 19.88 -3.94
CA ALA C 336 14.10 21.19 -3.65
C ALA C 336 14.42 21.63 -2.23
N LEU C 337 14.53 20.69 -1.29
CA LEU C 337 14.89 21.05 0.08
C LEU C 337 16.35 21.45 0.18
N GLU C 338 17.24 20.72 -0.49
CA GLU C 338 18.66 21.05 -0.46
C GLU C 338 18.92 22.39 -1.12
N LYS C 339 18.22 22.69 -2.22
CA LYS C 339 18.35 23.99 -2.85
C LYS C 339 17.87 25.11 -1.93
N ALA C 340 16.77 24.88 -1.22
CA ALA C 340 16.25 25.88 -0.29
C ALA C 340 17.21 26.10 0.87
N ALA C 341 17.89 25.05 1.31
CA ALA C 341 18.84 25.19 2.41
C ALA C 341 20.04 26.03 1.99
N GLU C 342 20.53 25.84 0.77
CA GLU C 342 21.70 26.57 0.32
C GLU C 342 21.40 28.04 0.08
N VAL C 343 20.21 28.35 -0.45
CA VAL C 343 19.81 29.75 -0.60
C VAL C 343 19.60 30.38 0.77
N ASP C 344 19.12 29.61 1.74
CA ASP C 344 18.85 30.14 3.07
C ASP C 344 20.12 30.64 3.74
N VAL C 345 21.17 29.79 3.77
CA VAL C 345 22.36 30.15 4.52
C VAL C 345 23.14 31.27 3.82
N GLU C 346 23.09 31.33 2.49
CA GLU C 346 23.77 32.42 1.79
C GLU C 346 23.04 33.74 1.99
N TYR C 347 21.70 33.71 2.00
CA TYR C 347 20.96 34.93 2.28
C TYR C 347 21.12 35.36 3.73
N ALA C 348 21.11 34.40 4.66
CA ALA C 348 21.24 34.75 6.07
C ALA C 348 22.59 35.39 6.37
N ARG C 349 23.67 34.83 5.80
CA ARG C 349 24.99 35.41 6.03
C ARG C 349 25.10 36.80 5.41
N ARG C 350 24.54 36.99 4.21
CA ARG C 350 24.58 38.30 3.58
C ARG C 350 23.78 39.32 4.38
N LEU C 351 22.58 38.93 4.83
CA LEU C 351 21.71 39.88 5.53
C LEU C 351 22.28 40.28 6.88
N LEU C 352 22.87 39.33 7.61
CA LEU C 352 23.42 39.65 8.93
C LEU C 352 24.59 40.60 8.81
N LYS C 353 25.45 40.42 7.81
CA LYS C 353 26.58 41.32 7.63
C LYS C 353 26.11 42.74 7.32
N GLU C 354 25.05 42.87 6.53
CA GLU C 354 24.56 44.20 6.19
C GLU C 354 23.87 44.88 7.37
N LEU C 355 23.29 44.10 8.28
CA LEU C 355 22.72 44.67 9.50
C LEU C 355 23.78 45.00 10.54
N LYS C 356 25.00 44.52 10.38
CA LYS C 356 26.08 44.71 11.35
C LYS C 356 25.68 44.22 12.74
N GLN D 10 -13.53 -8.87 -34.72
CA GLN D 10 -12.24 -8.73 -34.06
C GLN D 10 -11.31 -7.89 -34.93
N THR D 11 -11.88 -6.96 -35.67
CA THR D 11 -11.08 -6.06 -36.47
C THR D 11 -10.51 -4.94 -35.60
N LEU D 12 -9.32 -4.47 -35.98
CA LEU D 12 -8.68 -3.38 -35.26
C LEU D 12 -9.26 -2.04 -35.70
N HIS D 13 -9.23 -1.08 -34.78
CA HIS D 13 -9.83 0.22 -35.01
C HIS D 13 -9.01 1.28 -34.29
N ALA D 14 -9.28 2.54 -34.64
CA ALA D 14 -8.56 3.69 -34.08
C ALA D 14 -9.40 4.93 -34.31
N PRO D 15 -9.19 5.99 -33.52
CA PRO D 15 -9.96 7.22 -33.71
C PRO D 15 -9.82 7.82 -35.11
N HIS D 16 -8.65 7.71 -35.73
CA HIS D 16 -8.47 8.12 -37.11
C HIS D 16 -8.62 6.88 -38.00
N CYS D 17 -9.48 6.99 -39.01
CA CYS D 17 -9.86 5.81 -39.79
C CYS D 17 -8.67 5.21 -40.51
N GLU D 18 -7.79 6.05 -41.07
CA GLU D 18 -6.61 5.54 -41.75
C GLU D 18 -5.60 4.92 -40.79
N VAL D 19 -5.69 5.25 -39.49
CA VAL D 19 -4.81 4.64 -38.52
C VAL D 19 -5.29 3.24 -38.16
N GLY D 20 -6.59 3.09 -37.92
CA GLY D 20 -7.14 1.76 -37.69
C GLY D 20 -7.00 0.86 -38.90
N CYS D 21 -7.11 1.44 -40.10
CA CYS D 21 -6.84 0.69 -41.32
C CYS D 21 -5.40 0.20 -41.36
N ALA D 22 -4.46 1.04 -40.96
CA ALA D 22 -3.05 0.65 -40.94
C ALA D 22 -2.79 -0.41 -39.88
N ALA D 23 -3.56 -0.40 -38.79
CA ALA D 23 -3.37 -1.41 -37.74
C ALA D 23 -3.79 -2.80 -38.20
N ASN D 24 -4.84 -2.88 -39.02
CA ASN D 24 -5.27 -4.18 -39.54
C ASN D 24 -4.25 -4.74 -40.52
N VAL D 25 -3.67 -3.87 -41.36
CA VAL D 25 -2.66 -4.33 -42.31
C VAL D 25 -1.40 -4.77 -41.57
N ALA D 26 -1.03 -4.07 -40.51
CA ALA D 26 0.17 -4.43 -39.76
C ALA D 26 0.01 -5.76 -39.05
N ARG D 27 -1.21 -6.11 -38.65
CA ARG D 27 -1.45 -7.40 -38.00
C ARG D 27 -1.19 -8.56 -38.95
N ARG D 28 -1.33 -8.33 -40.26
CA ARG D 28 -1.08 -9.38 -41.23
C ARG D 28 0.37 -9.84 -41.22
N VAL D 29 1.30 -8.94 -40.88
CA VAL D 29 2.72 -9.23 -40.96
C VAL D 29 3.37 -9.25 -39.58
N GLY D 30 2.57 -9.43 -38.53
CA GLY D 30 3.10 -9.58 -37.19
C GLY D 30 3.56 -8.31 -36.50
N VAL D 31 3.20 -7.15 -37.02
CA VAL D 31 3.57 -5.87 -36.43
C VAL D 31 2.39 -5.34 -35.63
N ASP D 32 2.62 -5.05 -34.36
CA ASP D 32 1.60 -4.44 -33.50
C ASP D 32 1.72 -2.93 -33.65
N LEU D 33 0.82 -2.35 -34.45
CA LEU D 33 0.95 -0.93 -34.80
C LEU D 33 0.78 -0.03 -33.59
N ALA D 34 -0.28 -0.26 -32.81
CA ALA D 34 -0.56 0.63 -31.68
C ALA D 34 0.54 0.56 -30.63
N ARG D 35 1.11 -0.62 -30.40
CA ARG D 35 2.13 -0.79 -29.37
C ARG D 35 3.53 -0.47 -29.88
N GLN D 36 3.95 -1.10 -30.98
CA GLN D 36 5.33 -1.01 -31.43
C GLN D 36 5.60 0.16 -32.36
N VAL D 37 4.57 0.74 -32.96
CA VAL D 37 4.80 1.80 -33.94
C VAL D 37 4.31 3.14 -33.40
N ILE D 38 3.00 3.25 -33.18
CA ILE D 38 2.44 4.51 -32.70
C ILE D 38 2.79 4.72 -31.23
N GLY D 39 2.68 3.68 -30.41
CA GLY D 39 3.08 3.78 -29.02
C GLY D 39 4.56 4.04 -28.83
N ALA D 40 5.37 3.77 -29.86
CA ALA D 40 6.80 4.04 -29.79
C ALA D 40 7.15 5.48 -30.12
N HIS D 41 6.21 6.26 -30.64
CA HIS D 41 6.47 7.65 -31.05
C HIS D 41 5.71 8.57 -30.09
N TRP D 42 6.42 9.08 -29.10
CA TRP D 42 5.87 10.05 -28.16
C TRP D 42 6.01 11.44 -28.75
N ALA D 43 4.88 12.11 -28.99
CA ALA D 43 4.90 13.41 -29.63
C ALA D 43 3.76 14.28 -29.10
N SER D 44 3.98 15.58 -29.13
CA SER D 44 2.97 16.56 -28.73
C SER D 44 3.28 17.86 -29.47
N ARG D 45 2.29 18.38 -30.20
CA ARG D 45 2.54 19.50 -31.08
C ARG D 45 1.26 20.29 -31.30
N MSE D 46 1.33 21.60 -31.13
CA MSE D 46 0.24 22.49 -31.52
C MSE D 46 0.56 23.06 -32.89
O MSE D 46 1.71 23.35 -33.20
CB MSE D 46 0.04 23.60 -30.48
CG MSE D 46 1.14 24.64 -30.46
SE MSE D 46 0.66 26.31 -31.37
CE MSE D 46 -0.82 26.87 -30.23
N LEU D 47 -0.46 23.23 -33.73
CA LEU D 47 -0.29 23.79 -35.06
C LEU D 47 -1.26 24.93 -35.25
N VAL D 48 -0.81 25.96 -35.96
CA VAL D 48 -1.62 27.14 -36.24
C VAL D 48 -1.46 27.52 -37.70
N ARG D 49 -2.58 27.66 -38.40
CA ARG D 49 -2.62 28.27 -39.73
C ARG D 49 -3.17 29.68 -39.56
N GLU D 50 -2.34 30.69 -39.84
CA GLU D 50 -2.71 32.07 -39.60
C GLU D 50 -2.18 32.94 -40.74
N VAL D 51 -2.46 34.24 -40.65
CA VAL D 51 -2.10 35.17 -41.71
C VAL D 51 -0.59 35.37 -41.73
N GLY D 52 0.01 35.16 -42.90
CA GLY D 52 1.41 35.43 -43.11
C GLY D 52 1.62 36.48 -44.17
N THR D 53 2.60 36.27 -45.04
CA THR D 53 2.86 37.22 -46.12
C THR D 53 1.79 37.13 -47.20
N PHE D 54 1.33 38.28 -47.66
CA PHE D 54 0.37 38.29 -48.78
C PHE D 54 1.10 38.01 -50.08
N PRO D 55 0.47 37.30 -51.03
CA PRO D 55 -0.89 36.75 -50.90
C PRO D 55 -0.92 35.28 -50.50
N GLN D 56 -2.02 34.87 -49.86
CA GLN D 56 -2.24 33.48 -49.46
C GLN D 56 -3.67 33.13 -49.76
N PRO D 57 -3.98 32.80 -51.01
CA PRO D 57 -5.40 32.65 -51.40
C PRO D 57 -6.10 31.46 -50.78
N LEU D 58 -5.36 30.44 -50.34
CA LEU D 58 -5.96 29.25 -49.74
C LEU D 58 -6.18 29.41 -48.23
N LEU D 59 -5.94 30.60 -47.69
CA LEU D 59 -6.16 30.86 -46.26
C LEU D 59 -7.58 31.35 -46.09
N ASP D 60 -8.45 30.47 -45.60
CA ASP D 60 -9.86 30.80 -45.42
C ASP D 60 -10.18 31.31 -44.02
N ARG D 61 -9.39 30.92 -43.03
CA ARG D 61 -9.66 31.27 -41.64
C ARG D 61 -8.46 30.89 -40.79
N THR D 62 -8.28 31.62 -39.69
CA THR D 62 -7.29 31.22 -38.70
C THR D 62 -7.72 29.91 -38.06
N GLN D 63 -6.77 28.99 -37.90
CA GLN D 63 -7.08 27.63 -37.49
C GLN D 63 -5.99 27.09 -36.60
N VAL D 64 -6.38 26.48 -35.48
CA VAL D 64 -5.43 25.90 -34.52
C VAL D 64 -5.89 24.49 -34.19
N THR D 65 -4.95 23.56 -34.11
CA THR D 65 -5.25 22.18 -33.79
C THR D 65 -4.08 21.57 -33.03
N PHE D 66 -4.27 20.32 -32.58
CA PHE D 66 -3.27 19.58 -31.84
C PHE D 66 -2.95 18.29 -32.58
N SER D 67 -1.77 17.75 -32.32
CA SER D 67 -1.35 16.49 -32.94
C SER D 67 -0.39 15.75 -32.04
N ALA D 68 -0.71 14.49 -31.76
CA ALA D 68 0.19 13.58 -31.07
C ALA D 68 0.80 12.55 -32.01
N GLN D 69 0.71 12.78 -33.32
CA GLN D 69 1.16 11.81 -34.32
C GLN D 69 2.65 11.96 -34.65
N GLY D 70 3.22 13.14 -34.47
CA GLY D 70 4.63 13.33 -34.76
C GLY D 70 4.91 13.16 -36.24
N GLU D 71 5.95 12.38 -36.55
CA GLU D 71 6.27 12.08 -37.94
C GLU D 71 5.18 11.27 -38.62
N GLY D 72 4.33 10.61 -37.85
CA GLY D 72 3.26 9.80 -38.40
C GLY D 72 3.66 8.35 -38.57
N TRP D 73 2.64 7.48 -38.60
CA TRP D 73 2.90 6.05 -38.77
C TRP D 73 3.51 5.69 -40.13
N PRO D 74 3.19 6.32 -41.26
CA PRO D 74 3.77 5.86 -42.53
C PRO D 74 5.29 5.94 -42.56
N ALA D 75 5.87 7.09 -42.18
CA ALA D 75 7.32 7.20 -42.14
C ALA D 75 7.92 6.28 -41.08
N LEU D 76 7.14 5.96 -40.05
CA LEU D 76 7.61 5.13 -38.95
C LEU D 76 7.42 3.65 -39.24
N LEU D 77 6.26 3.27 -39.79
CA LEU D 77 6.04 1.89 -40.19
C LEU D 77 7.06 1.46 -41.24
N ALA D 78 7.47 2.39 -42.11
CA ALA D 78 8.41 2.05 -43.17
C ALA D 78 9.79 1.76 -42.62
N ARG D 79 10.34 2.69 -41.83
CA ARG D 79 11.74 2.57 -41.42
C ARG D 79 11.95 1.52 -40.34
N MSE D 80 10.94 1.23 -39.52
CA MSE D 80 11.08 0.17 -38.53
C MSE D 80 10.95 -1.19 -39.19
O MSE D 80 11.58 -2.16 -38.76
CB MSE D 80 10.03 0.31 -37.43
CG MSE D 80 10.62 0.56 -36.05
SE MSE D 80 9.30 0.59 -34.63
CE MSE D 80 8.17 2.02 -35.30
N THR D 81 10.15 -1.26 -40.24
CA THR D 81 10.02 -2.49 -41.02
C THR D 81 11.12 -2.63 -42.05
N GLY D 82 11.55 -1.52 -42.64
CA GLY D 82 12.42 -1.55 -43.80
C GLY D 82 11.69 -1.53 -45.12
N GLY D 83 10.37 -1.58 -45.10
CA GLY D 83 9.56 -1.56 -46.30
C GLY D 83 9.21 -0.15 -46.75
N GLU D 84 8.08 -0.04 -47.43
CA GLU D 84 7.66 1.23 -48.03
C GLU D 84 6.18 1.45 -47.80
N VAL D 85 5.80 2.72 -47.73
CA VAL D 85 4.40 3.14 -47.68
C VAL D 85 4.27 4.24 -48.73
N THR D 86 3.74 3.89 -49.90
CA THR D 86 3.70 4.80 -51.04
C THR D 86 2.28 4.96 -51.55
N SER D 87 1.93 6.18 -51.94
CA SER D 87 0.66 6.50 -52.55
C SER D 87 0.85 6.74 -54.05
N ARG D 88 -0.16 6.39 -54.82
CA ARG D 88 -0.13 6.58 -56.27
C ARG D 88 -1.54 6.45 -56.82
N HIS D 89 -1.73 6.95 -58.04
CA HIS D 89 -3.00 6.86 -58.75
C HIS D 89 -2.87 5.79 -59.82
N VAL D 90 -3.65 4.72 -59.69
CA VAL D 90 -3.57 3.55 -60.55
C VAL D 90 -4.79 3.56 -61.47
N PRO D 91 -4.61 3.35 -62.79
CA PRO D 91 -5.76 3.32 -63.70
C PRO D 91 -6.68 2.15 -63.39
N ARG D 92 -7.92 2.27 -63.85
CA ARG D 92 -8.98 1.34 -63.47
C ARG D 92 -8.67 -0.09 -63.90
N GLU D 93 -7.88 -0.26 -64.97
CA GLU D 93 -7.61 -1.59 -65.50
C GLU D 93 -6.78 -2.44 -64.56
N GLU D 94 -6.05 -1.84 -63.62
CA GLU D 94 -5.11 -2.59 -62.78
C GLU D 94 -5.34 -2.33 -61.30
N LEU D 95 -6.59 -2.03 -60.90
CA LEU D 95 -6.89 -1.90 -59.47
C LEU D 95 -6.97 -3.27 -58.82
N LEU D 96 -7.92 -4.09 -59.27
CA LEU D 96 -8.09 -5.42 -58.71
C LEU D 96 -6.79 -6.23 -58.76
N SER D 97 -5.86 -5.87 -59.63
CA SER D 97 -4.58 -6.56 -59.66
C SER D 97 -3.62 -5.98 -58.63
N THR D 98 -3.62 -4.66 -58.47
CA THR D 98 -2.80 -4.04 -57.42
C THR D 98 -3.32 -4.40 -56.04
N LEU D 99 -4.63 -4.55 -55.88
CA LEU D 99 -5.18 -4.96 -54.59
C LEU D 99 -4.75 -6.37 -54.22
N HIS D 100 -4.75 -7.28 -55.20
CA HIS D 100 -4.30 -8.64 -54.96
C HIS D 100 -2.79 -8.69 -54.74
N ALA D 101 -2.03 -7.83 -55.42
CA ALA D 101 -0.57 -7.92 -55.38
C ALA D 101 -0.03 -7.43 -54.05
N ASP D 102 -0.65 -6.42 -53.44
CA ASP D 102 -0.15 -5.87 -52.20
C ASP D 102 -0.51 -6.69 -50.97
N ARG D 103 -1.43 -7.66 -51.11
CA ARG D 103 -1.78 -8.54 -49.99
C ARG D 103 -0.61 -9.43 -49.59
N ALA D 104 0.33 -9.68 -50.49
CA ALA D 104 1.42 -10.62 -50.20
C ALA D 104 2.30 -10.11 -49.06
N GLU D 105 2.73 -8.86 -49.12
CA GLU D 105 3.63 -8.28 -48.15
C GLU D 105 2.99 -7.10 -47.43
N GLY D 106 1.70 -7.22 -47.11
CA GLY D 106 1.00 -6.16 -46.40
C GLY D 106 -0.43 -5.97 -46.85
N GLY D 107 -0.73 -4.81 -47.43
CA GLY D 107 -2.07 -4.53 -47.86
C GLY D 107 -2.14 -3.20 -48.57
N THR D 108 -3.38 -2.73 -48.76
CA THR D 108 -3.62 -1.49 -49.48
C THR D 108 -4.69 -0.69 -48.74
N LEU D 109 -4.47 0.63 -48.64
CA LEU D 109 -5.48 1.56 -48.16
C LEU D 109 -6.17 2.16 -49.37
N LEU D 110 -7.43 1.77 -49.58
CA LEU D 110 -8.20 2.23 -50.73
C LEU D 110 -8.98 3.48 -50.37
N PHE D 111 -8.81 4.52 -51.18
CA PHE D 111 -9.48 5.80 -50.96
C PHE D 111 -10.82 5.83 -51.69
N MSE D 112 -11.83 6.38 -51.02
CA MSE D 112 -13.14 6.59 -51.63
C MSE D 112 -13.97 7.61 -50.84
O MSE D 112 -13.62 7.94 -49.72
CB MSE D 112 -13.91 5.27 -51.74
CG MSE D 112 -14.07 4.51 -50.44
SE MSE D 112 -14.80 2.73 -50.72
CE MSE D 112 -13.58 2.12 -52.10
N GLU D 113 -15.05 8.09 -51.45
CA GLU D 113 -15.88 9.09 -50.81
C GLU D 113 -16.81 8.44 -49.80
N ASP D 114 -17.35 9.28 -48.90
CA ASP D 114 -18.32 8.79 -47.94
C ASP D 114 -19.61 8.34 -48.63
N ARG D 115 -19.89 8.89 -49.80
CA ARG D 115 -21.10 8.52 -50.54
C ARG D 115 -21.11 7.03 -50.88
N ALA D 116 -19.94 6.48 -51.21
CA ALA D 116 -19.83 5.12 -51.71
C ALA D 116 -19.81 4.07 -50.61
N CYS D 117 -19.79 4.48 -49.34
CA CYS D 117 -19.79 3.54 -48.23
C CYS D 117 -21.17 3.54 -47.56
N PRO D 118 -22.00 2.52 -47.79
CA PRO D 118 -23.38 2.57 -47.28
C PRO D 118 -23.48 2.61 -45.77
N TRP D 119 -22.48 2.11 -45.05
CA TRP D 119 -22.57 2.05 -43.59
C TRP D 119 -22.35 3.41 -42.93
N LEU D 120 -22.06 4.46 -43.69
CA LEU D 120 -21.85 5.79 -43.14
C LEU D 120 -23.08 6.67 -43.18
N ASP D 121 -24.11 6.28 -43.93
CA ASP D 121 -25.29 7.10 -44.18
C ASP D 121 -24.89 8.49 -44.64
N SER D 122 -24.10 8.52 -45.72
CA SER D 122 -23.65 9.76 -46.32
C SER D 122 -24.06 9.81 -47.78
N ALA D 123 -25.35 9.62 -48.04
CA ALA D 123 -25.81 9.45 -49.42
C ALA D 123 -25.66 10.73 -50.23
N HIS D 124 -25.88 11.90 -49.61
CA HIS D 124 -25.98 13.15 -50.34
C HIS D 124 -24.76 14.05 -50.15
N SER D 125 -23.64 13.50 -49.68
CA SER D 125 -22.46 14.32 -49.50
C SER D 125 -21.20 13.48 -49.60
N PRO D 126 -20.21 13.89 -50.40
CA PRO D 126 -18.93 13.17 -50.43
C PRO D 126 -18.05 13.44 -49.22
N GLY D 127 -18.52 14.22 -48.25
CA GLY D 127 -17.76 14.51 -47.06
C GLY D 127 -16.75 15.62 -47.27
N MSE D 128 -16.20 16.09 -46.16
CA MSE D 128 -15.18 17.13 -46.20
C MSE D 128 -13.84 16.56 -46.69
O MSE D 128 -13.07 17.25 -47.36
CB MSE D 128 -15.00 17.76 -44.83
CG MSE D 128 -16.28 18.33 -44.23
SE MSE D 128 -16.75 20.11 -44.88
CE MSE D 128 -17.56 19.68 -46.61
N LEU D 129 -13.59 15.31 -46.34
CA LEU D 129 -12.36 14.62 -46.70
C LEU D 129 -12.70 13.22 -47.15
N PRO D 130 -11.91 12.63 -48.04
CA PRO D 130 -12.20 11.27 -48.51
C PRO D 130 -11.99 10.24 -47.42
N HIS D 131 -12.74 9.15 -47.52
CA HIS D 131 -12.64 8.04 -46.60
C HIS D 131 -11.58 7.05 -47.09
N VAL D 132 -11.30 6.05 -46.27
CA VAL D 132 -10.32 5.03 -46.61
C VAL D 132 -10.76 3.70 -46.02
N VAL D 133 -10.47 2.61 -46.74
CA VAL D 133 -10.79 1.25 -46.32
C VAL D 133 -9.63 0.33 -46.69
N VAL D 134 -9.71 -0.90 -46.21
CA VAL D 134 -8.73 -1.93 -46.55
C VAL D 134 -9.42 -3.06 -47.30
N PRO D 135 -9.09 -3.30 -48.57
CA PRO D 135 -9.58 -4.51 -49.23
C PRO D 135 -9.05 -5.75 -48.53
N ASP D 136 -9.97 -6.62 -48.11
CA ASP D 136 -9.60 -7.79 -47.32
C ASP D 136 -10.01 -9.09 -48.01
N GLY D 137 -9.56 -9.28 -49.24
CA GLY D 137 -9.82 -10.51 -49.95
C GLY D 137 -11.23 -10.57 -50.52
N VAL D 138 -11.40 -11.47 -51.49
CA VAL D 138 -12.67 -11.69 -52.16
C VAL D 138 -13.34 -12.92 -51.57
N ALA D 139 -14.65 -12.83 -51.36
CA ALA D 139 -15.45 -13.95 -50.89
C ALA D 139 -15.69 -14.94 -52.03
N PRO D 140 -16.16 -16.15 -51.72
CA PRO D 140 -16.53 -17.08 -52.81
C PRO D 140 -17.61 -16.54 -53.73
N ASP D 141 -18.44 -15.60 -53.27
CA ASP D 141 -19.50 -15.02 -54.09
C ASP D 141 -18.97 -14.02 -55.11
N GLY D 142 -17.66 -13.81 -55.19
CA GLY D 142 -17.12 -12.72 -55.96
C GLY D 142 -17.23 -11.36 -55.31
N SER D 143 -17.75 -11.30 -54.08
CA SER D 143 -17.88 -10.05 -53.35
C SER D 143 -16.59 -9.73 -52.60
N TRP D 144 -16.25 -8.45 -52.54
CA TRP D 144 -15.03 -8.01 -51.88
C TRP D 144 -15.30 -7.72 -50.41
N GLN D 145 -14.32 -8.03 -49.56
CA GLN D 145 -14.40 -7.78 -48.13
C GLN D 145 -13.64 -6.51 -47.82
N LEU D 146 -14.32 -5.52 -47.24
CA LEU D 146 -13.74 -4.23 -46.92
C LEU D 146 -13.75 -4.05 -45.40
N ILE D 147 -12.61 -3.65 -44.84
CA ILE D 147 -12.47 -3.42 -43.41
C ILE D 147 -12.57 -1.93 -43.14
N GLU D 148 -13.46 -1.55 -42.22
CA GLU D 148 -13.60 -0.17 -41.78
C GLU D 148 -12.77 0.03 -40.52
N GLY D 149 -11.79 0.93 -40.59
CA GLY D 149 -10.85 1.13 -39.50
C GLY D 149 -11.27 2.12 -38.45
N HIS D 150 -12.35 2.85 -38.65
CA HIS D 150 -12.79 3.84 -37.67
C HIS D 150 -13.49 3.14 -36.51
N SER D 151 -13.26 3.67 -35.30
CA SER D 151 -13.79 3.03 -34.10
C SER D 151 -15.32 3.00 -34.08
N TRP D 152 -15.96 4.00 -34.69
CA TRP D 152 -17.42 4.08 -34.65
C TRP D 152 -18.08 3.07 -35.57
N TRP D 153 -17.52 2.87 -36.77
CA TRP D 153 -18.10 1.97 -37.76
C TRP D 153 -17.26 0.70 -37.95
N ARG D 154 -16.50 0.31 -36.93
CA ARG D 154 -15.56 -0.80 -37.06
C ARG D 154 -16.27 -2.08 -37.45
N GLY D 155 -15.60 -2.89 -38.27
CA GLY D 155 -16.13 -4.15 -38.75
C GLY D 155 -15.76 -4.37 -40.19
N ARG D 156 -16.34 -5.41 -40.78
CA ARG D 156 -16.13 -5.75 -42.17
C ARG D 156 -17.43 -5.56 -42.96
N TYR D 157 -17.29 -5.13 -44.21
CA TYR D 157 -18.43 -4.89 -45.07
C TYR D 157 -18.16 -5.45 -46.46
N ALA D 158 -19.15 -6.11 -47.04
CA ALA D 158 -19.03 -6.73 -48.34
C ALA D 158 -19.47 -5.76 -49.43
N MSE D 159 -18.66 -5.66 -50.49
CA MSE D 159 -19.01 -4.82 -51.62
C MSE D 159 -18.89 -5.60 -52.93
O MSE D 159 -17.97 -6.40 -53.09
CB MSE D 159 -18.11 -3.59 -51.68
CG MSE D 159 -18.65 -2.46 -52.55
SE MSE D 159 -17.70 -0.78 -52.34
CE MSE D 159 -18.65 -0.11 -50.77
N SER D 160 -19.83 -5.36 -53.84
CA SER D 160 -19.77 -6.00 -55.15
C SER D 160 -18.60 -5.43 -55.95
N GLU D 161 -18.10 -6.26 -56.87
CA GLU D 161 -16.97 -5.84 -57.70
C GLU D 161 -17.30 -4.59 -58.51
N GLN D 162 -18.53 -4.52 -59.04
CA GLN D 162 -18.94 -3.35 -59.80
C GLN D 162 -19.05 -2.12 -58.91
N ASP D 163 -19.40 -2.30 -57.63
CA ASP D 163 -19.53 -1.16 -56.72
C ASP D 163 -18.18 -0.68 -56.24
N LEU D 164 -17.25 -1.60 -55.98
CA LEU D 164 -15.90 -1.20 -55.59
C LEU D 164 -15.25 -0.39 -56.70
N LEU D 165 -15.46 -0.79 -57.96
CA LEU D 165 -14.88 -0.05 -59.08
C LEU D 165 -15.64 1.25 -59.35
N ALA D 166 -16.94 1.27 -59.07
CA ALA D 166 -17.68 2.53 -59.12
C ALA D 166 -17.12 3.52 -58.11
N ALA D 167 -16.93 3.07 -56.87
CA ALA D 167 -16.15 3.84 -55.92
C ALA D 167 -14.70 3.92 -56.38
N SER D 168 -13.97 4.87 -55.78
CA SER D 168 -12.56 5.10 -56.12
C SER D 168 -12.38 5.48 -57.58
N TYR D 169 -13.48 5.59 -58.32
CA TYR D 169 -13.47 6.17 -59.67
C TYR D 169 -14.76 6.95 -59.88
N PRO D 170 -14.99 7.98 -59.07
CA PRO D 170 -16.25 8.70 -59.14
C PRO D 170 -16.21 9.88 -60.10
N ASP D 171 -17.39 10.19 -60.64
CA ASP D 171 -17.59 11.38 -61.47
C ASP D 171 -18.81 12.10 -60.94
N PRO D 172 -18.67 13.30 -60.36
CA PRO D 172 -17.41 14.07 -60.33
C PRO D 172 -16.44 13.61 -59.23
N ASP D 173 -15.26 14.23 -59.22
CA ASP D 173 -14.16 13.84 -58.33
C ASP D 173 -13.71 15.05 -57.54
N PRO D 174 -14.46 15.44 -56.49
CA PRO D 174 -14.09 16.62 -55.71
C PRO D 174 -12.79 16.44 -54.95
N HIS D 175 -12.69 15.35 -54.18
CA HIS D 175 -11.47 15.08 -53.43
C HIS D 175 -10.30 14.65 -54.32
N HIS D 176 -10.50 14.54 -55.63
CA HIS D 176 -9.49 14.06 -56.56
C HIS D 176 -8.92 12.75 -56.06
N VAL D 177 -9.66 11.66 -56.24
CA VAL D 177 -9.41 10.45 -55.49
C VAL D 177 -9.49 9.23 -56.41
N ALA D 178 -9.69 9.47 -57.70
CA ALA D 178 -9.84 8.39 -58.67
C ALA D 178 -8.59 7.53 -58.71
N GLY D 179 -8.75 6.24 -58.39
CA GLY D 179 -7.65 5.31 -58.50
C GLY D 179 -6.55 5.50 -57.51
N ARG D 180 -6.77 6.30 -56.47
CA ARG D 180 -5.76 6.56 -55.46
C ARG D 180 -5.71 5.43 -54.45
N VAL D 181 -4.50 4.96 -54.15
CA VAL D 181 -4.29 3.89 -53.18
C VAL D 181 -3.05 4.23 -52.35
N LEU D 182 -2.96 3.59 -51.19
CA LEU D 182 -1.81 3.68 -50.30
C LEU D 182 -1.30 2.25 -50.09
N SER D 183 -0.20 1.91 -50.76
CA SER D 183 0.34 0.55 -50.72
C SER D 183 1.28 0.40 -49.53
N LEU D 184 1.12 -0.68 -48.78
CA LEU D 184 1.88 -0.93 -47.56
C LEU D 184 2.67 -2.22 -47.73
N ARG D 185 3.82 -2.12 -48.41
CA ARG D 185 4.76 -3.23 -48.52
C ARG D 185 5.58 -3.25 -47.25
N ILE D 186 5.07 -3.92 -46.21
CA ILE D 186 5.60 -3.75 -44.87
C ILE D 186 5.83 -5.09 -44.15
N ARG D 187 5.99 -6.17 -44.89
CA ARG D 187 6.35 -7.44 -44.25
C ARG D 187 7.82 -7.42 -43.85
N PRO D 188 8.15 -7.47 -42.56
CA PRO D 188 9.55 -7.41 -42.16
C PRO D 188 10.27 -8.73 -42.44
N SER D 189 11.59 -8.64 -42.54
CA SER D 189 12.39 -9.83 -42.76
C SER D 189 12.36 -10.73 -41.52
N ALA D 190 12.89 -11.95 -41.68
CA ALA D 190 12.89 -12.91 -40.59
C ALA D 190 13.66 -12.36 -39.39
N GLU D 191 14.84 -11.80 -39.63
CA GLU D 191 15.62 -11.21 -38.55
C GLU D 191 15.06 -9.85 -38.13
N ARG D 192 14.44 -9.12 -39.06
CA ARG D 192 13.80 -7.86 -38.70
C ARG D 192 12.66 -8.08 -37.72
N ALA D 193 11.95 -9.20 -37.83
CA ALA D 193 10.85 -9.49 -36.92
C ALA D 193 11.34 -9.69 -35.49
N ALA D 194 12.58 -10.14 -35.32
CA ALA D 194 13.15 -10.36 -34.00
C ALA D 194 13.76 -9.10 -33.40
N GLN D 195 13.97 -8.05 -34.20
CA GLN D 195 14.54 -6.80 -33.73
C GLN D 195 13.48 -5.73 -33.50
N LEU D 196 12.20 -6.10 -33.50
CA LEU D 196 11.14 -5.09 -33.48
C LEU D 196 11.07 -4.38 -32.13
N ASP D 197 11.04 -5.15 -31.04
CA ASP D 197 11.00 -4.53 -29.72
C ASP D 197 12.26 -3.74 -29.42
N THR D 198 13.40 -4.17 -29.97
CA THR D 198 14.63 -3.40 -29.82
C THR D 198 14.55 -2.07 -30.56
N LEU D 199 14.02 -2.09 -31.79
CA LEU D 199 13.85 -0.86 -32.54
C LEU D 199 12.79 0.04 -31.91
N ALA D 200 11.74 -0.56 -31.33
CA ALA D 200 10.71 0.24 -30.67
C ALA D 200 11.26 0.97 -29.46
N ARG D 201 12.12 0.30 -28.68
CA ARG D 201 12.74 0.95 -27.54
C ARG D 201 13.63 2.09 -27.98
N GLN D 202 14.37 1.91 -29.06
CA GLN D 202 15.20 2.98 -29.60
C GLN D 202 14.35 4.11 -30.15
N GLU D 203 13.24 3.78 -30.82
CA GLU D 203 12.33 4.81 -31.30
C GLU D 203 11.64 5.52 -30.15
N LEU D 204 11.39 4.80 -29.05
CA LEU D 204 10.74 5.43 -27.90
C LEU D 204 11.61 6.54 -27.31
N ALA D 205 12.91 6.29 -27.19
CA ALA D 205 13.81 7.30 -26.63
C ALA D 205 13.96 8.48 -27.58
N ALA D 206 13.98 8.22 -28.89
CA ALA D 206 14.15 9.30 -29.86
C ALA D 206 12.97 10.25 -29.83
N GLY D 207 11.75 9.72 -29.76
CA GLY D 207 10.58 10.58 -29.70
C GLY D 207 10.52 11.38 -28.41
N LEU D 208 10.90 10.78 -27.29
CA LEU D 208 10.90 11.49 -26.03
C LEU D 208 11.95 12.59 -26.01
N ARG D 209 13.11 12.33 -26.62
CA ARG D 209 14.15 13.36 -26.70
C ARG D 209 13.71 14.52 -27.58
N THR D 210 13.11 14.22 -28.74
CA THR D 210 12.55 15.27 -29.58
C THR D 210 11.44 16.02 -28.84
N TYR D 211 10.63 15.30 -28.08
CA TYR D 211 9.58 15.93 -27.28
C TYR D 211 10.17 16.93 -26.30
N LEU D 212 11.22 16.53 -25.57
CA LEU D 212 11.81 17.42 -24.58
C LEU D 212 12.71 18.48 -25.19
N ALA D 213 13.09 18.35 -26.46
CA ALA D 213 13.83 19.43 -27.11
C ALA D 213 12.95 20.66 -27.30
N ALA D 214 11.64 20.45 -27.51
CA ALA D 214 10.65 21.53 -27.58
C ALA D 214 10.99 22.54 -28.68
N GLU D 215 11.25 22.03 -29.88
CA GLU D 215 11.55 22.88 -31.01
C GLU D 215 10.30 23.55 -31.54
N CYS D 216 10.48 24.72 -32.14
CA CYS D 216 9.41 25.45 -32.80
C CYS D 216 9.69 25.54 -34.29
N GLY D 217 8.73 26.10 -35.03
CA GLY D 217 8.89 26.19 -36.47
C GLY D 217 7.87 27.13 -37.07
N GLU D 218 8.10 27.46 -38.34
CA GLU D 218 7.26 28.38 -39.08
C GLU D 218 7.49 28.17 -40.57
N THR D 219 6.43 28.36 -41.35
CA THR D 219 6.49 28.18 -42.79
C THR D 219 5.42 29.04 -43.45
N GLU D 220 5.80 29.72 -44.54
CA GLU D 220 4.87 30.50 -45.34
C GLU D 220 4.45 29.67 -46.55
N THR D 221 3.15 29.43 -46.67
CA THR D 221 2.57 28.62 -47.74
C THR D 221 1.41 29.39 -48.36
N PRO D 222 1.00 29.01 -49.58
CA PRO D 222 -0.22 29.59 -50.16
C PRO D 222 -1.47 29.36 -49.32
N ALA D 223 -1.44 28.43 -48.36
CA ALA D 223 -2.55 28.20 -47.46
C ALA D 223 -2.44 28.99 -46.17
N GLY D 224 -1.40 29.81 -46.03
CA GLY D 224 -1.18 30.61 -44.85
C GLY D 224 0.14 30.30 -44.18
N ARG D 225 0.40 31.00 -43.09
CA ARG D 225 1.58 30.74 -42.27
C ARG D 225 1.28 29.58 -41.33
N ILE D 226 2.11 28.54 -41.37
CA ILE D 226 1.94 27.36 -40.54
C ILE D 226 2.96 27.43 -39.41
N VAL D 227 2.48 27.61 -38.19
CA VAL D 227 3.33 27.62 -37.01
C VAL D 227 3.13 26.31 -36.25
N TRP D 228 4.19 25.83 -35.62
CA TRP D 228 4.10 24.62 -34.82
C TRP D 228 5.06 24.70 -33.66
N ALA D 229 4.65 24.10 -32.53
CA ALA D 229 5.46 24.08 -31.32
C ALA D 229 5.41 22.69 -30.70
N ASN D 230 6.56 22.12 -30.43
CA ASN D 230 6.67 20.78 -29.89
C ASN D 230 6.83 20.80 -28.37
N GLY D 231 6.57 19.65 -27.76
CA GLY D 231 6.98 19.40 -26.40
C GLY D 231 5.99 19.83 -25.33
N PRO D 232 6.49 20.01 -24.11
CA PRO D 232 5.61 20.31 -22.97
C PRO D 232 4.88 21.64 -23.10
N GLN D 233 5.41 22.58 -23.89
CA GLN D 233 4.77 23.87 -24.06
C GLN D 233 3.58 23.82 -25.02
N SER D 234 3.41 22.73 -25.76
CA SER D 234 2.44 22.70 -26.84
C SER D 234 1.01 22.88 -26.34
N VAL D 235 0.61 22.06 -25.37
CA VAL D 235 -0.75 22.09 -24.85
C VAL D 235 -1.03 23.39 -24.10
N PRO D 236 -0.13 23.89 -23.24
CA PRO D 236 -0.36 25.23 -22.66
C PRO D 236 -0.51 26.32 -23.71
N LEU D 237 0.30 26.29 -24.77
CA LEU D 237 0.14 27.25 -25.86
C LEU D 237 -1.16 27.01 -26.62
N LEU D 238 -1.54 25.74 -26.78
CA LEU D 238 -2.80 25.43 -27.46
C LEU D 238 -3.99 26.01 -26.71
N VAL D 239 -3.98 25.91 -25.38
CA VAL D 239 -5.09 26.42 -24.58
C VAL D 239 -5.18 27.94 -24.68
N GLU D 240 -4.03 28.63 -24.62
CA GLU D 240 -4.02 30.08 -24.77
C GLU D 240 -4.61 30.49 -26.11
N ARG D 241 -4.22 29.81 -27.18
CA ARG D 241 -4.76 30.15 -28.50
C ARG D 241 -6.26 29.89 -28.58
N LEU D 242 -6.72 28.79 -27.99
CA LEU D 242 -8.13 28.41 -28.09
C LEU D 242 -9.05 29.33 -27.28
N ARG D 243 -8.50 30.09 -26.33
CA ARG D 243 -9.32 31.02 -25.57
C ARG D 243 -9.90 32.12 -26.45
N GLY D 244 -9.26 32.43 -27.58
CA GLY D 244 -9.78 33.43 -28.49
C GLY D 244 -11.06 33.04 -29.18
N TRP D 245 -11.51 31.79 -29.05
CA TRP D 245 -12.73 31.33 -29.66
C TRP D 245 -13.90 31.28 -28.67
N ASP D 246 -13.76 31.93 -27.51
CA ASP D 246 -14.85 31.94 -26.54
C ASP D 246 -16.06 32.71 -27.05
N TYR D 247 -15.90 33.52 -28.09
CA TYR D 247 -17.03 34.23 -28.68
C TYR D 247 -18.07 33.28 -29.25
N LEU D 248 -17.69 32.02 -29.53
CA LEU D 248 -18.65 31.05 -30.04
C LEU D 248 -19.74 30.75 -29.03
N CYS D 249 -19.43 30.86 -27.73
CA CYS D 249 -20.42 30.48 -26.72
C CYS D 249 -21.62 31.41 -26.69
N PRO D 250 -21.47 32.74 -26.57
CA PRO D 250 -22.66 33.59 -26.66
C PRO D 250 -23.30 33.56 -28.04
N LEU D 251 -22.50 33.30 -29.08
CA LEU D 251 -23.03 33.27 -30.44
C LEU D 251 -23.88 32.02 -30.67
N ALA D 252 -23.34 30.85 -30.31
CA ALA D 252 -24.09 29.61 -30.50
C ALA D 252 -25.31 29.53 -29.60
N ALA D 253 -25.26 30.18 -28.43
CA ALA D 253 -26.42 30.22 -27.54
C ALA D 253 -27.57 31.01 -28.12
N ARG D 254 -27.30 31.94 -29.03
CA ARG D 254 -28.34 32.77 -29.60
C ARG D 254 -29.23 31.94 -30.53
N ASN D 255 -30.53 32.22 -30.49
CA ASN D 255 -31.49 31.54 -31.35
C ASN D 255 -31.81 32.33 -32.62
N ASP D 256 -31.53 33.63 -32.64
CA ASP D 256 -31.74 34.47 -33.81
C ASP D 256 -30.36 34.70 -34.45
N LEU D 257 -30.01 33.86 -35.42
CA LEU D 257 -28.70 33.87 -36.04
C LEU D 257 -28.84 34.06 -37.55
N SER D 258 -27.99 34.92 -38.11
CA SER D 258 -27.94 35.07 -39.56
C SER D 258 -27.34 33.82 -40.20
N THR D 259 -27.36 33.79 -41.53
CA THR D 259 -26.77 32.68 -42.25
C THR D 259 -25.26 32.72 -42.26
N GLU D 260 -24.65 33.87 -41.98
CA GLU D 260 -23.20 33.96 -41.87
C GLU D 260 -22.73 34.00 -40.42
N HIS D 261 -23.58 34.46 -39.49
CA HIS D 261 -23.32 34.20 -38.08
C HIS D 261 -23.32 32.70 -37.81
N ALA D 262 -24.27 31.97 -38.42
CA ALA D 262 -24.30 30.52 -38.27
C ALA D 262 -23.12 29.86 -38.96
N ARG D 263 -22.57 30.49 -40.01
CA ARG D 263 -21.36 29.97 -40.62
C ARG D 263 -20.18 30.07 -39.66
N ASP D 264 -20.07 31.19 -38.95
CA ASP D 264 -19.00 31.34 -37.96
C ASP D 264 -19.13 30.30 -36.86
N VAL D 265 -20.36 29.99 -36.43
CA VAL D 265 -20.57 28.97 -35.42
C VAL D 265 -20.22 27.60 -35.97
N ALA D 266 -20.72 27.28 -37.16
CA ALA D 266 -20.44 25.98 -37.76
C ALA D 266 -18.96 25.80 -38.02
N LEU D 267 -18.27 26.87 -38.44
CA LEU D 267 -16.83 26.79 -38.64
C LEU D 267 -16.10 26.63 -37.31
N GLY D 268 -16.55 27.35 -36.28
CA GLY D 268 -15.93 27.21 -34.97
C GLY D 268 -16.19 25.85 -34.35
N ARG D 269 -17.40 25.32 -34.53
CA ARG D 269 -17.71 24.00 -34.00
C ARG D 269 -16.91 22.92 -34.73
N TYR D 270 -16.73 23.08 -36.04
CA TYR D 270 -15.90 22.13 -36.78
C TYR D 270 -14.46 22.15 -36.29
N LEU D 271 -13.98 23.33 -35.89
CA LEU D 271 -12.62 23.42 -35.34
C LEU D 271 -12.49 22.56 -34.08
N PHE D 272 -13.52 22.53 -33.24
CA PHE D 272 -13.46 21.75 -32.01
C PHE D 272 -13.79 20.28 -32.24
N LEU D 273 -14.41 19.94 -33.37
CA LEU D 273 -14.57 18.54 -33.71
C LEU D 273 -13.24 17.94 -34.16
N ALA D 274 -12.49 18.66 -34.99
CA ALA D 274 -11.18 18.20 -35.40
C ALA D 274 -10.24 18.07 -34.20
N LEU D 275 -10.37 18.98 -33.23
CA LEU D 275 -9.57 18.86 -32.02
C LEU D 275 -9.96 17.63 -31.20
N THR D 276 -11.26 17.36 -31.10
CA THR D 276 -11.73 16.21 -30.32
C THR D 276 -11.18 14.90 -30.87
N ASP D 277 -11.19 14.76 -32.20
CA ASP D 277 -10.63 13.55 -32.82
C ASP D 277 -9.14 13.42 -32.55
N GLU D 278 -8.43 14.54 -32.42
CA GLU D 278 -7.00 14.49 -32.16
C GLU D 278 -6.69 14.20 -30.70
N LEU D 279 -7.58 14.59 -29.78
CA LEU D 279 -7.42 14.18 -28.39
C LEU D 279 -7.77 12.70 -28.20
N ALA D 280 -8.69 12.19 -29.01
CA ALA D 280 -8.99 10.76 -28.98
C ALA D 280 -7.80 9.93 -29.47
N PHE D 281 -7.10 10.43 -30.48
CA PHE D 281 -5.89 9.73 -30.95
C PHE D 281 -4.79 9.80 -29.90
N ALA D 282 -4.67 10.94 -29.22
CA ALA D 282 -3.66 11.07 -28.17
C ALA D 282 -3.90 10.04 -27.08
N ALA D 283 -5.16 9.83 -26.70
CA ALA D 283 -5.48 8.77 -25.74
C ALA D 283 -5.15 7.40 -26.31
N TYR D 284 -5.43 7.20 -27.59
CA TYR D 284 -5.11 5.93 -28.23
C TYR D 284 -3.60 5.72 -28.32
N ALA D 285 -2.85 6.79 -28.57
CA ALA D 285 -1.40 6.68 -28.71
C ALA D 285 -0.73 6.46 -27.36
N ARG D 286 -1.11 7.25 -26.35
CA ARG D 286 -0.51 7.11 -25.04
C ARG D 286 -0.79 5.74 -24.42
N ALA D 287 -1.97 5.18 -24.69
CA ALA D 287 -2.26 3.83 -24.23
C ALA D 287 -1.36 2.80 -24.93
N GLY D 288 -1.03 3.03 -26.19
CA GLY D 288 -0.08 2.17 -26.87
C GLY D 288 1.32 2.28 -26.27
N THR D 289 1.71 3.48 -25.87
CA THR D 289 3.00 3.66 -25.21
C THR D 289 3.03 2.91 -23.88
N LEU D 290 1.93 2.97 -23.11
CA LEU D 290 1.89 2.28 -21.83
C LEU D 290 1.95 0.77 -21.99
N ARG D 291 1.36 0.24 -23.07
CA ARG D 291 1.48 -1.19 -23.34
C ARG D 291 2.89 -1.54 -23.80
N LEU D 292 3.56 -0.63 -24.51
CA LEU D 292 4.94 -0.87 -24.91
C LEU D 292 5.88 -0.80 -23.71
N VAL D 293 5.65 0.15 -22.80
CA VAL D 293 6.48 0.27 -21.61
C VAL D 293 6.33 -0.97 -20.74
N GLU D 294 5.11 -1.50 -20.64
CA GLU D 294 4.89 -2.71 -19.86
C GLU D 294 5.61 -3.90 -20.46
N GLY D 295 5.43 -4.13 -21.77
CA GLY D 295 6.11 -5.22 -22.44
C GLY D 295 7.62 -5.14 -22.38
N LEU D 296 8.16 -3.93 -22.19
CA LEU D 296 9.59 -3.74 -21.99
C LEU D 296 10.01 -3.94 -20.53
N GLY D 297 9.04 -4.13 -19.63
CA GLY D 297 9.36 -4.34 -18.23
C GLY D 297 9.76 -3.09 -17.48
N LEU D 298 9.29 -1.92 -17.91
CA LEU D 298 9.67 -0.65 -17.31
C LEU D 298 8.52 0.02 -16.57
N ALA D 299 7.35 -0.62 -16.47
CA ALA D 299 6.20 0.02 -15.84
C ALA D 299 6.43 0.27 -14.36
N GLY D 300 7.08 -0.67 -13.68
CA GLY D 300 7.29 -0.51 -12.25
C GLY D 300 8.23 0.64 -11.91
N ALA D 301 9.32 0.78 -12.66
CA ALA D 301 10.27 1.84 -12.39
C ALA D 301 9.70 3.22 -12.73
N VAL D 302 8.86 3.30 -13.76
CA VAL D 302 8.34 4.59 -14.20
C VAL D 302 7.27 5.10 -13.23
N GLY D 303 6.39 4.24 -12.77
CA GLY D 303 5.35 4.60 -11.83
C GLY D 303 3.96 4.31 -12.38
N GLY D 304 2.96 4.81 -11.66
CA GLY D 304 1.58 4.54 -12.01
C GLY D 304 0.86 5.72 -12.62
N LEU D 305 1.60 6.64 -13.26
CA LEU D 305 0.96 7.74 -13.95
C LEU D 305 0.21 7.24 -15.18
N ARG D 306 -0.95 7.85 -15.44
CA ARG D 306 -1.84 7.44 -16.52
C ARG D 306 -2.02 8.60 -17.49
N PRO D 307 -1.05 8.84 -18.38
CA PRO D 307 -1.26 9.87 -19.41
C PRO D 307 -2.35 9.48 -20.41
N ASP D 308 -2.57 8.18 -20.64
CA ASP D 308 -3.65 7.76 -21.52
C ASP D 308 -5.02 8.08 -20.93
N GLU D 309 -5.14 8.06 -19.60
CA GLU D 309 -6.42 8.35 -18.96
C GLU D 309 -6.70 9.84 -18.91
N ALA D 310 -5.67 10.67 -18.77
CA ALA D 310 -5.88 12.12 -18.80
C ALA D 310 -6.33 12.57 -20.18
N TRP D 311 -5.74 12.00 -21.24
CA TRP D 311 -6.15 12.36 -22.59
C TRP D 311 -7.52 11.81 -22.94
N ARG D 312 -7.93 10.72 -22.30
CA ARG D 312 -9.28 10.22 -22.49
C ARG D 312 -10.30 11.18 -21.88
N LEU D 313 -9.99 11.74 -20.70
CA LEU D 313 -10.88 12.72 -20.11
C LEU D 313 -10.90 14.01 -20.91
N ALA D 314 -9.75 14.40 -21.48
CA ALA D 314 -9.72 15.55 -22.38
C ALA D 314 -10.53 15.28 -23.63
N TRP D 315 -10.54 14.03 -24.11
CA TRP D 315 -11.34 13.69 -25.27
C TRP D 315 -12.83 13.75 -24.96
N ARG D 316 -13.23 13.22 -23.80
CA ARG D 316 -14.63 13.27 -23.40
C ARG D 316 -15.12 14.70 -23.26
N SER D 317 -14.30 15.56 -22.64
CA SER D 317 -14.71 16.94 -22.42
C SER D 317 -14.74 17.74 -23.72
N GLY D 318 -13.93 17.36 -24.71
CA GLY D 318 -14.06 17.96 -26.02
C GLY D 318 -15.30 17.51 -26.75
N GLN D 319 -15.70 16.24 -26.55
CA GLN D 319 -16.97 15.76 -27.07
C GLN D 319 -18.14 16.55 -26.48
N LYS D 320 -18.12 16.72 -25.15
CA LYS D 320 -19.19 17.47 -24.49
C LYS D 320 -19.25 18.90 -24.98
N LEU D 321 -18.10 19.49 -25.27
CA LEU D 321 -18.08 20.85 -25.81
C LEU D 321 -18.66 20.90 -27.21
N TYR D 322 -18.37 19.88 -28.03
CA TYR D 322 -18.88 19.85 -29.40
C TYR D 322 -20.40 19.78 -29.43
N ARG D 323 -20.99 18.98 -28.52
CA ARG D 323 -22.44 18.84 -28.50
C ARG D 323 -23.13 20.07 -27.92
N ARG D 324 -22.43 20.82 -27.07
CA ARG D 324 -23.03 21.98 -26.42
C ARG D 324 -21.94 23.04 -26.24
N LEU D 325 -21.88 23.99 -27.16
CA LEU D 325 -20.88 25.05 -27.16
C LEU D 325 -21.28 26.14 -26.17
N ASP D 326 -20.77 26.06 -24.94
CA ASP D 326 -20.94 27.15 -23.98
C ASP D 326 -19.68 27.24 -23.11
N ARG D 327 -19.65 28.27 -22.27
CA ARG D 327 -18.40 28.65 -21.60
C ARG D 327 -17.97 27.59 -20.57
N GLN D 328 -18.92 26.97 -19.88
CA GLN D 328 -18.57 25.97 -18.87
C GLN D 328 -17.93 24.75 -19.53
N ASN D 329 -18.48 24.31 -20.67
CA ASN D 329 -17.89 23.18 -21.38
C ASN D 329 -16.54 23.56 -21.97
N LEU D 330 -16.43 24.77 -22.53
CA LEU D 330 -15.14 25.24 -23.03
C LEU D 330 -14.11 25.31 -21.93
N SER D 331 -14.52 25.79 -20.75
CA SER D 331 -13.58 25.88 -19.63
C SER D 331 -13.25 24.50 -19.07
N ALA D 332 -14.19 23.55 -19.15
CA ALA D 332 -13.89 22.20 -18.70
C ALA D 332 -12.88 21.51 -19.60
N LEU D 333 -12.92 21.80 -20.91
CA LEU D 333 -11.93 21.26 -21.83
C LEU D 333 -10.54 21.79 -21.51
N PHE D 334 -10.43 23.08 -21.20
CA PHE D 334 -9.13 23.67 -20.90
C PHE D 334 -8.49 23.01 -19.68
N SER D 335 -9.27 22.80 -18.62
CA SER D 335 -8.74 22.17 -17.42
C SER D 335 -8.32 20.73 -17.69
N ALA D 336 -9.11 20.00 -18.49
CA ALA D 336 -8.74 18.64 -18.84
C ALA D 336 -7.48 18.60 -19.69
N LEU D 337 -7.28 19.60 -20.54
CA LEU D 337 -6.06 19.65 -21.35
C LEU D 337 -4.85 20.02 -20.50
N GLU D 338 -5.02 20.96 -19.57
CA GLU D 338 -3.92 21.34 -18.70
C GLU D 338 -3.50 20.17 -17.82
N LYS D 339 -4.46 19.39 -17.34
CA LYS D 339 -4.14 18.20 -16.56
C LYS D 339 -3.40 17.18 -17.42
N ALA D 340 -3.83 17.01 -18.66
CA ALA D 340 -3.17 16.05 -19.55
C ALA D 340 -1.74 16.47 -19.84
N ALA D 341 -1.49 17.78 -19.98
CA ALA D 341 -0.13 18.25 -20.20
C ALA D 341 0.74 18.03 -18.97
N GLU D 342 0.15 18.17 -17.77
CA GLU D 342 0.89 17.92 -16.54
C GLU D 342 1.38 16.48 -16.49
N VAL D 343 0.48 15.51 -16.69
CA VAL D 343 0.86 14.11 -16.63
C VAL D 343 1.80 13.75 -17.77
N ASP D 344 1.66 14.44 -18.92
CA ASP D 344 2.48 14.12 -20.08
C ASP D 344 3.96 14.36 -19.80
N VAL D 345 4.30 15.55 -19.30
CA VAL D 345 5.71 15.91 -19.14
C VAL D 345 6.35 15.14 -17.99
N GLU D 346 5.59 14.84 -16.94
CA GLU D 346 6.16 14.09 -15.82
C GLU D 346 6.39 12.63 -16.21
N TYR D 347 5.48 12.06 -16.98
CA TYR D 347 5.68 10.69 -17.47
C TYR D 347 6.84 10.62 -18.46
N ALA D 348 6.97 11.63 -19.33
CA ALA D 348 8.02 11.61 -20.34
C ALA D 348 9.41 11.69 -19.70
N ARG D 349 9.55 12.54 -18.67
CA ARG D 349 10.86 12.69 -18.03
C ARG D 349 11.24 11.43 -17.25
N ARG D 350 10.25 10.79 -16.61
CA ARG D 350 10.54 9.55 -15.90
C ARG D 350 10.91 8.44 -16.87
N LEU D 351 10.15 8.30 -17.96
CA LEU D 351 10.40 7.22 -18.91
C LEU D 351 11.74 7.38 -19.61
N LEU D 352 12.10 8.62 -19.96
CA LEU D 352 13.40 8.86 -20.59
C LEU D 352 14.55 8.54 -19.64
N LYS D 353 14.38 8.85 -18.35
CA LYS D 353 15.41 8.54 -17.38
C LYS D 353 15.61 7.03 -17.24
N GLU D 354 14.51 6.26 -17.35
CA GLU D 354 14.61 4.82 -17.20
C GLU D 354 15.23 4.18 -18.43
N LEU D 355 14.99 4.73 -19.62
CA LEU D 355 15.63 4.22 -20.84
C LEU D 355 17.10 4.59 -20.92
N LYS D 356 17.60 5.41 -19.99
CA LYS D 356 18.98 5.91 -20.01
C LYS D 356 19.26 6.68 -21.29
#